data_6NLA
# 
_entry.id   6NLA 
# 
_audit_conform.dict_name       mmcif_pdbx.dic 
_audit_conform.dict_version    5.380 
_audit_conform.dict_location   http://mmcif.pdb.org/dictionaries/ascii/mmcif_pdbx.dic 
# 
loop_
_database_2.database_id 
_database_2.database_code 
_database_2.pdbx_database_accession 
_database_2.pdbx_DOI 
PDB   6NLA         pdb_00006nla 10.2210/pdb6nla/pdb 
WWPDB D_1000237583 ?            ?                   
# 
_pdbx_database_status.status_code                     REL 
_pdbx_database_status.status_code_sf                  REL 
_pdbx_database_status.status_code_mr                  ? 
_pdbx_database_status.entry_id                        6NLA 
_pdbx_database_status.recvd_initial_deposition_date   2019-01-08 
_pdbx_database_status.SG_entry                        N 
_pdbx_database_status.deposit_site                    RCSB 
_pdbx_database_status.process_site                    RCSB 
_pdbx_database_status.status_code_cs                  ? 
_pdbx_database_status.methods_development_category    ? 
_pdbx_database_status.pdb_format_compatible           Y 
_pdbx_database_status.status_code_nmr_data            ? 
# 
loop_
_audit_author.name 
_audit_author.pdbx_ordinal 
_audit_author.identifier_ORCID 
'Maniaci, B.' 1 0000-0001-5686-8456 
'Stec, B.'    2 0000-0002-8696-0349 
'Huxford, T.' 3 0000-0002-1939-7373 
# 
_citation.abstract                  ? 
_citation.abstract_id_CAS           ? 
_citation.book_id_ISBN              ? 
_citation.book_publisher            ? 
_citation.book_publisher_city       ? 
_citation.book_title                ? 
_citation.coordinate_linkage        ? 
_citation.country                   US 
_citation.database_id_Medline       ? 
_citation.details                   ? 
_citation.id                        primary 
_citation.journal_abbrev            Biochemistry 
_citation.journal_id_ASTM           BICHAW 
_citation.journal_id_CSD            0033 
_citation.journal_id_ISSN           0006-2960 
_citation.journal_full              ? 
_citation.journal_issue             ? 
_citation.journal_volume            58 
_citation.language                  ? 
_citation.page_first                2199 
_citation.page_last                 2207 
_citation.title                     'Design of High-Affinity Metal-Controlled Protein Dimers.' 
_citation.year                      2019 
_citation.database_id_CSD           ? 
_citation.pdbx_database_id_DOI      10.1021/acs.biochem.9b00055 
_citation.pdbx_database_id_PubMed   30938154 
_citation.unpublished_flag          ? 
# 
loop_
_citation_author.citation_id 
_citation_author.name 
_citation_author.ordinal 
_citation_author.identifier_ORCID 
primary 'Maniaci, B.'    1 0000-0001-5686-8456 
primary 'Lipper, C.H.'   2 ?                   
primary 'Anipindi, D.L.' 3 ?                   
primary 'Erlandsen, H.'  4 ?                   
primary 'Cole, J.L.'     5 0000-0002-9028-8364 
primary 'Stec, B.'       6 ?                   
primary 'Huxford, T.'    7 ?                   
primary 'Love, J.J.'     8 0000-0001-7220-0923 
# 
_cell.angle_alpha                  90.00 
_cell.angle_alpha_esd              ? 
_cell.angle_beta                   90.00 
_cell.angle_beta_esd               ? 
_cell.angle_gamma                  90.00 
_cell.angle_gamma_esd              ? 
_cell.entry_id                     6NLA 
_cell.details                      ? 
_cell.formula_units_Z              ? 
_cell.length_a                     63.155 
_cell.length_a_esd                 ? 
_cell.length_b                     63.155 
_cell.length_b_esd                 ? 
_cell.length_c                     39.610 
_cell.length_c_esd                 ? 
_cell.volume                       ? 
_cell.volume_esd                   ? 
_cell.Z_PDB                        8 
_cell.reciprocal_angle_alpha       ? 
_cell.reciprocal_angle_beta        ? 
_cell.reciprocal_angle_gamma       ? 
_cell.reciprocal_angle_alpha_esd   ? 
_cell.reciprocal_angle_beta_esd    ? 
_cell.reciprocal_angle_gamma_esd   ? 
_cell.reciprocal_length_a          ? 
_cell.reciprocal_length_b          ? 
_cell.reciprocal_length_c          ? 
_cell.reciprocal_length_a_esd      ? 
_cell.reciprocal_length_b_esd      ? 
_cell.reciprocal_length_c_esd      ? 
_cell.pdbx_unique_axis             ? 
# 
_symmetry.entry_id                         6NLA 
_symmetry.cell_setting                     ? 
_symmetry.Int_Tables_number                80 
_symmetry.space_group_name_Hall            ? 
_symmetry.space_group_name_H-M             'I 41' 
_symmetry.pdbx_full_space_group_name_H-M   ? 
# 
loop_
_entity.id 
_entity.type 
_entity.src_method 
_entity.pdbx_description 
_entity.formula_weight 
_entity.pdbx_number_of_molecules 
_entity.pdbx_ec 
_entity.pdbx_mutation 
_entity.pdbx_fragment 
_entity.details 
1 polymer     man 'Immunoglobulin G-binding protein G' 6233.942 1   ? 'L12H, E15V, T16L, T18I, V29H, Y33H, N37L' ? ? 
2 non-polymer syn 'ZINC ION'                           65.409   2   ? ?                                          ? ? 
3 non-polymer syn 'CHLORIDE ION'                       35.453   3   ? ?                                          ? ? 
4 non-polymer nat GLYCEROL                             92.094   1   ? ?                                          ? ? 
5 non-polymer nat 'SODIUM ION'                         22.990   2   ? ?                                          ? ? 
6 water       nat water                                18.015   113 ? ?                                          ? ? 
# 
_entity_name_com.entity_id   1 
_entity_name_com.name        'IgG-binding protein G' 
# 
_entity_poly.entity_id                      1 
_entity_poly.type                           'polypeptide(L)' 
_entity_poly.nstd_linkage                   no 
_entity_poly.nstd_monomer                   no 
_entity_poly.pdbx_seq_one_letter_code       MTYKLILNGKTHKGVLTIEAVDAATAEKHFKQHANDLGVDGEWTYDDATKTFTVTE 
_entity_poly.pdbx_seq_one_letter_code_can   MTYKLILNGKTHKGVLTIEAVDAATAEKHFKQHANDLGVDGEWTYDDATKTFTVTE 
_entity_poly.pdbx_strand_id                 A 
_entity_poly.pdbx_target_identifier         ? 
# 
loop_
_entity_poly_seq.entity_id 
_entity_poly_seq.num 
_entity_poly_seq.mon_id 
_entity_poly_seq.hetero 
1 1  MET n 
1 2  THR n 
1 3  TYR n 
1 4  LYS n 
1 5  LEU n 
1 6  ILE n 
1 7  LEU n 
1 8  ASN n 
1 9  GLY n 
1 10 LYS n 
1 11 THR n 
1 12 HIS n 
1 13 LYS n 
1 14 GLY n 
1 15 VAL n 
1 16 LEU n 
1 17 THR n 
1 18 ILE n 
1 19 GLU n 
1 20 ALA n 
1 21 VAL n 
1 22 ASP n 
1 23 ALA n 
1 24 ALA n 
1 25 THR n 
1 26 ALA n 
1 27 GLU n 
1 28 LYS n 
1 29 HIS n 
1 30 PHE n 
1 31 LYS n 
1 32 GLN n 
1 33 HIS n 
1 34 ALA n 
1 35 ASN n 
1 36 ASP n 
1 37 LEU n 
1 38 GLY n 
1 39 VAL n 
1 40 ASP n 
1 41 GLY n 
1 42 GLU n 
1 43 TRP n 
1 44 THR n 
1 45 TYR n 
1 46 ASP n 
1 47 ASP n 
1 48 ALA n 
1 49 THR n 
1 50 LYS n 
1 51 THR n 
1 52 PHE n 
1 53 THR n 
1 54 VAL n 
1 55 THR n 
1 56 GLU n 
# 
_entity_src_gen.entity_id                          1 
_entity_src_gen.pdbx_src_id                        1 
_entity_src_gen.pdbx_alt_source_flag               sample 
_entity_src_gen.pdbx_seq_type                      'Biological sequence' 
_entity_src_gen.pdbx_beg_seq_num                   1 
_entity_src_gen.pdbx_end_seq_num                   56 
_entity_src_gen.gene_src_common_name               ? 
_entity_src_gen.gene_src_genus                     ? 
_entity_src_gen.pdbx_gene_src_gene                 spg 
_entity_src_gen.gene_src_species                   ? 
_entity_src_gen.gene_src_strain                    ? 
_entity_src_gen.gene_src_tissue                    ? 
_entity_src_gen.gene_src_tissue_fraction           ? 
_entity_src_gen.gene_src_details                   ? 
_entity_src_gen.pdbx_gene_src_fragment             ? 
_entity_src_gen.pdbx_gene_src_scientific_name      Streptococcus 
_entity_src_gen.pdbx_gene_src_ncbi_taxonomy_id     1301 
_entity_src_gen.pdbx_gene_src_variant              ? 
_entity_src_gen.pdbx_gene_src_cell_line            ? 
_entity_src_gen.pdbx_gene_src_atcc                 ? 
_entity_src_gen.pdbx_gene_src_organ                ? 
_entity_src_gen.pdbx_gene_src_organelle            ? 
_entity_src_gen.pdbx_gene_src_cell                 ? 
_entity_src_gen.pdbx_gene_src_cellular_location    ? 
_entity_src_gen.host_org_common_name               ? 
_entity_src_gen.pdbx_host_org_scientific_name      'Escherichia coli BL21(DE3)' 
_entity_src_gen.pdbx_host_org_ncbi_taxonomy_id     469008 
_entity_src_gen.host_org_genus                     ? 
_entity_src_gen.pdbx_host_org_gene                 ? 
_entity_src_gen.pdbx_host_org_organ                ? 
_entity_src_gen.host_org_species                   ? 
_entity_src_gen.pdbx_host_org_tissue               ? 
_entity_src_gen.pdbx_host_org_tissue_fraction      ? 
_entity_src_gen.pdbx_host_org_strain               'BL21(DE3)' 
_entity_src_gen.pdbx_host_org_variant              ? 
_entity_src_gen.pdbx_host_org_cell_line            ? 
_entity_src_gen.pdbx_host_org_atcc                 ? 
_entity_src_gen.pdbx_host_org_culture_collection   ? 
_entity_src_gen.pdbx_host_org_cell                 ? 
_entity_src_gen.pdbx_host_org_organelle            ? 
_entity_src_gen.pdbx_host_org_cellular_location    ? 
_entity_src_gen.pdbx_host_org_vector_type          ? 
_entity_src_gen.pdbx_host_org_vector               ? 
_entity_src_gen.host_org_details                   'T7 expression' 
_entity_src_gen.expression_system_id               ? 
_entity_src_gen.plasmid_name                       pET21a 
_entity_src_gen.plasmid_details                    ? 
_entity_src_gen.pdbx_description                   ? 
# 
_struct_ref.id                         1 
_struct_ref.db_name                    UNP 
_struct_ref.db_code                    SPG2_STRSG 
_struct_ref.pdbx_db_accession          P19909 
_struct_ref.pdbx_db_isoform            ? 
_struct_ref.entity_id                  1 
_struct_ref.pdbx_seq_one_letter_code   TYKLILNGKTLKGETTTEAVDAATAEKVFKQYANDNGVDGEWTYDDATKTFTVTE 
_struct_ref.pdbx_align_begin           303 
# 
_struct_ref_seq.align_id                      1 
_struct_ref_seq.ref_id                        1 
_struct_ref_seq.pdbx_PDB_id_code              6NLA 
_struct_ref_seq.pdbx_strand_id                A 
_struct_ref_seq.seq_align_beg                 2 
_struct_ref_seq.pdbx_seq_align_beg_ins_code   ? 
_struct_ref_seq.seq_align_end                 56 
_struct_ref_seq.pdbx_seq_align_end_ins_code   ? 
_struct_ref_seq.pdbx_db_accession             P19909 
_struct_ref_seq.db_align_beg                  303 
_struct_ref_seq.pdbx_db_align_beg_ins_code    ? 
_struct_ref_seq.db_align_end                  357 
_struct_ref_seq.pdbx_db_align_end_ins_code    ? 
_struct_ref_seq.pdbx_auth_seq_align_beg       2 
_struct_ref_seq.pdbx_auth_seq_align_end       56 
# 
loop_
_struct_ref_seq_dif.align_id 
_struct_ref_seq_dif.pdbx_pdb_id_code 
_struct_ref_seq_dif.mon_id 
_struct_ref_seq_dif.pdbx_pdb_strand_id 
_struct_ref_seq_dif.seq_num 
_struct_ref_seq_dif.pdbx_pdb_ins_code 
_struct_ref_seq_dif.pdbx_seq_db_name 
_struct_ref_seq_dif.pdbx_seq_db_accession_code 
_struct_ref_seq_dif.db_mon_id 
_struct_ref_seq_dif.pdbx_seq_db_seq_num 
_struct_ref_seq_dif.details 
_struct_ref_seq_dif.pdbx_auth_seq_num 
_struct_ref_seq_dif.pdbx_ordinal 
1 6NLA MET A 1  ? UNP P19909 ?   ?   'initiating methionine' 1  1 
1 6NLA HIS A 12 ? UNP P19909 LEU 313 'engineered mutation'   12 2 
1 6NLA VAL A 15 ? UNP P19909 GLU 316 'engineered mutation'   15 3 
1 6NLA LEU A 16 ? UNP P19909 THR 317 'engineered mutation'   16 4 
1 6NLA ILE A 18 ? UNP P19909 THR 319 'engineered mutation'   18 5 
1 6NLA HIS A 29 ? UNP P19909 VAL 330 'engineered mutation'   29 6 
1 6NLA HIS A 33 ? UNP P19909 TYR 334 'engineered mutation'   33 7 
1 6NLA LEU A 37 ? UNP P19909 ASN 338 'engineered mutation'   37 8 
# 
loop_
_chem_comp.id 
_chem_comp.type 
_chem_comp.mon_nstd_flag 
_chem_comp.name 
_chem_comp.pdbx_synonyms 
_chem_comp.formula 
_chem_comp.formula_weight 
ALA 'L-peptide linking' y ALANINE         ?                               'C3 H7 N O2'     89.093  
ASN 'L-peptide linking' y ASPARAGINE      ?                               'C4 H8 N2 O3'    132.118 
ASP 'L-peptide linking' y 'ASPARTIC ACID' ?                               'C4 H7 N O4'     133.103 
CL  non-polymer         . 'CHLORIDE ION'  ?                               'Cl -1'          35.453  
GLN 'L-peptide linking' y GLUTAMINE       ?                               'C5 H10 N2 O3'   146.144 
GLU 'L-peptide linking' y 'GLUTAMIC ACID' ?                               'C5 H9 N O4'     147.129 
GLY 'peptide linking'   y GLYCINE         ?                               'C2 H5 N O2'     75.067  
GOL non-polymer         . GLYCEROL        'GLYCERIN; PROPANE-1,2,3-TRIOL' 'C3 H8 O3'       92.094  
HIS 'L-peptide linking' y HISTIDINE       ?                               'C6 H10 N3 O2 1' 156.162 
HOH non-polymer         . WATER           ?                               'H2 O'           18.015  
ILE 'L-peptide linking' y ISOLEUCINE      ?                               'C6 H13 N O2'    131.173 
LEU 'L-peptide linking' y LEUCINE         ?                               'C6 H13 N O2'    131.173 
LYS 'L-peptide linking' y LYSINE          ?                               'C6 H15 N2 O2 1' 147.195 
MET 'L-peptide linking' y METHIONINE      ?                               'C5 H11 N O2 S'  149.211 
NA  non-polymer         . 'SODIUM ION'    ?                               'Na 1'           22.990  
PHE 'L-peptide linking' y PHENYLALANINE   ?                               'C9 H11 N O2'    165.189 
THR 'L-peptide linking' y THREONINE       ?                               'C4 H9 N O3'     119.119 
TRP 'L-peptide linking' y TRYPTOPHAN      ?                               'C11 H12 N2 O2'  204.225 
TYR 'L-peptide linking' y TYROSINE        ?                               'C9 H11 N O3'    181.189 
VAL 'L-peptide linking' y VALINE          ?                               'C5 H11 N O2'    117.146 
ZN  non-polymer         . 'ZINC ION'      ?                               'Zn 2'           65.409  
# 
_exptl.absorpt_coefficient_mu     ? 
_exptl.absorpt_correction_T_max   ? 
_exptl.absorpt_correction_T_min   ? 
_exptl.absorpt_correction_type    ? 
_exptl.absorpt_process_details    ? 
_exptl.entry_id                   6NLA 
_exptl.crystals_number            1 
_exptl.details                    ? 
_exptl.method                     'X-RAY DIFFRACTION' 
_exptl.method_details             ? 
# 
_exptl_crystal.colour                      ? 
_exptl_crystal.density_diffrn              ? 
_exptl_crystal.density_Matthews            3.17 
_exptl_crystal.density_method              ? 
_exptl_crystal.density_percent_sol         61.17 
_exptl_crystal.description                 ? 
_exptl_crystal.F_000                       ? 
_exptl_crystal.id                          1 
_exptl_crystal.preparation                 ? 
_exptl_crystal.size_max                    ? 
_exptl_crystal.size_mid                    ? 
_exptl_crystal.size_min                    ? 
_exptl_crystal.size_rad                    ? 
_exptl_crystal.colour_lustre               ? 
_exptl_crystal.colour_modifier             ? 
_exptl_crystal.colour_primary              ? 
_exptl_crystal.density_meas                ? 
_exptl_crystal.density_meas_esd            ? 
_exptl_crystal.density_meas_gt             ? 
_exptl_crystal.density_meas_lt             ? 
_exptl_crystal.density_meas_temp           ? 
_exptl_crystal.density_meas_temp_esd       ? 
_exptl_crystal.density_meas_temp_gt        ? 
_exptl_crystal.density_meas_temp_lt        ? 
_exptl_crystal.pdbx_crystal_image_url      ? 
_exptl_crystal.pdbx_crystal_image_format   ? 
_exptl_crystal.pdbx_mosaicity              ? 
_exptl_crystal.pdbx_mosaicity_esd          ? 
# 
_exptl_crystal_grow.apparatus       ? 
_exptl_crystal_grow.atmosphere      ? 
_exptl_crystal_grow.crystal_id      1 
_exptl_crystal_grow.details         ? 
_exptl_crystal_grow.method          'VAPOR DIFFUSION, HANGING DROP' 
_exptl_crystal_grow.method_ref      ? 
_exptl_crystal_grow.pH              ? 
_exptl_crystal_grow.pressure        ? 
_exptl_crystal_grow.pressure_esd    ? 
_exptl_crystal_grow.seeding         ? 
_exptl_crystal_grow.seeding_ref     ? 
_exptl_crystal_grow.temp            298 
_exptl_crystal_grow.temp_details    ? 
_exptl_crystal_grow.temp_esd        ? 
_exptl_crystal_grow.time            ? 
_exptl_crystal_grow.pdbx_details    
;4M NaCl 0.1M HEPES pH 7.5 
50mM MgCl2, 5mM zinc sulfate
;
_exptl_crystal_grow.pdbx_pH_range   7.3-7.6 
# 
_diffrn.ambient_environment              ? 
_diffrn.ambient_temp                     100 
_diffrn.ambient_temp_details             ? 
_diffrn.ambient_temp_esd                 ? 
_diffrn.crystal_id                       1 
_diffrn.crystal_support                  ? 
_diffrn.crystal_treatment                ? 
_diffrn.details                          ? 
_diffrn.id                               1 
_diffrn.ambient_pressure                 ? 
_diffrn.ambient_pressure_esd             ? 
_diffrn.ambient_pressure_gt              ? 
_diffrn.ambient_pressure_lt              ? 
_diffrn.ambient_temp_gt                  ? 
_diffrn.ambient_temp_lt                  ? 
_diffrn.pdbx_serial_crystal_experiment   N 
# 
_diffrn_detector.details                      ? 
_diffrn_detector.detector                     CCD 
_diffrn_detector.diffrn_id                    1 
_diffrn_detector.type                         'ADSC QUANTUM 315r' 
_diffrn_detector.area_resol_mean              ? 
_diffrn_detector.dtime                        ? 
_diffrn_detector.pdbx_frames_total            ? 
_diffrn_detector.pdbx_collection_time_total   ? 
_diffrn_detector.pdbx_collection_date         2016-12-17 
_diffrn_detector.pdbx_frequency               ? 
# 
_diffrn_radiation.collimation                      ? 
_diffrn_radiation.diffrn_id                        1 
_diffrn_radiation.filter_edge                      ? 
_diffrn_radiation.inhomogeneity                    ? 
_diffrn_radiation.monochromator                    ? 
_diffrn_radiation.polarisn_norm                    ? 
_diffrn_radiation.polarisn_ratio                   ? 
_diffrn_radiation.probe                            ? 
_diffrn_radiation.type                             ? 
_diffrn_radiation.xray_symbol                      ? 
_diffrn_radiation.wavelength_id                    1 
_diffrn_radiation.pdbx_monochromatic_or_laue_m_l   M 
_diffrn_radiation.pdbx_wavelength_list             ? 
_diffrn_radiation.pdbx_wavelength                  ? 
_diffrn_radiation.pdbx_diffrn_protocol             'SINGLE WAVELENGTH' 
_diffrn_radiation.pdbx_analyzer                    ? 
_diffrn_radiation.pdbx_scattering_type             x-ray 
# 
_diffrn_radiation_wavelength.id           1 
_diffrn_radiation_wavelength.wavelength   1.0083 
_diffrn_radiation_wavelength.wt           1.0 
# 
_diffrn_source.current                     ? 
_diffrn_source.details                     ? 
_diffrn_source.diffrn_id                   1 
_diffrn_source.power                       ? 
_diffrn_source.size                        ? 
_diffrn_source.source                      SYNCHROTRON 
_diffrn_source.target                      ? 
_diffrn_source.type                        'ALS BEAMLINE 5.0.1' 
_diffrn_source.voltage                     ? 
_diffrn_source.take-off_angle              ? 
_diffrn_source.pdbx_wavelength_list        1.0083 
_diffrn_source.pdbx_wavelength             ? 
_diffrn_source.pdbx_synchrotron_beamline   5.0.1 
_diffrn_source.pdbx_synchrotron_site       ALS 
# 
_reflns.B_iso_Wilson_estimate            ? 
_reflns.entry_id                         6NLA 
_reflns.data_reduction_details           ? 
_reflns.data_reduction_method            ? 
_reflns.d_resolution_high                1.34 
_reflns.d_resolution_low                 31.58 
_reflns.details                          ? 
_reflns.limit_h_max                      ? 
_reflns.limit_h_min                      ? 
_reflns.limit_k_max                      ? 
_reflns.limit_k_min                      ? 
_reflns.limit_l_max                      ? 
_reflns.limit_l_min                      ? 
_reflns.number_all                       ? 
_reflns.number_obs                       16453 
_reflns.observed_criterion               ? 
_reflns.observed_criterion_F_max         ? 
_reflns.observed_criterion_F_min         ? 
_reflns.observed_criterion_I_max         ? 
_reflns.observed_criterion_I_min         ? 
_reflns.observed_criterion_sigma_F       ? 
_reflns.observed_criterion_sigma_I       ? 
_reflns.percent_possible_obs             97.95 
_reflns.R_free_details                   ? 
_reflns.Rmerge_F_all                     ? 
_reflns.Rmerge_F_obs                     ? 
_reflns.Friedel_coverage                 ? 
_reflns.number_gt                        ? 
_reflns.threshold_expression             ? 
_reflns.pdbx_redundancy                  9.9 
_reflns.pdbx_Rmerge_I_obs                0.1 
_reflns.pdbx_Rmerge_I_all                ? 
_reflns.pdbx_Rsym_value                  ? 
_reflns.pdbx_netI_over_av_sigmaI         ? 
_reflns.pdbx_netI_over_sigmaI            7.8 
_reflns.pdbx_res_netI_over_av_sigmaI_2   ? 
_reflns.pdbx_res_netI_over_sigmaI_2      ? 
_reflns.pdbx_chi_squared                 ? 
_reflns.pdbx_scaling_rejects             ? 
_reflns.pdbx_d_res_high_opt              ? 
_reflns.pdbx_d_res_low_opt               ? 
_reflns.pdbx_d_res_opt_method            ? 
_reflns.phase_calculation_details        ? 
_reflns.pdbx_Rrim_I_all                  ? 
_reflns.pdbx_Rpim_I_all                  ? 
_reflns.pdbx_d_opt                       ? 
_reflns.pdbx_number_measured_all         ? 
_reflns.pdbx_diffrn_id                   1 
_reflns.pdbx_ordinal                     1 
_reflns.pdbx_CC_half                     ? 
_reflns.pdbx_R_split                     ? 
_reflns.pdbx_CC_star                     ? 
# 
_reflns_shell.d_res_high                  1.34 
_reflns_shell.d_res_low                   1.374 
_reflns_shell.meanI_over_sigI_all         ? 
_reflns_shell.meanI_over_sigI_obs         ? 
_reflns_shell.number_measured_all         ? 
_reflns_shell.number_measured_obs         ? 
_reflns_shell.number_possible             ? 
_reflns_shell.number_unique_all           ? 
_reflns_shell.number_unique_obs           1038 
_reflns_shell.percent_possible_all        83.64 
_reflns_shell.percent_possible_obs        ? 
_reflns_shell.Rmerge_F_all                ? 
_reflns_shell.Rmerge_F_obs                ? 
_reflns_shell.Rmerge_I_all                ? 
_reflns_shell.Rmerge_I_obs                ? 
_reflns_shell.meanI_over_sigI_gt          ? 
_reflns_shell.meanI_over_uI_all           ? 
_reflns_shell.meanI_over_uI_gt            ? 
_reflns_shell.number_measured_gt          ? 
_reflns_shell.number_unique_gt            ? 
_reflns_shell.percent_possible_gt         ? 
_reflns_shell.Rmerge_F_gt                 ? 
_reflns_shell.Rmerge_I_gt                 ? 
_reflns_shell.pdbx_redundancy             ? 
_reflns_shell.pdbx_Rsym_value             ? 
_reflns_shell.pdbx_chi_squared            ? 
_reflns_shell.pdbx_netI_over_sigmaI_all   ? 
_reflns_shell.pdbx_netI_over_sigmaI_obs   ? 
_reflns_shell.pdbx_Rrim_I_all             ? 
_reflns_shell.pdbx_Rpim_I_all             ? 
_reflns_shell.pdbx_rejects                ? 
_reflns_shell.pdbx_ordinal                1 
_reflns_shell.pdbx_diffrn_id              1 
_reflns_shell.pdbx_CC_half                ? 
_reflns_shell.pdbx_R_split                ? 
_reflns_shell.pdbx_CC_star                ? 
# 
_refine.aniso_B[1][1]                            0.08 
_refine.aniso_B[1][2]                            0.00 
_refine.aniso_B[1][3]                            0.00 
_refine.aniso_B[2][2]                            0.08 
_refine.aniso_B[2][3]                            0.00 
_refine.aniso_B[3][3]                            -0.16 
_refine.B_iso_max                                ? 
_refine.B_iso_mean                               25.219 
_refine.B_iso_min                                ? 
_refine.correlation_coeff_Fo_to_Fc               0.986 
_refine.correlation_coeff_Fo_to_Fc_free          0.979 
_refine.details                                  'HYDROGENS HAVE BEEN ADDED IN THE RIDING POSITIONS' 
_refine.diff_density_max                         ? 
_refine.diff_density_max_esd                     ? 
_refine.diff_density_min                         ? 
_refine.diff_density_min_esd                     ? 
_refine.diff_density_rms                         ? 
_refine.diff_density_rms_esd                     ? 
_refine.entry_id                                 6NLA 
_refine.pdbx_refine_id                           'X-RAY DIFFRACTION' 
_refine.ls_abs_structure_details                 ? 
_refine.ls_abs_structure_Flack                   ? 
_refine.ls_abs_structure_Flack_esd               ? 
_refine.ls_abs_structure_Rogers                  ? 
_refine.ls_abs_structure_Rogers_esd              ? 
_refine.ls_d_res_high                            1.34 
_refine.ls_d_res_low                             31.58 
_refine.ls_extinction_coef                       ? 
_refine.ls_extinction_coef_esd                   ? 
_refine.ls_extinction_expression                 ? 
_refine.ls_extinction_method                     ? 
_refine.ls_goodness_of_fit_all                   ? 
_refine.ls_goodness_of_fit_all_esd               ? 
_refine.ls_goodness_of_fit_obs                   ? 
_refine.ls_goodness_of_fit_obs_esd               ? 
_refine.ls_hydrogen_treatment                    ? 
_refine.ls_matrix_type                           ? 
_refine.ls_number_constraints                    ? 
_refine.ls_number_parameters                     ? 
_refine.ls_number_reflns_all                     ? 
_refine.ls_number_reflns_obs                     16453 
_refine.ls_number_reflns_R_free                  849 
_refine.ls_number_reflns_R_work                  ? 
_refine.ls_number_restraints                     ? 
_refine.ls_percent_reflns_obs                    97.95 
_refine.ls_percent_reflns_R_free                 4.9 
_refine.ls_R_factor_all                          ? 
_refine.ls_R_factor_obs                          0.10425 
_refine.ls_R_factor_R_free                       0.12786 
_refine.ls_R_factor_R_free_error                 ? 
_refine.ls_R_factor_R_free_error_details         ? 
_refine.ls_R_factor_R_work                       0.10425 
_refine.ls_R_Fsqd_factor_obs                     ? 
_refine.ls_R_I_factor_obs                        ? 
_refine.ls_redundancy_reflns_all                 ? 
_refine.ls_redundancy_reflns_obs                 ? 
_refine.ls_restrained_S_all                      ? 
_refine.ls_restrained_S_obs                      ? 
_refine.ls_shift_over_esd_max                    ? 
_refine.ls_shift_over_esd_mean                   ? 
_refine.ls_structure_factor_coef                 ? 
_refine.ls_weighting_details                     ? 
_refine.ls_weighting_scheme                      ? 
_refine.ls_wR_factor_all                         ? 
_refine.ls_wR_factor_obs                         ? 
_refine.ls_wR_factor_R_free                      ? 
_refine.ls_wR_factor_R_work                      ? 
_refine.occupancy_max                            ? 
_refine.occupancy_min                            ? 
_refine.solvent_model_details                    ? 
_refine.solvent_model_param_bsol                 ? 
_refine.solvent_model_param_ksol                 ? 
_refine.ls_R_factor_gt                           ? 
_refine.ls_goodness_of_fit_gt                    ? 
_refine.ls_goodness_of_fit_ref                   ? 
_refine.ls_shift_over_su_max                     ? 
_refine.ls_shift_over_su_max_lt                  ? 
_refine.ls_shift_over_su_mean                    ? 
_refine.ls_shift_over_su_mean_lt                 ? 
_refine.pdbx_ls_sigma_I                          ? 
_refine.pdbx_ls_sigma_F                          ? 
_refine.pdbx_ls_sigma_Fsqd                       ? 
_refine.pdbx_data_cutoff_high_absF               ? 
_refine.pdbx_data_cutoff_high_rms_absF           ? 
_refine.pdbx_data_cutoff_low_absF                ? 
_refine.pdbx_isotropic_thermal_model             ? 
_refine.pdbx_ls_cross_valid_method               THROUGHOUT 
_refine.pdbx_method_to_determine_struct          'MOLECULAR REPLACEMENT' 
_refine.pdbx_starting_model                      1PGA 
_refine.pdbx_stereochemistry_target_values       ? 
_refine.pdbx_R_Free_selection_details            RANDOM 
_refine.pdbx_stereochem_target_val_spec_case     ? 
_refine.pdbx_overall_ESU_R                       0.033 
_refine.pdbx_overall_ESU_R_Free                  0.034 
_refine.pdbx_solvent_vdw_probe_radii             1.20 
_refine.pdbx_solvent_ion_probe_radii             0.80 
_refine.pdbx_solvent_shrinkage_radii             0.80 
_refine.pdbx_real_space_R                        ? 
_refine.pdbx_density_correlation                 ? 
_refine.pdbx_pd_number_of_powder_patterns        ? 
_refine.pdbx_pd_number_of_points                 ? 
_refine.pdbx_pd_meas_number_of_points            ? 
_refine.pdbx_pd_proc_ls_prof_R_factor            ? 
_refine.pdbx_pd_proc_ls_prof_wR_factor           ? 
_refine.pdbx_pd_Marquardt_correlation_coeff      ? 
_refine.pdbx_pd_Fsqrd_R_factor                   ? 
_refine.pdbx_pd_ls_matrix_band_width             ? 
_refine.pdbx_overall_phase_error                 ? 
_refine.pdbx_overall_SU_R_free_Cruickshank_DPI   ? 
_refine.pdbx_overall_SU_R_free_Blow_DPI          ? 
_refine.pdbx_overall_SU_R_Blow_DPI               ? 
_refine.pdbx_TLS_residual_ADP_flag               ? 
_refine.pdbx_diffrn_id                           1 
_refine.overall_SU_B                             0.943 
_refine.overall_SU_ML                            0.018 
_refine.overall_SU_R_Cruickshank_DPI             ? 
_refine.overall_SU_R_free                        ? 
_refine.overall_FOM_free_R_set                   ? 
_refine.overall_FOM_work_R_set                   ? 
_refine.pdbx_average_fsc_overall                 ? 
_refine.pdbx_average_fsc_work                    ? 
_refine.pdbx_average_fsc_free                    ? 
# 
_refine_hist.pdbx_refine_id                   'X-RAY DIFFRACTION' 
_refine_hist.cycle_id                         1 
_refine_hist.pdbx_number_atoms_protein        439 
_refine_hist.pdbx_number_atoms_nucleic_acid   0 
_refine_hist.pdbx_number_atoms_ligand         13 
_refine_hist.number_atoms_solvent             113 
_refine_hist.number_atoms_total               565 
_refine_hist.d_res_high                       1.34 
_refine_hist.d_res_low                        31.58 
# 
loop_
_refine_ls_restr.pdbx_refine_id 
_refine_ls_restr.criterion 
_refine_ls_restr.dev_ideal 
_refine_ls_restr.dev_ideal_target 
_refine_ls_restr.number 
_refine_ls_restr.rejects 
_refine_ls_restr.type 
_refine_ls_restr.weight 
_refine_ls_restr.pdbx_restraint_function 
'X-RAY DIFFRACTION' ? 0.020  0.013  500  ? r_bond_refined_d             ? ? 
'X-RAY DIFFRACTION' ? 0.002  0.017  466  ? r_bond_other_d               ? ? 
'X-RAY DIFFRACTION' ? 2.137  1.660  686  ? r_angle_refined_deg          ? ? 
'X-RAY DIFFRACTION' ? 1.533  1.596  1096 ? r_angle_other_deg            ? ? 
'X-RAY DIFFRACTION' ? 4.926  5.000  69   ? r_dihedral_angle_1_deg       ? ? 
'X-RAY DIFFRACTION' ? 35.078 26.522 23   ? r_dihedral_angle_2_deg       ? ? 
'X-RAY DIFFRACTION' ? 15.017 15.000 93   ? r_dihedral_angle_3_deg       ? ? 
'X-RAY DIFFRACTION' ? ?      ?      ?    ? r_dihedral_angle_4_deg       ? ? 
'X-RAY DIFFRACTION' ? 0.114  0.200  71   ? r_chiral_restr               ? ? 
'X-RAY DIFFRACTION' ? 0.012  0.020  567  ? r_gen_planes_refined         ? ? 
'X-RAY DIFFRACTION' ? 0.001  0.020  93   ? r_gen_planes_other           ? ? 
'X-RAY DIFFRACTION' ? ?      ?      ?    ? r_nbd_refined                ? ? 
'X-RAY DIFFRACTION' ? ?      ?      ?    ? r_nbd_other                  ? ? 
'X-RAY DIFFRACTION' ? ?      ?      ?    ? r_nbtor_refined              ? ? 
'X-RAY DIFFRACTION' ? ?      ?      ?    ? r_nbtor_other                ? ? 
'X-RAY DIFFRACTION' ? ?      ?      ?    ? r_xyhbond_nbd_refined        ? ? 
'X-RAY DIFFRACTION' ? ?      ?      ?    ? r_xyhbond_nbd_other          ? ? 
'X-RAY DIFFRACTION' ? ?      ?      ?    ? r_metal_ion_refined          ? ? 
'X-RAY DIFFRACTION' ? ?      ?      ?    ? r_metal_ion_other            ? ? 
'X-RAY DIFFRACTION' ? ?      ?      ?    ? r_symmetry_vdw_refined       ? ? 
'X-RAY DIFFRACTION' ? ?      ?      ?    ? r_symmetry_vdw_other         ? ? 
'X-RAY DIFFRACTION' ? ?      ?      ?    ? r_symmetry_hbond_refined     ? ? 
'X-RAY DIFFRACTION' ? ?      ?      ?    ? r_symmetry_hbond_other       ? ? 
'X-RAY DIFFRACTION' ? ?      ?      ?    ? r_symmetry_metal_ion_refined ? ? 
'X-RAY DIFFRACTION' ? ?      ?      ?    ? r_symmetry_metal_ion_other   ? ? 
'X-RAY DIFFRACTION' ? 2.410  2.131  240  ? r_mcbond_it                  ? ? 
'X-RAY DIFFRACTION' ? 2.415  2.118  239  ? r_mcbond_other               ? ? 
'X-RAY DIFFRACTION' ? 3.023  3.195  303  ? r_mcangle_it                 ? ? 
'X-RAY DIFFRACTION' ? 3.018  3.203  304  ? r_mcangle_other              ? ? 
'X-RAY DIFFRACTION' ? 4.866  2.559  260  ? r_scbond_it                  ? ? 
'X-RAY DIFFRACTION' ? 4.857  2.566  261  ? r_scbond_other               ? ? 
'X-RAY DIFFRACTION' ? ?      ?      ?    ? r_scangle_it                 ? ? 
'X-RAY DIFFRACTION' ? 4.973  3.657  378  ? r_scangle_other              ? ? 
'X-RAY DIFFRACTION' ? 6.355  30.901 620  ? r_long_range_B_refined       ? ? 
'X-RAY DIFFRACTION' ? 5.644  28.697 588  ? r_long_range_B_other         ? ? 
'X-RAY DIFFRACTION' ? 4.951  3.000  966  ? r_rigid_bond_restr           ? ? 
'X-RAY DIFFRACTION' ? ?      ?      ?    ? r_sphericity_free            ? ? 
'X-RAY DIFFRACTION' ? ?      ?      ?    ? r_sphericity_bonded          ? ? 
# 
_refine_ls_shell.pdbx_refine_id                   'X-RAY DIFFRACTION' 
_refine_ls_shell.d_res_high                       1.339 
_refine_ls_shell.d_res_low                        1.374 
_refine_ls_shell.number_reflns_all                ? 
_refine_ls_shell.number_reflns_obs                ? 
_refine_ls_shell.number_reflns_R_free             61 
_refine_ls_shell.number_reflns_R_work             1038 
_refine_ls_shell.percent_reflns_obs               83.64 
_refine_ls_shell.percent_reflns_R_free            ? 
_refine_ls_shell.R_factor_all                     ? 
_refine_ls_shell.R_factor_obs                     ? 
_refine_ls_shell.R_factor_R_free                  0.164 
_refine_ls_shell.R_factor_R_free_error            ? 
_refine_ls_shell.R_factor_R_work                  0.113 
_refine_ls_shell.redundancy_reflns_all            ? 
_refine_ls_shell.redundancy_reflns_obs            ? 
_refine_ls_shell.wR_factor_all                    ? 
_refine_ls_shell.wR_factor_obs                    ? 
_refine_ls_shell.wR_factor_R_free                 ? 
_refine_ls_shell.wR_factor_R_work                 ? 
_refine_ls_shell.pdbx_total_number_of_bins_used   20 
_refine_ls_shell.pdbx_phase_error                 ? 
_refine_ls_shell.pdbx_fsc_work                    ? 
_refine_ls_shell.pdbx_fsc_free                    ? 
# 
_struct.entry_id                     6NLA 
_struct.title                        
;Crystal structure of de novo designed metal-controlled dimer of B1 immunoglobulin-binding domain of Streptococcal Protein G (L12H, E15V, T16L, T18I, V29H, Y33H, N37L)-zinc
;
_struct.pdbx_model_details           ? 
_struct.pdbx_formula_weight          ? 
_struct.pdbx_formula_weight_method   ? 
_struct.pdbx_model_type_details      ? 
_struct.pdbx_CASP_flag               N 
# 
_struct_keywords.entry_id        6NLA 
_struct_keywords.text            
'Metal-mediated dimer, B1 Domain of Streptococcal protein G, Immunoglobulin binding protein, DE NOVO PROTEIN' 
_struct_keywords.pdbx_keywords   'DE NOVO PROTEIN' 
# 
loop_
_struct_asym.id 
_struct_asym.pdbx_blank_PDB_chainid_flag 
_struct_asym.pdbx_modified 
_struct_asym.entity_id 
_struct_asym.details 
A N N 1 ? 
B N N 2 ? 
C N N 2 ? 
D N N 3 ? 
E N N 3 ? 
F N N 4 ? 
G N N 3 ? 
H N N 5 ? 
I N N 5 ? 
J N N 6 ? 
# 
loop_
_struct_conf.conf_type_id 
_struct_conf.id 
_struct_conf.pdbx_PDB_helix_id 
_struct_conf.beg_label_comp_id 
_struct_conf.beg_label_asym_id 
_struct_conf.beg_label_seq_id 
_struct_conf.pdbx_beg_PDB_ins_code 
_struct_conf.end_label_comp_id 
_struct_conf.end_label_asym_id 
_struct_conf.end_label_seq_id 
_struct_conf.pdbx_end_PDB_ins_code 
_struct_conf.beg_auth_comp_id 
_struct_conf.beg_auth_asym_id 
_struct_conf.beg_auth_seq_id 
_struct_conf.end_auth_comp_id 
_struct_conf.end_auth_asym_id 
_struct_conf.end_auth_seq_id 
_struct_conf.pdbx_PDB_helix_class 
_struct_conf.details 
_struct_conf.pdbx_PDB_helix_length 
HELX_P HELX_P1 AA1 ASP A 22 ? LEU A 37 ? ASP A 22 LEU A 37 1 ? 16 
HELX_P HELX_P2 AA2 ASP A 47 ? THR A 49 ? ASP A 47 THR A 49 5 ? 3  
# 
_struct_conf_type.id          HELX_P 
_struct_conf_type.criteria    ? 
_struct_conf_type.reference   ? 
# 
loop_
_struct_conn.id 
_struct_conn.conn_type_id 
_struct_conn.pdbx_leaving_atom_flag 
_struct_conn.pdbx_PDB_id 
_struct_conn.ptnr1_label_asym_id 
_struct_conn.ptnr1_label_comp_id 
_struct_conn.ptnr1_label_seq_id 
_struct_conn.ptnr1_label_atom_id 
_struct_conn.pdbx_ptnr1_label_alt_id 
_struct_conn.pdbx_ptnr1_PDB_ins_code 
_struct_conn.pdbx_ptnr1_standard_comp_id 
_struct_conn.ptnr1_symmetry 
_struct_conn.ptnr2_label_asym_id 
_struct_conn.ptnr2_label_comp_id 
_struct_conn.ptnr2_label_seq_id 
_struct_conn.ptnr2_label_atom_id 
_struct_conn.pdbx_ptnr2_label_alt_id 
_struct_conn.pdbx_ptnr2_PDB_ins_code 
_struct_conn.ptnr1_auth_asym_id 
_struct_conn.ptnr1_auth_comp_id 
_struct_conn.ptnr1_auth_seq_id 
_struct_conn.ptnr2_auth_asym_id 
_struct_conn.ptnr2_auth_comp_id 
_struct_conn.ptnr2_auth_seq_id 
_struct_conn.ptnr2_symmetry 
_struct_conn.pdbx_ptnr3_label_atom_id 
_struct_conn.pdbx_ptnr3_label_seq_id 
_struct_conn.pdbx_ptnr3_label_comp_id 
_struct_conn.pdbx_ptnr3_label_asym_id 
_struct_conn.pdbx_ptnr3_label_alt_id 
_struct_conn.pdbx_ptnr3_PDB_ins_code 
_struct_conn.details 
_struct_conn.pdbx_dist_value 
_struct_conn.pdbx_value_order 
_struct_conn.pdbx_role 
metalc1  metalc ? ? A MET 1  N   ? ? ? 1_555 B ZN  . ZN ? ? A MET 1   A ZN  101 1_555 ? ? ? ? ? ? ? 2.045 ? ? 
metalc2  metalc ? ? A HIS 12 ND1 ? ? ? 1_555 C ZN  . ZN ? ? A HIS 12  A ZN  102 6_555 ? ? ? ? ? ? ? 2.006 ? ? 
metalc3  metalc ? ? A GLU 19 OE2 ? ? ? 1_555 B ZN  . ZN ? ? A GLU 19  A ZN  101 1_555 ? ? ? ? ? ? ? 1.972 ? ? 
metalc4  metalc ? ? A GLU 27 OE2 ? ? ? 1_555 B ZN  . ZN ? ? A GLU 27  A ZN  101 4_554 ? ? ? ? ? ? ? 1.961 ? ? 
metalc5  metalc ? ? A HIS 29 NE2 ? ? ? 1_555 C ZN  . ZN ? ? A HIS 29  A ZN  102 1_555 ? ? ? ? ? ? ? 2.000 ? ? 
metalc6  metalc ? ? A HIS 33 NE2 ? ? ? 1_555 C ZN  . ZN ? ? A HIS 33  A ZN  102 1_555 ? ? ? ? ? ? ? 1.749 ? ? 
metalc7  metalc ? ? A TYR 45 OH  ? ? ? 1_555 I NA  . NA ? ? A TYR 45  A NA  108 1_555 ? ? ? ? ? ? ? 2.592 ? ? 
metalc8  metalc ? ? A ASP 47 OD1 ? ? ? 1_555 I NA  . NA ? ? A ASP 47  A NA  108 1_555 ? ? ? ? ? ? ? 2.160 ? ? 
metalc9  metalc ? ? F GOL .  O1  ? ? ? 1_555 H NA  . NA ? ? A GOL 105 A NA  107 1_555 ? ? ? ? ? ? ? 2.045 ? ? 
metalc10 metalc ? ? H NA  .  NA  ? ? ? 1_555 J HOH . O  ? ? A NA  107 A HOH 213 1_555 ? ? ? ? ? ? ? 3.006 ? ? 
metalc11 metalc ? ? H NA  .  NA  ? ? ? 1_555 J HOH . O  ? ? A NA  107 A HOH 217 1_555 ? ? ? ? ? ? ? 2.556 ? ? 
metalc12 metalc ? ? I NA  .  NA  ? ? ? 1_555 J HOH . O  ? ? A NA  108 A HOH 222 1_555 ? ? ? ? ? ? ? 2.598 ? ? 
metalc13 metalc ? ? I NA  .  NA  ? ? ? 1_555 J HOH . O  ? ? A NA  108 A HOH 287 1_555 ? ? ? ? ? ? ? 3.063 ? ? 
# 
_struct_conn_type.id          metalc 
_struct_conn_type.criteria    ? 
_struct_conn_type.reference   ? 
# 
_struct_sheet.id               AA1 
_struct_sheet.type             ? 
_struct_sheet.number_strands   4 
_struct_sheet.details          ? 
# 
loop_
_struct_sheet_order.sheet_id 
_struct_sheet_order.range_id_1 
_struct_sheet_order.range_id_2 
_struct_sheet_order.offset 
_struct_sheet_order.sense 
AA1 1 2 ? anti-parallel 
AA1 2 3 ? parallel      
AA1 3 4 ? anti-parallel 
# 
loop_
_struct_sheet_range.sheet_id 
_struct_sheet_range.id 
_struct_sheet_range.beg_label_comp_id 
_struct_sheet_range.beg_label_asym_id 
_struct_sheet_range.beg_label_seq_id 
_struct_sheet_range.pdbx_beg_PDB_ins_code 
_struct_sheet_range.end_label_comp_id 
_struct_sheet_range.end_label_asym_id 
_struct_sheet_range.end_label_seq_id 
_struct_sheet_range.pdbx_end_PDB_ins_code 
_struct_sheet_range.beg_auth_comp_id 
_struct_sheet_range.beg_auth_asym_id 
_struct_sheet_range.beg_auth_seq_id 
_struct_sheet_range.end_auth_comp_id 
_struct_sheet_range.end_auth_asym_id 
_struct_sheet_range.end_auth_seq_id 
AA1 1 LYS A 13 ? GLU A 19 ? LYS A 13 GLU A 19 
AA1 2 THR A 2  ? ASN A 8  ? THR A 2  ASN A 8  
AA1 3 THR A 51 ? THR A 55 ? THR A 51 THR A 55 
AA1 4 GLU A 42 ? ASP A 46 ? GLU A 42 ASP A 46 
# 
loop_
_pdbx_struct_sheet_hbond.sheet_id 
_pdbx_struct_sheet_hbond.range_id_1 
_pdbx_struct_sheet_hbond.range_id_2 
_pdbx_struct_sheet_hbond.range_1_label_atom_id 
_pdbx_struct_sheet_hbond.range_1_label_comp_id 
_pdbx_struct_sheet_hbond.range_1_label_asym_id 
_pdbx_struct_sheet_hbond.range_1_label_seq_id 
_pdbx_struct_sheet_hbond.range_1_PDB_ins_code 
_pdbx_struct_sheet_hbond.range_1_auth_atom_id 
_pdbx_struct_sheet_hbond.range_1_auth_comp_id 
_pdbx_struct_sheet_hbond.range_1_auth_asym_id 
_pdbx_struct_sheet_hbond.range_1_auth_seq_id 
_pdbx_struct_sheet_hbond.range_2_label_atom_id 
_pdbx_struct_sheet_hbond.range_2_label_comp_id 
_pdbx_struct_sheet_hbond.range_2_label_asym_id 
_pdbx_struct_sheet_hbond.range_2_label_seq_id 
_pdbx_struct_sheet_hbond.range_2_PDB_ins_code 
_pdbx_struct_sheet_hbond.range_2_auth_atom_id 
_pdbx_struct_sheet_hbond.range_2_auth_comp_id 
_pdbx_struct_sheet_hbond.range_2_auth_asym_id 
_pdbx_struct_sheet_hbond.range_2_auth_seq_id 
AA1 1 2 O GLY A 14 ? O GLY A 14 N LEU A 7  ? N LEU A 7  
AA1 2 3 N LYS A 4  ? N LYS A 4  O PHE A 52 ? O PHE A 52 
AA1 3 4 O THR A 51 ? O THR A 51 N ASP A 46 ? N ASP A 46 
# 
loop_
_struct_site.id 
_struct_site.pdbx_evidence_code 
_struct_site.pdbx_auth_asym_id 
_struct_site.pdbx_auth_comp_id 
_struct_site.pdbx_auth_seq_id 
_struct_site.pdbx_auth_ins_code 
_struct_site.pdbx_num_residues 
_struct_site.details 
AC1 Software A ZN  101 ? 4  'binding site for residue ZN A 101'  
AC2 Software A ZN  102 ? 4  'binding site for residue ZN A 102'  
AC3 Software A CL  103 ? 5  'binding site for residue CL A 103'  
AC4 Software A CL  104 ? 5  'binding site for residue CL A 104'  
AC5 Software A GOL 105 ? 10 'binding site for residue GOL A 105' 
AC6 Software A CL  106 ? 4  'binding site for residue CL A 106'  
AC7 Software A NA  107 ? 4  'binding site for residue NA A 107'  
AC8 Software A NA  108 ? 4  'binding site for residue NA A 108'  
# 
loop_
_struct_site_gen.id 
_struct_site_gen.site_id 
_struct_site_gen.pdbx_num_res 
_struct_site_gen.label_comp_id 
_struct_site_gen.label_asym_id 
_struct_site_gen.label_seq_id 
_struct_site_gen.pdbx_auth_ins_code 
_struct_site_gen.auth_comp_id 
_struct_site_gen.auth_asym_id 
_struct_site_gen.auth_seq_id 
_struct_site_gen.label_atom_id 
_struct_site_gen.label_alt_id 
_struct_site_gen.symmetry 
_struct_site_gen.details 
1  AC1 4  MET A 1  ? MET A 1   . ? 1_555 ? 
2  AC1 4  GLU A 19 ? GLU A 19  . ? 1_555 ? 
3  AC1 4  GLU A 27 ? GLU A 27  . ? 3_545 ? 
4  AC1 4  CL  E .  ? CL  A 104 . ? 1_555 ? 
5  AC2 4  HIS A 12 ? HIS A 12  . ? 6_555 ? 
6  AC2 4  HIS A 29 ? HIS A 29  . ? 1_555 ? 
7  AC2 4  HIS A 33 ? HIS A 33  . ? 1_555 ? 
8  AC2 4  CL  D .  ? CL  A 103 . ? 1_555 ? 
9  AC3 5  HIS A 12 ? HIS A 12  . ? 6_555 ? 
10 AC3 5  LYS A 13 ? LYS A 13  . ? 6_555 ? 
11 AC3 5  HIS A 29 ? HIS A 29  . ? 1_555 ? 
12 AC3 5  HIS A 33 ? HIS A 33  . ? 1_555 ? 
13 AC3 5  ZN  C .  ? ZN  A 102 . ? 1_555 ? 
14 AC4 5  MET A 1  ? MET A 1   . ? 1_555 ? 
15 AC4 5  GLU A 19 ? GLU A 19  . ? 1_555 ? 
16 AC4 5  GLU A 27 ? GLU A 27  . ? 3_545 ? 
17 AC4 5  THR A 44 ? THR A 44  . ? 3_545 ? 
18 AC4 5  ZN  B .  ? ZN  A 101 . ? 1_555 ? 
19 AC5 10 THR A 11 ? THR A 11  . ? 6_555 ? 
20 AC5 10 HIS A 12 ? HIS A 12  . ? 6_555 ? 
21 AC5 10 LYS A 13 ? LYS A 13  . ? 6_555 ? 
22 AC5 10 GLU A 19 ? GLU A 19  . ? 1_555 ? 
23 AC5 10 ALA A 20 ? ALA A 20  . ? 1_555 ? 
24 AC5 10 HIS A 29 ? HIS A 29  . ? 1_555 ? 
25 AC5 10 NA  H .  ? NA  A 107 . ? 1_555 ? 
26 AC5 10 HOH J .  ? HOH A 213 . ? 1_555 ? 
27 AC5 10 HOH J .  ? HOH A 217 . ? 1_555 ? 
28 AC5 10 HOH J .  ? HOH A 247 . ? 1_555 ? 
29 AC6 4  VAL A 21 ? VAL A 21  . ? 4_554 ? 
30 AC6 4  LYS A 31 ? LYS A 31  . ? 1_555 ? 
31 AC6 4  NA  H .  ? NA  A 107 . ? 4_554 ? 
32 AC6 4  HOH J .  ? HOH A 307 . ? 4_554 ? 
33 AC7 4  GOL F .  ? GOL A 105 . ? 1_555 ? 
34 AC7 4  CL  G .  ? CL  A 106 . ? 3_545 ? 
35 AC7 4  HOH J .  ? HOH A 213 . ? 1_555 ? 
36 AC7 4  HOH J .  ? HOH A 217 . ? 1_555 ? 
37 AC8 4  TYR A 45 ? TYR A 45  . ? 1_555 ? 
38 AC8 4  ASP A 47 ? ASP A 47  . ? 1_555 ? 
39 AC8 4  HOH J .  ? HOH A 222 . ? 1_555 ? 
40 AC8 4  HOH J .  ? HOH A 287 . ? 1_555 ? 
# 
_atom_sites.entry_id                    6NLA 
_atom_sites.fract_transf_matrix[1][1]   0.01481911 
_atom_sites.fract_transf_matrix[1][2]   -0.00081106 
_atom_sites.fract_transf_matrix[1][3]   -0.00551832 
_atom_sites.fract_transf_matrix[2][1]   0.00251765 
_atom_sites.fract_transf_matrix[2][2]   -0.01300627 
_atom_sites.fract_transf_matrix[2][3]   0.00867261 
_atom_sites.fract_transf_matrix[3][1]   -0.00793551 
_atom_sites.fract_transf_matrix[3][2]   -0.01434043 
_atom_sites.fract_transf_matrix[3][3]   -0.01920261 
_atom_sites.fract_transf_vector[1]      0.131532 
_atom_sites.fract_transf_vector[2]      -0.026351 
_atom_sites.fract_transf_vector[3]      -0.020365 
# 
loop_
_atom_type.symbol 
C  
CL 
N  
NA 
O  
S  
ZN 
# 
loop_
_atom_site.group_PDB 
_atom_site.id 
_atom_site.type_symbol 
_atom_site.label_atom_id 
_atom_site.label_alt_id 
_atom_site.label_comp_id 
_atom_site.label_asym_id 
_atom_site.label_entity_id 
_atom_site.label_seq_id 
_atom_site.pdbx_PDB_ins_code 
_atom_site.Cartn_x 
_atom_site.Cartn_y 
_atom_site.Cartn_z 
_atom_site.occupancy 
_atom_site.B_iso_or_equiv 
_atom_site.pdbx_formal_charge 
_atom_site.auth_seq_id 
_atom_site.auth_comp_id 
_atom_site.auth_asym_id 
_atom_site.auth_atom_id 
_atom_site.pdbx_PDB_model_num 
ATOM   1   N  N   . MET A 1 1  ? -6.740  5.397   -12.173 1.00 16.82 ? 1   MET A N   1 
ATOM   2   C  CA  . MET A 1 1  ? -6.870  3.922   -12.262 1.00 16.62 ? 1   MET A CA  1 
ATOM   3   C  C   . MET A 1 1  ? -6.952  3.334   -10.860 1.00 15.90 ? 1   MET A C   1 
ATOM   4   O  O   . MET A 1 1  ? -6.700  4.014   -9.883  1.00 16.26 ? 1   MET A O   1 
ATOM   5   C  CB  . MET A 1 1  ? -5.690  3.318   -13.037 1.00 18.15 ? 1   MET A CB  1 
ATOM   6   C  CG  . MET A 1 1  ? -5.463  3.890   -14.432 1.00 20.23 ? 1   MET A CG  1 
ATOM   7   S  SD  . MET A 1 1  ? -6.915  3.779   -15.421 1.00 21.72 ? 1   MET A SD  1 
ATOM   8   C  CE  . MET A 1 1  ? -6.308  4.647   -16.866 1.00 23.67 ? 1   MET A CE  1 
ATOM   9   N  N   . THR A 1 2  ? -7.236  2.043   -10.808 1.00 16.70 ? 2   THR A N   1 
ATOM   10  C  CA  . THR A 1 2  ? -7.266  1.323   -9.540  1.00 15.89 ? 2   THR A CA  1 
ATOM   11  C  C   . THR A 1 2  ? -5.865  0.875   -9.121  1.00 15.93 ? 2   THR A C   1 
ATOM   12  O  O   . THR A 1 2  ? -5.164  0.225   -9.954  1.00 17.63 ? 2   THR A O   1 
ATOM   13  C  CB  . THR A 1 2  ? -8.206  0.131   -9.609  1.00 18.57 ? 2   THR A CB  1 
ATOM   14  O  OG1 . THR A 1 2  ? -9.511  0.616   -9.887  1.00 23.42 ? 2   THR A OG1 1 
ATOM   15  C  CG2 . THR A 1 2  ? -8.192  -0.706  -8.372  1.00 20.30 ? 2   THR A CG2 1 
ATOM   16  N  N   . TYR A 1 3  ? -5.492  1.107   -7.887  1.00 15.29 ? 3   TYR A N   1 
ATOM   17  C  CA  . TYR A 1 3  ? -4.246  0.656   -7.312  1.00 15.04 ? 3   TYR A CA  1 
ATOM   18  C  C   . TYR A 1 3  ? -4.567  -0.157  -6.066  1.00 14.95 ? 3   TYR A C   1 
ATOM   19  O  O   . TYR A 1 3  ? -5.583  0.047   -5.402  1.00 15.02 ? 3   TYR A O   1 
ATOM   20  C  CB  . TYR A 1 3  ? -3.333  1.836   -6.916  1.00 15.56 ? 3   TYR A CB  1 
ATOM   21  C  CG  . TYR A 1 3  ? -2.826  2.529   -8.141  1.00 15.94 ? 3   TYR A CG  1 
ATOM   22  C  CD1 . TYR A 1 3  ? -3.551  3.540   -8.738  1.00 16.53 ? 3   TYR A CD1 1 
ATOM   23  C  CD2 . TYR A 1 3  ? -1.590  2.246   -8.680  1.00 16.04 ? 3   TYR A CD2 1 
ATOM   24  C  CE1 . TYR A 1 3  ? -3.121  4.175   -9.898  1.00 18.11 ? 3   TYR A CE1 1 
ATOM   25  C  CE2 . TYR A 1 3  ? -1.144  2.875   -9.817  1.00 17.14 ? 3   TYR A CE2 1 
ATOM   26  C  CZ  . TYR A 1 3  ? -1.922  3.821   -10.450 1.00 17.16 ? 3   TYR A CZ  1 
ATOM   27  O  OH  . TYR A 1 3  ? -1.516  4.414   -11.619 1.00 21.29 ? 3   TYR A OH  1 
ATOM   28  N  N   . LYS A 1 4  ? -3.683  -1.100  -5.751  1.00 14.76 ? 4   LYS A N   1 
ATOM   29  C  CA  A LYS A 1 4  ? -3.865  -1.984  -4.583  0.60 14.64 ? 4   LYS A CA  1 
ATOM   30  C  CA  B LYS A 1 4  ? -3.834  -2.042  -4.644  0.40 14.70 ? 4   LYS A CA  1 
ATOM   31  C  C   . LYS A 1 4  ? -2.643  -1.982  -3.697  1.00 14.93 ? 4   LYS A C   1 
ATOM   32  O  O   . LYS A 1 4  ? -1.501  -1.791  -4.136  1.00 15.77 ? 4   LYS A O   1 
ATOM   33  C  CB  A LYS A 1 4  ? -4.178  -3.427  -4.997  0.60 16.51 ? 4   LYS A CB  1 
ATOM   34  C  CB  B LYS A 1 4  ? -3.988  -3.406  -5.306  0.40 16.97 ? 4   LYS A CB  1 
ATOM   35  C  CG  A LYS A 1 4  ? -5.526  -3.635  -5.667  0.60 19.64 ? 4   LYS A CG  1 
ATOM   36  C  CG  B LYS A 1 4  ? -4.165  -4.549  -4.336  0.40 17.29 ? 4   LYS A CG  1 
ATOM   37  C  CD  A LYS A 1 4  ? -5.763  -4.961  -6.162  0.60 23.56 ? 4   LYS A CD  1 
ATOM   38  C  CD  B LYS A 1 4  ? -4.294  -5.865  -4.966  0.40 19.40 ? 4   LYS A CD  1 
ATOM   39  C  CE  A LYS A 1 4  ? -7.093  -5.017  -6.821  0.60 24.59 ? 4   LYS A CE  1 
ATOM   40  C  CE  B LYS A 1 4  ? -5.527  -6.072  -5.787  0.40 24.72 ? 4   LYS A CE  1 
ATOM   41  N  NZ  A LYS A 1 4  ? -8.209  -5.209  -5.848  0.60 31.25 ? 4   LYS A NZ  1 
ATOM   42  N  NZ  B LYS A 1 4  ? -5.478  -7.422  -6.398  0.40 25.66 ? 4   LYS A NZ  1 
ATOM   43  N  N   . LEU A 1 5  ? -2.923  -2.199  -2.411  1.00 14.20 ? 5   LEU A N   1 
ATOM   44  C  CA  . LEU A 1 5  ? -1.917  -2.379  -1.388  1.00 14.75 ? 5   LEU A CA  1 
ATOM   45  C  C   . LEU A 1 5  ? -2.170  -3.738  -0.717  1.00 15.02 ? 5   LEU A C   1 
ATOM   46  O  O   . LEU A 1 5  ? -3.243  -3.975  -0.150  1.00 15.87 ? 5   LEU A O   1 
ATOM   47  C  CB  . LEU A 1 5  ? -2.002  -1.293  -0.342  1.00 15.35 ? 5   LEU A CB  1 
ATOM   48  C  CG  . LEU A 1 5  ? -1.074  -1.457  0.870   1.00 16.27 ? 5   LEU A CG  1 
ATOM   49  C  CD1 . LEU A 1 5  ? 0.407   -1.360  0.432   1.00 17.14 ? 5   LEU A CD1 1 
ATOM   50  C  CD2 . LEU A 1 5  ? -1.421  -0.463  1.924   1.00 17.83 ? 5   LEU A CD2 1 
ATOM   51  N  N   . ILE A 1 6  ? -1.171  -4.607  -0.777  1.00 15.55 ? 6   ILE A N   1 
ATOM   52  C  CA  . ILE A 1 6  ? -1.141  -5.821  0.014   1.00 15.40 ? 6   ILE A CA  1 
ATOM   53  C  C   . ILE A 1 6  ? -0.438  -5.518  1.333   1.00 15.91 ? 6   ILE A C   1 
ATOM   54  O  O   . ILE A 1 6  ? 0.764   -5.165  1.337   1.00 17.31 ? 6   ILE A O   1 
ATOM   55  C  CB  . ILE A 1 6  ? -0.464  -6.953  -0.730  1.00 18.69 ? 6   ILE A CB  1 
ATOM   56  C  CG1 . ILE A 1 6  ? -1.212  -7.303  -2.013  1.00 21.65 ? 6   ILE A CG1 1 
ATOM   57  C  CG2 . ILE A 1 6  ? -0.307  -8.160  0.174   1.00 19.39 ? 6   ILE A CG2 1 
ATOM   58  C  CD1 . ILE A 1 6  ? -0.483  -8.225  -2.911  1.00 22.31 ? 6   ILE A CD1 1 
ATOM   59  N  N   . LEU A 1 7  ? -1.189  -5.564  2.439   1.00 16.23 ? 7   LEU A N   1 
ATOM   60  C  CA  A LEU A 1 7  ? -0.653  -5.372  3.810   0.50 18.31 ? 7   LEU A CA  1 
ATOM   61  C  CA  B LEU A 1 7  ? -0.663  -5.365  3.808   0.50 18.18 ? 7   LEU A CA  1 
ATOM   62  C  C   . LEU A 1 7  ? -0.185  -6.734  4.269   1.00 18.70 ? 7   LEU A C   1 
ATOM   63  O  O   . LEU A 1 7  ? -0.994  -7.644  4.354   1.00 19.52 ? 7   LEU A O   1 
ATOM   64  C  CB  A LEU A 1 7  ? -1.694  -4.818  4.785   0.50 19.87 ? 7   LEU A CB  1 
ATOM   65  C  CB  B LEU A 1 7  ? -1.736  -4.776  4.731   0.50 18.79 ? 7   LEU A CB  1 
ATOM   66  C  CG  A LEU A 1 7  ? -2.128  -3.393  4.545   0.50 19.31 ? 7   LEU A CG  1 
ATOM   67  C  CG  B LEU A 1 7  ? -2.238  -3.389  4.393   0.50 18.27 ? 7   LEU A CG  1 
ATOM   68  C  CD1 A LEU A 1 7  ? -3.537  -3.166  5.078   0.50 25.90 ? 7   LEU A CD1 1 
ATOM   69  C  CD1 B LEU A 1 7  ? -3.522  -3.418  3.527   0.50 18.28 ? 7   LEU A CD1 1 
ATOM   70  C  CD2 A LEU A 1 7  ? -1.167  -2.422  5.164   0.50 21.96 ? 7   LEU A CD2 1 
ATOM   71  C  CD2 B LEU A 1 7  ? -2.516  -2.647  5.680   0.50 21.74 ? 7   LEU A CD2 1 
ATOM   72  N  N   . ASN A 1 8  ? 1.116   -6.845  4.517   1.00 21.43 ? 8   ASN A N   1 
ATOM   73  C  CA  . ASN A 1 8  ? 1.741   -8.064  5.039   1.00 22.27 ? 8   ASN A CA  1 
ATOM   74  C  C   . ASN A 1 8  ? 2.467   -7.630  6.322   1.00 23.39 ? 8   ASN A C   1 
ATOM   75  O  O   . ASN A 1 8  ? 3.676   -7.852  6.433   1.00 26.30 ? 8   ASN A O   1 
ATOM   76  C  CB  . ASN A 1 8  ? 2.588   -8.805  4.021   1.00 25.40 ? 8   ASN A CB  1 
ATOM   77  C  CG  . ASN A 1 8  ? 2.946   -10.204 4.461   1.00 33.06 ? 8   ASN A CG  1 
ATOM   78  O  OD1 . ASN A 1 8  ? 3.912   -10.814 3.934   1.00 38.48 ? 8   ASN A OD1 1 
ATOM   79  N  ND2 . ASN A 1 8  ? 2.297   -10.610 5.533   1.00 32.44 ? 8   ASN A ND2 1 
ATOM   80  N  N   . GLY A 1 9  ? 1.722   -7.066  7.271   1.00 24.74 ? 9   GLY A N   1 
ATOM   81  C  CA  . GLY A 1 9  ? 2.221   -6.683  8.580   1.00 27.06 ? 9   GLY A CA  1 
ATOM   82  C  C   . GLY A 1 9  ? 2.080   -7.769  9.613   1.00 33.28 ? 9   GLY A C   1 
ATOM   83  O  O   . GLY A 1 9  ? 1.392   -8.763  9.388   1.00 34.08 ? 9   GLY A O   1 
ATOM   84  N  N   . LYS A 1 10 ? 2.704   -7.576  10.783  1.00 32.56 ? 10  LYS A N   1 
ATOM   85  C  CA  . LYS A 1 10 ? 2.584   -8.539  11.893  1.00 34.98 ? 10  LYS A CA  1 
ATOM   86  C  C   . LYS A 1 10 ? 1.112   -8.709  12.255  1.00 39.70 ? 10  LYS A C   1 
ATOM   87  O  O   . LYS A 1 10 ? 0.745   -9.877  12.534  1.00 40.12 ? 10  LYS A O   1 
ATOM   88  C  CB  . LYS A 1 10 ? 3.396   -8.017  13.089  1.00 38.61 ? 10  LYS A CB  1 
ATOM   89  C  CG  . LYS A 1 10 ? 4.897   -7.928  12.878  1.00 47.98 ? 10  LYS A CG  1 
ATOM   90  C  CD  . LYS A 1 10 ? 5.435   -8.887  11.843  1.00 53.66 ? 10  LYS A CD  1 
ATOM   91  C  CE  . LYS A 1 10 ? 6.900   -9.154  12.102  1.00 67.48 ? 10  LYS A CE  1 
ATOM   92  N  NZ  . LYS A 1 10 ? 7.548   -9.936  11.016  1.00 83.17 ? 10  LYS A NZ  1 
ATOM   93  N  N   . THR A 1 11 ? 0.337   -7.609  12.354  1.00 31.75 ? 11  THR A N   1 
ATOM   94  C  CA  . THR A 1 11 ? -1.069  -7.676  12.832  1.00 34.55 ? 11  THR A CA  1 
ATOM   95  C  C   . THR A 1 11 ? -2.063  -7.213  11.749  1.00 33.12 ? 11  THR A C   1 
ATOM   96  O  O   . THR A 1 11 ? -3.264  -7.107  12.025  1.00 38.54 ? 11  THR A O   1 
ATOM   97  C  CB  . THR A 1 11 ? -1.273  -6.847  14.100  1.00 53.79 ? 11  THR A CB  1 
ATOM   98  O  OG1 . THR A 1 11 ? -0.942  -5.480  13.792  1.00 50.50 ? 11  THR A OG1 1 
ATOM   99  C  CG2 . THR A 1 11 ? -0.446  -7.381  15.251  1.00 51.82 ? 11  THR A CG2 1 
ATOM   100 N  N   . HIS A 1 12 ? -1.550  -6.817  10.591  1.00 27.14 ? 12  HIS A N   1 
ATOM   101 C  CA  . HIS A 1 12 ? -2.399  -6.325  9.478   1.00 25.61 ? 12  HIS A CA  1 
ATOM   102 C  C   . HIS A 1 12 ? -2.010  -7.123  8.242   1.00 26.41 ? 12  HIS A C   1 
ATOM   103 O  O   . HIS A 1 12 ? -0.987  -6.793  7.606   1.00 24.64 ? 12  HIS A O   1 
ATOM   104 C  CB  . HIS A 1 12 ? -2.160  -4.835  9.240   1.00 24.91 ? 12  HIS A CB  1 
ATOM   105 C  CG  . HIS A 1 12 ? -2.732  -4.017  10.316  1.00 22.58 ? 12  HIS A CG  1 
ATOM   106 N  ND1 . HIS A 1 12 ? -4.086  -3.916  10.503  1.00 23.34 ? 12  HIS A ND1 1 
ATOM   107 C  CD2 . HIS A 1 12 ? -2.101  -3.386  11.357  1.00 26.90 ? 12  HIS A CD2 1 
ATOM   108 C  CE1 . HIS A 1 12 ? -4.267  -3.139  11.564  1.00 25.62 ? 12  HIS A CE1 1 
ATOM   109 N  NE2 . HIS A 1 12 ? -3.099  -2.821  12.129  1.00 28.69 ? 12  HIS A NE2 1 
ATOM   110 N  N   . LYS A 1 13 ? -2.884  -8.051  7.888   1.00 22.23 ? 13  LYS A N   1 
ATOM   111 C  CA  . LYS A 1 13 ? -2.837  -8.839  6.671   1.00 22.08 ? 13  LYS A CA  1 
ATOM   112 C  C   . LYS A 1 13 ? -4.144  -8.565  5.946   1.00 19.11 ? 13  LYS A C   1 
ATOM   113 O  O   . LYS A 1 13 ? -5.253  -8.896  6.403   1.00 21.58 ? 13  LYS A O   1 
ATOM   114 C  CB  . LYS A 1 13 ? -2.589  -10.313 6.905   1.00 28.90 ? 13  LYS A CB  1 
ATOM   115 C  CG  . LYS A 1 13 ? -1.168  -10.477 7.544   1.00 35.23 ? 13  LYS A CG  1 
ATOM   116 C  CD  . LYS A 1 13 ? -0.609  -11.809 7.693   1.00 42.31 ? 13  LYS A CD  1 
ATOM   117 C  CE  . LYS A 1 13 ? 0.764   -11.811 8.291   1.00 36.50 ? 13  LYS A CE  1 
ATOM   118 N  NZ  . LYS A 1 13 ? 0.746   -11.392 9.737   1.00 35.86 ? 13  LYS A NZ  1 
ATOM   119 N  N   . GLY A 1 14 ? -4.100  -7.910  4.843   1.00 17.92 ? 14  GLY A N   1 
ATOM   120 C  CA  . GLY A 1 14 ? -5.297  -7.516  4.103   1.00 17.93 ? 14  GLY A CA  1 
ATOM   121 C  C   . GLY A 1 14 ? -4.931  -6.960  2.752   1.00 15.82 ? 14  GLY A C   1 
ATOM   122 O  O   . GLY A 1 14 ? -3.746  -6.849  2.429   1.00 16.92 ? 14  GLY A O   1 
ATOM   123 N  N   . VAL A 1 15 ? -5.948  -6.597  2.001   1.00 14.92 ? 15  VAL A N   1 
ATOM   124 C  CA  . VAL A 1 15 ? -5.750  -5.953  0.700   1.00 14.60 ? 15  VAL A CA  1 
ATOM   125 C  C   . VAL A 1 15 ? -6.641  -4.728  0.637   1.00 14.92 ? 15  VAL A C   1 
ATOM   126 O  O   . VAL A 1 15 ? -7.853  -4.845  0.856   1.00 15.01 ? 15  VAL A O   1 
ATOM   127 C  CB  . VAL A 1 15 ? -6.097  -6.902  -0.443  1.00 16.72 ? 15  VAL A CB  1 
ATOM   128 C  CG1 . VAL A 1 15 ? -5.942  -6.194  -1.787  1.00 19.63 ? 15  VAL A CG1 1 
ATOM   129 C  CG2 . VAL A 1 15 ? -5.275  -8.167  -0.355  1.00 19.90 ? 15  VAL A CG2 1 
ATOM   130 N  N   . LEU A 1 16 ? -6.028  -3.592  0.319   1.00 14.68 ? 16  LEU A N   1 
ATOM   131 C  CA  . LEU A 1 16 ? -6.747  -2.336  0.150   1.00 13.88 ? 16  LEU A CA  1 
ATOM   132 C  C   . LEU A 1 16 ? -6.711  -1.914  -1.290  1.00 13.77 ? 16  LEU A C   1 
ATOM   133 O  O   . LEU A 1 16 ? -5.649  -1.883  -1.900  1.00 15.12 ? 16  LEU A O   1 
ATOM   134 C  CB  . LEU A 1 16 ? -6.066  -1.266  1.034   1.00 13.83 ? 16  LEU A CB  1 
ATOM   135 C  CG  . LEU A 1 16 ? -6.634  0.164   0.916   1.00 14.93 ? 16  LEU A CG  1 
ATOM   136 C  CD1 . LEU A 1 16 ? -8.024  0.223   1.439   1.00 16.48 ? 16  LEU A CD1 1 
ATOM   137 C  CD2 . LEU A 1 16 ? -5.705  1.119   1.629   1.00 17.25 ? 16  LEU A CD2 1 
ATOM   138 N  N   A THR A 1 17 ? -7.863  -1.548  -1.841  0.70 14.32 ? 17  THR A N   1 
ATOM   139 N  N   B THR A 1 17 ? -7.878  -1.520  -1.804  0.30 13.95 ? 17  THR A N   1 
ATOM   140 C  CA  A THR A 1 17 ? -7.903  -0.993  -3.169  0.70 14.36 ? 17  THR A CA  1 
ATOM   141 C  CA  B THR A 1 17 ? -8.098  -1.059  -3.179  0.30 13.42 ? 17  THR A CA  1 
ATOM   142 C  C   A THR A 1 17 ? -8.482  0.403   -3.166  0.70 15.80 ? 17  THR A C   1 
ATOM   143 C  C   B THR A 1 17 ? -8.529  0.406   -3.172  0.30 14.93 ? 17  THR A C   1 
ATOM   144 O  O   A THR A 1 17 ? -9.430  0.684   -2.459  0.70 16.39 ? 17  THR A O   1 
ATOM   145 O  O   B THR A 1 17 ? -9.476  0.723   -2.448  0.30 15.76 ? 17  THR A O   1 
ATOM   146 C  CB  A THR A 1 17 ? -8.616  -1.876  -4.155  0.70 19.86 ? 17  THR A CB  1 
ATOM   147 C  CB  B THR A 1 17 ? -9.131  -1.936  -3.878  0.30 13.55 ? 17  THR A CB  1 
ATOM   148 O  OG1 A THR A 1 17 ? -9.972  -1.859  -3.845  0.70 23.48 ? 17  THR A OG1 1 
ATOM   149 O  OG1 B THR A 1 17 ? -8.711  -3.284  -3.706  0.30 17.49 ? 17  THR A OG1 1 
ATOM   150 C  CG2 A THR A 1 17 ? -8.290  -3.328  -4.005  0.70 23.62 ? 17  THR A CG2 1 
ATOM   151 C  CG2 B THR A 1 17 ? -9.200  -1.665  -5.367  0.30 13.48 ? 17  THR A CG2 1 
ATOM   152 N  N   . ILE A 1 18 ? -7.858  1.283   -3.930  1.00 14.62 ? 18  ILE A N   1 
ATOM   153 C  CA  . ILE A 1 18 ? -8.252  2.676   -4.065  1.00 13.83 ? 18  ILE A CA  1 
ATOM   154 C  C   . ILE A 1 18 ? -8.158  3.035   -5.552  1.00 15.53 ? 18  ILE A C   1 
ATOM   155 O  O   . ILE A 1 18 ? -7.592  2.297   -6.372  1.00 17.56 ? 18  ILE A O   1 
ATOM   156 C  CB  . ILE A 1 18 ? -7.385  3.595   -3.266  1.00 14.48 ? 18  ILE A CB  1 
ATOM   157 C  CG1 . ILE A 1 18 ? -5.945  3.689   -3.767  1.00 16.27 ? 18  ILE A CG1 1 
ATOM   158 C  CG2 . ILE A 1 18 ? -7.455  3.310   -1.761  1.00 16.23 ? 18  ILE A CG2 1 
ATOM   159 C  CD1 . ILE A 1 18 ? -5.017  4.644   -3.076  1.00 18.84 ? 18  ILE A CD1 1 
ATOM   160 N  N   . GLU A 1 19 ? -8.678  4.213   -5.869  1.00 15.71 ? 19  GLU A N   1 
ATOM   161 C  CA  . GLU A 1 19 ? -8.445  4.848   -7.162  1.00 16.31 ? 19  GLU A CA  1 
ATOM   162 C  C   . GLU A 1 19 ? -7.531  6.046   -6.953  1.00 14.73 ? 19  GLU A C   1 
ATOM   163 O  O   . GLU A 1 19 ? -7.649  6.786   -5.996  1.00 17.24 ? 19  GLU A O   1 
ATOM   164 C  CB  . GLU A 1 19 ? -9.810  5.239   -7.758  1.00 17.67 ? 19  GLU A CB  1 
ATOM   165 C  CG  . GLU A 1 19 ? -9.689  5.736   -9.206  1.00 18.06 ? 19  GLU A CG  1 
ATOM   166 C  CD  . GLU A 1 19 ? -9.238  7.173   -9.281  1.00 16.53 ? 19  GLU A CD  1 
ATOM   167 O  OE1 . GLU A 1 19 ? -9.498  8.019   -8.394  1.00 17.95 ? 19  GLU A OE1 1 
ATOM   168 O  OE2 . GLU A 1 19 ? -8.642  7.522   -10.368 1.00 17.94 ? 19  GLU A OE2 1 
ATOM   169 N  N   . ALA A 1 20 ? -6.650  6.255   -7.971  1.00 15.37 ? 20  ALA A N   1 
ATOM   170 C  CA  . ALA A 1 20 ? -5.761  7.400   -7.940  1.00 16.38 ? 20  ALA A CA  1 
ATOM   171 C  C   . ALA A 1 20 ? -5.328  7.763   -9.330  1.00 16.33 ? 20  ALA A C   1 
ATOM   172 O  O   . ALA A 1 20 ? -5.226  6.911   -10.198 1.00 16.46 ? 20  ALA A O   1 
ATOM   173 C  CB  . ALA A 1 20 ? -4.548  7.136   -7.070  1.00 17.27 ? 20  ALA A CB  1 
ATOM   174 N  N   . VAL A 1 21 ? -4.981  9.011   -9.534  1.00 17.03 ? 21  VAL A N   1 
ATOM   175 C  CA  . VAL A 1 21 ? -4.605  9.536   -10.865 1.00 17.99 ? 21  VAL A CA  1 
ATOM   176 C  C   . VAL A 1 21 ? -3.281  8.916   -11.358 1.00 19.12 ? 21  VAL A C   1 
ATOM   177 O  O   . VAL A 1 21 ? -3.060  8.865   -12.553 1.00 21.89 ? 21  VAL A O   1 
ATOM   178 C  CB  . VAL A 1 21 ? -4.536  11.073  -10.817 1.00 19.79 ? 21  VAL A CB  1 
ATOM   179 C  CG1 . VAL A 1 21 ? -3.436  11.563  -9.937  1.00 22.93 ? 21  VAL A CG1 1 
ATOM   180 C  CG2 . VAL A 1 21 ? -4.377  11.676  -12.202 1.00 23.70 ? 21  VAL A CG2 1 
ATOM   181 N  N   . ASP A 1 22 ? -2.385  8.525   -10.442 1.00 18.14 ? 22  ASP A N   1 
ATOM   182 C  CA  . ASP A 1 22 ? -1.089  7.940   -10.813 1.00 19.42 ? 22  ASP A CA  1 
ATOM   183 C  C   . ASP A 1 22 ? -0.538  7.145   -9.620  1.00 18.57 ? 22  ASP A C   1 
ATOM   184 O  O   . ASP A 1 22 ? -1.099  7.162   -8.520  1.00 18.05 ? 22  ASP A O   1 
ATOM   185 C  CB  . ASP A 1 22 ? -0.121  8.989   -11.320 1.00 21.84 ? 22  ASP A CB  1 
ATOM   186 C  CG  . ASP A 1 22 ? 0.157   10.124  -10.369 1.00 23.59 ? 22  ASP A CG  1 
ATOM   187 O  OD1 . ASP A 1 22 ? 0.005   9.949   -9.148  1.00 22.84 ? 22  ASP A OD1 1 
ATOM   188 O  OD2 . ASP A 1 22 ? 0.585   11.198  -10.872 1.00 30.61 ? 22  ASP A OD2 1 
ATOM   189 N  N   . ALA A 1 23 ? 0.538   6.416   -9.890  1.00 19.48 ? 23  ALA A N   1 
ATOM   190 C  CA  . ALA A 1 23 ? 1.120   5.532   -8.886  1.00 18.24 ? 23  ALA A CA  1 
ATOM   191 C  C   . ALA A 1 23 ? 1.660   6.332   -7.724  1.00 17.86 ? 23  ALA A C   1 
ATOM   192 O  O   . ALA A 1 23 ? 1.617   5.852   -6.592  1.00 19.22 ? 23  ALA A O   1 
ATOM   193 C  CB  . ALA A 1 23 ? 2.159   4.654   -9.474  1.00 22.03 ? 23  ALA A CB  1 
ATOM   194 N  N   . ALA A 1 24 ? 2.274   7.473   -7.994  1.00 19.35 ? 24  ALA A N   1 
ATOM   195 C  CA  . ALA A 1 24 ? 2.814   8.343   -6.917  1.00 19.85 ? 24  ALA A CA  1 
ATOM   196 C  C   . ALA A 1 24 ? 1.741   8.782   -5.945  1.00 19.57 ? 24  ALA A C   1 
ATOM   197 O  O   . ALA A 1 24 ? 1.952   8.771   -4.730  1.00 19.52 ? 24  ALA A O   1 
ATOM   198 C  CB  . ALA A 1 24 ? 3.530   9.543   -7.530  1.00 26.72 ? 24  ALA A CB  1 
ATOM   199 N  N   . THR A 1 25 ? 0.583   9.116   -6.470  1.00 17.99 ? 25  THR A N   1 
ATOM   200 C  CA  . THR A 1 25 ? -0.533  9.564   -5.624  1.00 16.79 ? 25  THR A CA  1 
ATOM   201 C  C   . THR A 1 25 ? -1.034  8.375   -4.808  1.00 15.43 ? 25  THR A C   1 
ATOM   202 O  O   . THR A 1 25 ? -1.292  8.489   -3.633  1.00 16.43 ? 25  THR A O   1 
ATOM   203 C  CB  . THR A 1 25 ? -1.633  10.177  -6.505  1.00 18.26 ? 25  THR A CB  1 
ATOM   204 O  OG1 . THR A 1 25 ? -1.090  11.317  -7.208  1.00 21.97 ? 25  THR A OG1 1 
ATOM   205 C  CG2 . THR A 1 25 ? -2.846  10.591  -5.718  1.00 20.27 ? 25  THR A CG2 1 
ATOM   206 N  N   . ALA A 1 26 ? -1.178  7.213   -5.451  1.00 15.60 ? 26  ALA A N   1 
ATOM   207 C  CA  . ALA A 1 26 ? -1.581  5.989   -4.738  1.00 14.39 ? 26  ALA A CA  1 
ATOM   208 C  C   . ALA A 1 26 ? -0.608  5.685   -3.641  1.00 15.11 ? 26  ALA A C   1 
ATOM   209 O  O   . ALA A 1 26 ? -0.989  5.391   -2.531  1.00 14.83 ? 26  ALA A O   1 
ATOM   210 C  CB  . ALA A 1 26 ? -1.730  4.833   -5.677  1.00 15.64 ? 26  ALA A CB  1 
ATOM   211 N  N   . GLU A 1 27 ? 0.692   5.742   -3.944  1.00 15.50 ? 27  GLU A N   1 
ATOM   212 C  CA  . GLU A 1 27 ? 1.711   5.330   -2.963  1.00 15.46 ? 27  GLU A CA  1 
ATOM   213 C  C   . GLU A 1 27 ? 1.676   6.283   -1.755  1.00 15.22 ? 27  GLU A C   1 
ATOM   214 O  O   . GLU A 1 27 ? 1.801   5.804   -0.625  1.00 17.28 ? 27  GLU A O   1 
ATOM   215 C  CB  . GLU A 1 27 ? 3.106   5.296   -3.596  1.00 15.99 ? 27  GLU A CB  1 
ATOM   216 C  CG  . GLU A 1 27 ? 4.062   4.580   -2.659  1.00 17.38 ? 27  GLU A CG  1 
ATOM   217 C  CD  . GLU A 1 27 ? 5.422   4.272   -3.222  1.00 16.80 ? 27  GLU A CD  1 
ATOM   218 O  OE1 . GLU A 1 27 ? 5.770   4.700   -4.324  1.00 17.58 ? 27  GLU A OE1 1 
ATOM   219 O  OE2 . GLU A 1 27 ? 6.149   3.635   -2.431  1.00 19.75 ? 27  GLU A OE2 1 
ATOM   220 N  N   . LYS A 1 28 ? 1.510   7.573   -2.001  1.00 15.93 ? 28  LYS A N   1 
ATOM   221 C  CA  A LYS A 1 28 ? 1.438   8.550   -0.901  0.70 17.80 ? 28  LYS A CA  1 
ATOM   222 C  CA  B LYS A 1 28 ? 1.469   8.527   -0.870  0.30 17.36 ? 28  LYS A CA  1 
ATOM   223 C  C   . LYS A 1 28 ? 0.266   8.161   0.006   1.00 17.00 ? 28  LYS A C   1 
ATOM   224 O  O   . LYS A 1 28 ? 0.369   8.146   1.245   1.00 17.95 ? 28  LYS A O   1 
ATOM   225 C  CB  A LYS A 1 28 ? 1.279   9.964   -1.456  0.70 21.20 ? 28  LYS A CB  1 
ATOM   226 C  CB  B LYS A 1 28 ? 1.389   9.968   -1.365  0.30 17.21 ? 28  LYS A CB  1 
ATOM   227 C  CG  A LYS A 1 28 ? 1.278   11.027  -0.391  0.70 26.90 ? 28  LYS A CG  1 
ATOM   228 C  CG  B LYS A 1 28 ? 1.184   11.004  -0.281  0.30 23.53 ? 28  LYS A CG  1 
ATOM   229 C  CD  A LYS A 1 28 ? 1.688   12.369  -0.893  0.70 47.60 ? 28  LYS A CD  1 
ATOM   230 C  CD  B LYS A 1 28 ? 1.072   12.393  -0.828  0.30 28.22 ? 28  LYS A CD  1 
ATOM   231 C  CE  A LYS A 1 28 ? 0.515   13.163  -1.425  0.70 59.04 ? 28  LYS A CE  1 
ATOM   232 C  CE  B LYS A 1 28 ? 0.875   13.403  0.287   0.30 30.17 ? 28  LYS A CE  1 
ATOM   233 N  NZ  A LYS A 1 28 ? 0.421   14.492  -0.783  0.70 68.01 ? 28  LYS A NZ  1 
ATOM   234 N  NZ  B LYS A 1 28 ? 1.325   14.758  -0.087  0.30 36.31 ? 28  LYS A NZ  1 
ATOM   235 N  N   . HIS A 1 29 ? -0.877  7.867   -0.588  1.00 17.03 ? 29  HIS A N   1 
ATOM   236 C  CA  . HIS A 1 29 ? -2.067  7.474   0.177   1.00 15.79 ? 29  HIS A CA  1 
ATOM   237 C  C   . HIS A 1 29 ? -1.844  6.219   0.974   1.00 16.54 ? 29  HIS A C   1 
ATOM   238 O  O   . HIS A 1 29 ? -2.161  6.107   2.145   1.00 19.14 ? 29  HIS A O   1 
ATOM   239 C  CB  . HIS A 1 29 ? -3.288  7.376   -0.726  1.00 16.68 ? 29  HIS A CB  1 
ATOM   240 C  CG  . HIS A 1 29 ? -4.517  7.355   0.070   1.00 17.98 ? 29  HIS A CG  1 
ATOM   241 N  ND1 . HIS A 1 29 ? -5.093  8.508   0.516   1.00 20.22 ? 29  HIS A ND1 1 
ATOM   242 C  CD2 . HIS A 1 29 ? -5.273  6.328   0.507   1.00 18.25 ? 29  HIS A CD2 1 
ATOM   243 C  CE1 . HIS A 1 29 ? -6.171  8.183   1.241   1.00 22.70 ? 29  HIS A CE1 1 
ATOM   244 N  NE2 . HIS A 1 29 ? -6.324  6.870   1.270   1.00 20.01 ? 29  HIS A NE2 1 
ATOM   245 N  N   . PHE A 1 30 ? -1.253  5.210   0.335   1.00 15.50 ? 30  PHE A N   1 
ATOM   246 C  CA  . PHE A 1 30 ? -0.942  3.949   0.964   1.00 16.08 ? 30  PHE A CA  1 
ATOM   247 C  C   . PHE A 1 30 ? 0.049   4.120   2.119   1.00 16.91 ? 30  PHE A C   1 
ATOM   248 O  O   . PHE A 1 30 ? -0.141  3.450   3.146   1.00 17.85 ? 30  PHE A O   1 
ATOM   249 C  CB  . PHE A 1 30 ? -0.492  2.919   -0.029  1.00 15.76 ? 30  PHE A CB  1 
ATOM   250 C  CG  . PHE A 1 30 ? -1.533  2.432   -1.014  1.00 15.06 ? 30  PHE A CG  1 
ATOM   251 C  CD1 . PHE A 1 30 ? -2.840  2.260   -0.660  1.00 14.74 ? 30  PHE A CD1 1 
ATOM   252 C  CD2 . PHE A 1 30 ? -1.170  2.039   -2.284  1.00 15.82 ? 30  PHE A CD2 1 
ATOM   253 C  CE1 . PHE A 1 30 ? -3.741  1.669   -1.506  1.00 15.68 ? 30  PHE A CE1 1 
ATOM   254 C  CE2 . PHE A 1 30 ? -2.069  1.457   -3.164  1.00 15.71 ? 30  PHE A CE2 1 
ATOM   255 C  CZ  . PHE A 1 30 ? -3.354  1.321   -2.778  1.00 15.59 ? 30  PHE A CZ  1 
ATOM   256 N  N   . LYS A 1 31 ? 1.072   4.921   1.904   1.00 16.43 ? 31  LYS A N   1 
ATOM   257 C  CA  . LYS A 1 31 ? 2.037   5.143   2.987   1.00 17.76 ? 31  LYS A CA  1 
ATOM   258 C  C   . LYS A 1 31 ? 1.360   5.792   4.167   1.00 17.72 ? 31  LYS A C   1 
ATOM   259 O  O   . LYS A 1 31 ? 1.688   5.457   5.327   1.00 20.53 ? 31  LYS A O   1 
ATOM   260 C  CB  . LYS A 1 31 ? 3.229   5.953   2.456   1.00 19.31 ? 31  LYS A CB  1 
ATOM   261 C  CG  . LYS A 1 31 ? 4.185   5.142   1.555   1.00 22.84 ? 31  LYS A CG  1 
ATOM   262 C  CD  . LYS A 1 31 ? 5.553   4.850   2.092   1.00 22.87 ? 31  LYS A CD  1 
ATOM   263 C  CE  . LYS A 1 31 ? 6.438   4.211   1.064   1.00 23.14 ? 31  LYS A CE  1 
ATOM   264 N  NZ  . LYS A 1 31 ? 7.830   4.068   1.787   1.00 20.11 ? 31  LYS A NZ  1 
ATOM   265 N  N   . GLN A 1 32 ? 0.435   6.688   3.923   1.00 19.68 ? 32  GLN A N   1 
ATOM   266 C  CA  A GLN A 1 32 ? -0.318  7.317   5.056   0.60 21.84 ? 32  GLN A CA  1 
ATOM   267 C  CA  B GLN A 1 32 ? -0.362  7.324   5.005   0.40 23.03 ? 32  GLN A CA  1 
ATOM   268 C  C   . GLN A 1 32 ? -1.130  6.250   5.770   1.00 22.93 ? 32  GLN A C   1 
ATOM   269 O  O   . GLN A 1 32 ? -1.188  6.253   7.015   1.00 24.25 ? 32  GLN A O   1 
ATOM   270 C  CB  A GLN A 1 32 ? -1.198  8.455   4.561   0.60 23.60 ? 32  GLN A CB  1 
ATOM   271 C  CB  B GLN A 1 32 ? -1.351  8.314   4.406   0.40 23.44 ? 32  GLN A CB  1 
ATOM   272 C  CG  A GLN A 1 32 ? -0.377  9.578   3.972   0.60 23.74 ? 32  GLN A CG  1 
ATOM   273 C  CG  B GLN A 1 32 ? -2.156  8.960   5.510   0.40 25.18 ? 32  GLN A CG  1 
ATOM   274 C  CD  A GLN A 1 32 ? -1.172  10.612  3.213   0.60 27.67 ? 32  GLN A CD  1 
ATOM   275 C  CD  B GLN A 1 32 ? -3.655  8.916   5.392   0.40 34.89 ? 32  GLN A CD  1 
ATOM   276 O  OE1 A GLN A 1 32 ? -2.264  10.348  2.684   0.60 29.26 ? 32  GLN A OE1 1 
ATOM   277 O  OE1 B GLN A 1 32 ? -4.220  8.899   4.301   0.40 37.58 ? 32  GLN A OE1 1 
ATOM   278 N  NE2 A GLN A 1 32 ? -0.528  11.744  3.072   0.60 34.83 ? 32  GLN A NE2 1 
ATOM   279 N  NE2 B GLN A 1 32 ? -4.292  8.872   6.544   0.40 32.69 ? 32  GLN A NE2 1 
ATOM   280 N  N   . HIS A 1 33 ? -1.818  5.386   5.043   1.00 21.85 ? 33  HIS A N   1 
ATOM   281 C  CA  . HIS A 1 33 ? -2.547  4.291   5.728   1.00 20.89 ? 33  HIS A CA  1 
ATOM   282 C  C   . HIS A 1 33 ? -1.627  3.488   6.596   1.00 22.90 ? 33  HIS A C   1 
ATOM   283 O  O   . HIS A 1 33 ? -1.973  3.226   7.756   1.00 26.33 ? 33  HIS A O   1 
ATOM   284 C  CB  . HIS A 1 33 ? -3.247  3.326   4.728   1.00 19.43 ? 33  HIS A CB  1 
ATOM   285 C  CG  . HIS A 1 33 ? -4.625  3.729   4.248   1.00 18.44 ? 33  HIS A CG  1 
ATOM   286 N  ND1 . HIS A 1 33 ? -5.715  2.932   4.511   1.00 20.89 ? 33  HIS A ND1 1 
ATOM   287 C  CD2 . HIS A 1 33 ? -5.088  4.786   3.513   1.00 20.00 ? 33  HIS A CD2 1 
ATOM   288 C  CE1 . HIS A 1 33 ? -6.776  3.513   3.933   1.00 20.39 ? 33  HIS A CE1 1 
ATOM   289 N  NE2 . HIS A 1 33 ? -6.481  4.832   3.323   1.00 17.81 ? 33  HIS A NE2 1 
ATOM   290 N  N   . ALA A 1 34 ? -0.531  3.035   6.027   1.00 20.61 ? 34  ALA A N   1 
ATOM   291 C  CA  . ALA A 1 34 ? 0.401   2.175   6.775   1.00 25.79 ? 34  ALA A CA  1 
ATOM   292 C  C   . ALA A 1 34 ? 0.919   2.903   8.020   1.00 24.87 ? 34  ALA A C   1 
ATOM   293 O  O   . ALA A 1 34 ? 0.900   2.354   9.106   1.00 27.18 ? 34  ALA A O   1 
ATOM   294 C  CB  . ALA A 1 34 ? 1.525   1.729   5.881   1.00 24.99 ? 34  ALA A CB  1 
ATOM   295 N  N   . ASN A 1 35 ? 1.180   4.203   7.874   1.00 24.07 ? 35  ASN A N   1 
ATOM   296 C  CA  A ASN A 1 35 ? 1.667   5.021   9.005   0.60 23.70 ? 35  ASN A CA  1 
ATOM   297 C  CA  B ASN A 1 35 ? 1.668   5.034   8.998   0.40 28.84 ? 35  ASN A CA  1 
ATOM   298 C  C   . ASN A 1 35 ? 0.574   5.062   10.074  1.00 25.86 ? 35  ASN A C   1 
ATOM   299 O  O   . ASN A 1 35 ? 0.847   4.816   11.294  1.00 29.68 ? 35  ASN A O   1 
ATOM   300 C  CB  A ASN A 1 35 ? 2.006   6.430   8.558   0.60 24.76 ? 35  ASN A CB  1 
ATOM   301 C  CB  B ASN A 1 35 ? 1.980   6.440   8.509   0.40 31.19 ? 35  ASN A CB  1 
ATOM   302 C  CG  A ASN A 1 35 ? 3.277   6.513   7.743   0.60 26.14 ? 35  ASN A CG  1 
ATOM   303 C  CG  B ASN A 1 35 ? 2.762   7.173   9.558   0.40 36.64 ? 35  ASN A CG  1 
ATOM   304 O  OD1 A ASN A 1 35 ? 4.015   5.532   7.650   0.60 30.51 ? 35  ASN A OD1 1 
ATOM   305 O  OD1 B ASN A 1 35 ? 3.570   6.519   10.199  0.40 32.96 ? 35  ASN A OD1 1 
ATOM   306 N  ND2 A ASN A 1 35 ? 3.592   7.688   7.195   0.60 45.08 ? 35  ASN A ND2 1 
ATOM   307 N  ND2 B ASN A 1 35 ? 2.489   8.453   9.756   0.40 43.91 ? 35  ASN A ND2 1 
ATOM   308 N  N   . ASP A 1 36 ? -0.637  5.350   9.678   1.00 25.66 ? 36  ASP A N   1 
ATOM   309 C  CA  . ASP A 1 36 ? -1.734  5.451   10.651  1.00 30.25 ? 36  ASP A CA  1 
ATOM   310 C  C   . ASP A 1 36 ? -1.971  4.107   11.370  1.00 27.07 ? 36  ASP A C   1 
ATOM   311 O  O   . ASP A 1 36 ? -2.430  4.135   12.497  1.00 30.21 ? 36  ASP A O   1 
ATOM   312 C  CB  . ASP A 1 36 ? -3.005  5.819   9.920   1.00 29.88 ? 36  ASP A CB  1 
ATOM   313 C  CG  . ASP A 1 36 ? -3.061  7.248   9.444   1.00 34.41 ? 36  ASP A CG  1 
ATOM   314 O  OD1 . ASP A 1 36 ? -2.211  8.029   9.837   1.00 38.32 ? 36  ASP A OD1 1 
ATOM   315 O  OD2 . ASP A 1 36 ? -3.887  7.518   8.610   1.00 34.98 ? 36  ASP A OD2 1 
ATOM   316 N  N   . LEU A 1 37 ? -1.753  2.979   10.685  1.00 25.22 ? 37  LEU A N   1 
ATOM   317 C  CA  . LEU A 1 37 ? -1.949  1.616   11.263  1.00 27.79 ? 37  LEU A CA  1 
ATOM   318 C  C   . LEU A 1 37 ? -0.758  1.149   12.085  1.00 33.31 ? 37  LEU A C   1 
ATOM   319 O  O   . LEU A 1 37 ? -0.828  0.042   12.629  1.00 33.60 ? 37  LEU A O   1 
ATOM   320 C  CB  . LEU A 1 37 ? -2.192  0.644   10.110  1.00 27.50 ? 37  LEU A CB  1 
ATOM   321 C  CG  . LEU A 1 37 ? -3.446  0.859   9.271   1.00 24.25 ? 37  LEU A CG  1 
ATOM   322 C  CD1 . LEU A 1 37 ? -3.451  -0.078  8.091   1.00 27.59 ? 37  LEU A CD1 1 
ATOM   323 C  CD2 . LEU A 1 37 ? -4.693  0.599   10.109  1.00 31.10 ? 37  LEU A CD2 1 
ATOM   324 N  N   . GLY A 1 38 ? 0.315   1.912   12.092  1.00 31.40 ? 38  GLY A N   1 
ATOM   325 C  CA  . GLY A 1 38 ? 1.542   1.562   12.830  1.00 37.66 ? 38  GLY A CA  1 
ATOM   326 C  C   . GLY A 1 38 ? 2.288   0.465   12.113  1.00 32.78 ? 38  GLY A C   1 
ATOM   327 O  O   . GLY A 1 38 ? 3.148   -0.223  12.703  1.00 39.14 ? 38  GLY A O   1 
ATOM   328 N  N   . VAL A 1 39 ? 2.062   0.331   10.825  1.00 31.56 ? 39  VAL A N   1 
ATOM   329 C  CA  . VAL A 1 39 ? 2.778   -0.665  10.010  1.00 29.19 ? 39  VAL A CA  1 
ATOM   330 C  C   . VAL A 1 39 ? 4.077   0.024   9.577   1.00 35.00 ? 39  VAL A C   1 
ATOM   331 O  O   . VAL A 1 39 ? 4.048   1.010   8.861   1.00 53.15 ? 39  VAL A O   1 
ATOM   332 C  CB  . VAL A 1 39 ? 1.936   -1.147  8.802   1.00 31.52 ? 39  VAL A CB  1 
ATOM   333 C  CG1 . VAL A 1 39 ? 2.717   -2.108  7.884   1.00 37.80 ? 39  VAL A CG1 1 
ATOM   334 C  CG2 . VAL A 1 39 ? 0.630   -1.806  9.265   1.00 29.60 ? 39  VAL A CG2 1 
ATOM   335 N  N   . ASP A 1 40 ? 5.172   -0.565  9.944   1.00 35.40 ? 40  ASP A N   1 
ATOM   336 C  CA  . ASP A 1 40 ? 6.494   -0.021  9.658   1.00 34.41 ? 40  ASP A CA  1 
ATOM   337 C  C   . ASP A 1 40 ? 7.151   -1.165  8.910   1.00 30.80 ? 40  ASP A C   1 
ATOM   338 O  O   . ASP A 1 40 ? 7.811   -1.967  9.566   1.00 36.53 ? 40  ASP A O   1 
ATOM   339 C  CB  . ASP A 1 40 ? 7.157   0.468   10.956  1.00 39.07 ? 40  ASP A CB  1 
ATOM   340 C  CG  . ASP A 1 40 ? 8.593   0.928   10.792  1.00 53.01 ? 40  ASP A CG  1 
ATOM   341 O  OD1 . ASP A 1 40 ? 9.003   1.138   9.668   1.00 51.23 ? 40  ASP A OD1 1 
ATOM   342 O  OD2 . ASP A 1 40 ? 9.292   1.051   11.807  1.00 65.10 ? 40  ASP A OD2 1 
ATOM   343 N  N   . GLY A 1 41 ? 7.046   -1.200  7.593   1.00 34.76 ? 41  GLY A N   1 
ATOM   344 C  CA  . GLY A 1 41 ? 7.592   -2.306  6.785   1.00 33.35 ? 41  GLY A CA  1 
ATOM   345 C  C   . GLY A 1 41 ? 8.314   -1.831  5.549   1.00 27.86 ? 41  GLY A C   1 
ATOM   346 O  O   . GLY A 1 41 ? 8.469   -0.570  5.396   1.00 31.51 ? 41  GLY A O   1 
ATOM   347 N  N   . GLU A 1 42 ? 8.740   -2.819  4.754   1.00 26.73 ? 42  GLU A N   1 
ATOM   348 C  CA  A GLU A 1 42 ? 9.512   -2.737  3.495   0.50 35.19 ? 42  GLU A CA  1 
ATOM   349 C  CA  B GLU A 1 42 ? 9.479   -2.585  3.518   0.50 26.22 ? 42  GLU A CA  1 
ATOM   350 C  C   . GLU A 1 42 ? 8.486   -2.699  2.352   1.00 23.44 ? 42  GLU A C   1 
ATOM   351 O  O   . GLU A 1 42 ? 7.626   -3.608  2.258   1.00 23.89 ? 42  GLU A O   1 
ATOM   352 C  CB  A GLU A 1 42 ? 10.410  -3.959  3.233   0.50 37.39 ? 42  GLU A CB  1 
ATOM   353 C  CB  B GLU A 1 42 ? 10.696  -3.525  3.468   0.50 41.95 ? 42  GLU A CB  1 
ATOM   354 C  CG  A GLU A 1 42 ? 11.184  -3.828  1.920   0.50 41.08 ? 42  GLU A CG  1 
ATOM   355 C  CG  B GLU A 1 42 ? 11.910  -3.103  4.344   0.50 42.71 ? 42  GLU A CG  1 
ATOM   356 C  CD  A GLU A 1 42 ? 12.050  -4.948  1.339   0.50 48.63 ? 42  GLU A CD  1 
ATOM   357 C  CD  B GLU A 1 42 ? 13.308  -3.443  3.809   0.50 66.10 ? 42  GLU A CD  1 
ATOM   358 O  OE1 A GLU A 1 42 ? 12.856  -5.590  2.070   0.50 64.43 ? 42  GLU A OE1 1 
ATOM   359 O  OE1 B GLU A 1 42 ? 14.058  -4.189  4.495   0.50 64.10 ? 42  GLU A OE1 1 
ATOM   360 O  OE2 A GLU A 1 42 ? 11.955  -5.133  0.125   0.50 33.17 ? 42  GLU A OE2 1 
ATOM   361 O  OE2 B GLU A 1 42 ? 13.700  -2.935  2.727   0.50 52.99 ? 42  GLU A OE2 1 
ATOM   362 N  N   . TRP A 1 43 ? 8.622   -1.751  1.466   1.00 20.52 ? 43  TRP A N   1 
ATOM   363 C  CA  . TRP A 1 43 ? 7.714   -1.543  0.318   1.00 19.55 ? 43  TRP A CA  1 
ATOM   364 C  C   . TRP A 1 43 ? 8.314   -2.048  -0.975  1.00 18.88 ? 43  TRP A C   1 
ATOM   365 O  O   . TRP A 1 43 ? 9.475   -1.794  -1.287  1.00 21.38 ? 43  TRP A O   1 
ATOM   366 C  CB  . TRP A 1 43 ? 7.394   -0.042  0.193   1.00 19.54 ? 43  TRP A CB  1 
ATOM   367 C  CG  . TRP A 1 43 ? 6.604   0.500   1.327   1.00 20.73 ? 43  TRP A CG  1 
ATOM   368 C  CD1 . TRP A 1 43 ? 7.004   0.674   2.611   1.00 20.71 ? 43  TRP A CD1 1 
ATOM   369 C  CD2 . TRP A 1 43 ? 5.204   0.785   1.295   1.00 19.98 ? 43  TRP A CD2 1 
ATOM   370 N  NE1 . TRP A 1 43 ? 5.976   1.156   3.387   1.00 20.86 ? 43  TRP A NE1 1 
ATOM   371 C  CE2 . TRP A 1 43 ? 4.850   1.205   2.606   1.00 20.68 ? 43  TRP A CE2 1 
ATOM   372 C  CE3 . TRP A 1 43 ? 4.241   0.814   0.282   1.00 19.12 ? 43  TRP A CE3 1 
ATOM   373 C  CZ2 . TRP A 1 43 ? 3.563   1.561   2.950   1.00 21.06 ? 43  TRP A CZ2 1 
ATOM   374 C  CZ3 . TRP A 1 43 ? 2.960   1.181   0.655   1.00 21.93 ? 43  TRP A CZ3 1 
ATOM   375 C  CH2 . TRP A 1 43 ? 2.650   1.559   1.944   1.00 22.25 ? 43  TRP A CH2 1 
ATOM   376 N  N   . THR A 1 44 ? 7.457   -2.667  -1.770  1.00 19.40 ? 44  THR A N   1 
ATOM   377 C  CA  . THR A 1 44 ? 7.698   -3.074  -3.163  1.00 20.82 ? 44  THR A CA  1 
ATOM   378 C  C   . THR A 1 44 ? 6.498   -2.718  -4.025  1.00 18.87 ? 44  THR A C   1 
ATOM   379 O  O   . THR A 1 44 ? 5.387   -2.600  -3.513  1.00 18.82 ? 44  THR A O   1 
ATOM   380 C  CB  . THR A 1 44 ? 8.102   -4.544  -3.254  1.00 22.85 ? 44  THR A CB  1 
ATOM   381 O  OG1 . THR A 1 44 ? 7.042   -5.353  -2.734  1.00 26.33 ? 44  THR A OG1 1 
ATOM   382 C  CG2 . THR A 1 44 ? 9.379   -4.871  -2.509  1.00 26.99 ? 44  THR A CG2 1 
ATOM   383 N  N   . TYR A 1 45 ? 6.734   -2.627  -5.328  1.00 20.07 ? 45  TYR A N   1 
ATOM   384 C  CA  . TYR A 1 45 ? 5.692   -2.272  -6.303  1.00 20.40 ? 45  TYR A CA  1 
ATOM   385 C  C   . TYR A 1 45 ? 5.799   -3.164  -7.527  1.00 20.62 ? 45  TYR A C   1 
ATOM   386 O  O   . TYR A 1 45 ? 6.901   -3.397  -8.029  1.00 24.59 ? 45  TYR A O   1 
ATOM   387 C  CB  . TYR A 1 45 ? 5.817   -0.829  -6.744  1.00 19.84 ? 45  TYR A CB  1 
ATOM   388 C  CG  . TYR A 1 45 ? 4.773   -0.349  -7.714  1.00 19.99 ? 45  TYR A CG  1 
ATOM   389 C  CD1 . TYR A 1 45 ? 3.411   -0.374  -7.404  1.00 18.73 ? 45  TYR A CD1 1 
ATOM   390 C  CD2 . TYR A 1 45 ? 5.104   0.054   -8.984  1.00 20.87 ? 45  TYR A CD2 1 
ATOM   391 C  CE1 . TYR A 1 45 ? 2.449   0.018   -8.328  1.00 19.01 ? 45  TYR A CE1 1 
ATOM   392 C  CE2 . TYR A 1 45 ? 4.161   0.497   -9.893  1.00 21.04 ? 45  TYR A CE2 1 
ATOM   393 C  CZ  . TYR A 1 45 ? 2.818   0.471   -9.557  1.00 18.57 ? 45  TYR A CZ  1 
ATOM   394 O  OH  . TYR A 1 45 ? 1.827   0.887   -10.386 1.00 21.95 ? 45  TYR A OH  1 
ATOM   395 N  N   . ASP A 1 46 ? 4.647   -3.671  -7.945  1.00 20.24 ? 46  ASP A N   1 
ATOM   396 C  CA  . ASP A 1 46 ? 4.474   -4.410  -9.219  1.00 23.38 ? 46  ASP A CA  1 
ATOM   397 C  C   . ASP A 1 46 ? 3.693   -3.564  -10.214 1.00 22.70 ? 46  ASP A C   1 
ATOM   398 O  O   . ASP A 1 46 ? 2.475   -3.394  -10.076 1.00 22.15 ? 46  ASP A O   1 
ATOM   399 C  CB  . ASP A 1 46 ? 3.800   -5.763  -8.992  1.00 25.60 ? 46  ASP A CB  1 
ATOM   400 C  CG  . ASP A 1 46 ? 3.737   -6.518  -10.301 1.00 34.13 ? 46  ASP A CG  1 
ATOM   401 O  OD1 . ASP A 1 46 ? 4.806   -6.893  -10.702 1.00 39.17 ? 46  ASP A OD1 1 
ATOM   402 O  OD2 . ASP A 1 46 ? 2.685   -6.769  -10.836 1.00 37.56 ? 46  ASP A OD2 1 
ATOM   403 N  N   . ASP A 1 47 ? 4.364   -3.009  -11.195 1.00 25.19 ? 47  ASP A N   1 
ATOM   404 C  CA  . ASP A 1 47 ? 3.720   -2.108  -12.189 1.00 25.93 ? 47  ASP A CA  1 
ATOM   405 C  C   . ASP A 1 47 ? 2.632   -2.817  -12.987 1.00 26.51 ? 47  ASP A C   1 
ATOM   406 O  O   . ASP A 1 47 ? 1.565   -2.243  -13.232 1.00 27.95 ? 47  ASP A O   1 
ATOM   407 C  CB  . ASP A 1 47 ? 4.767   -1.516  -13.122 1.00 31.13 ? 47  ASP A CB  1 
ATOM   408 C  CG  . ASP A 1 47 ? 4.222   -0.558  -14.157 1.00 45.78 ? 47  ASP A CG  1 
ATOM   409 O  OD1 . ASP A 1 47 ? 3.848   0.566   -13.771 1.00 52.28 ? 47  ASP A OD1 1 
ATOM   410 O  OD2 . ASP A 1 47 ? 4.184   -0.938  -15.322 1.00 69.83 ? 47  ASP A OD2 1 
ATOM   411 N  N   . ALA A 1 48 ? 2.824   -4.076  -13.319 1.00 28.05 ? 48  ALA A N   1 
ATOM   412 C  CA  . ALA A 1 48 ? 1.887   -4.807  -14.177 1.00 28.61 ? 48  ALA A CA  1 
ATOM   413 C  C   . ALA A 1 48 ? 0.531   -4.950  -13.523 1.00 29.37 ? 48  ALA A C   1 
ATOM   414 O  O   . ALA A 1 48 ? -0.436  -4.934  -14.228 1.00 31.93 ? 48  ALA A O   1 
ATOM   415 C  CB  . ALA A 1 48 ? 2.433   -6.177  -14.532 1.00 39.44 ? 48  ALA A CB  1 
ATOM   416 N  N   . THR A 1 49 ? 0.486   -5.033  -12.195 1.00 25.70 ? 49  THR A N   1 
ATOM   417 C  CA  . THR A 1 49 ? -0.792  -5.174  -11.449 1.00 24.07 ? 49  THR A CA  1 
ATOM   418 C  C   . THR A 1 49 ? -1.137  -3.920  -10.640 1.00 19.81 ? 49  THR A C   1 
ATOM   419 O  O   . THR A 1 49 ? -2.070  -4.001  -9.834  1.00 20.33 ? 49  THR A O   1 
ATOM   420 C  CB  . THR A 1 49 ? -0.701  -6.442  -10.593 1.00 24.19 ? 49  THR A CB  1 
ATOM   421 O  OG1 . THR A 1 49 ? 0.330   -6.303  -9.588  1.00 26.85 ? 49  THR A OG1 1 
ATOM   422 C  CG2 . THR A 1 49 ? -0.500  -7.681  -11.391 1.00 34.42 ? 49  THR A CG2 1 
ATOM   423 N  N   . LYS A 1 50 ? -0.348  -2.876  -10.795 1.00 19.79 ? 50  LYS A N   1 
ATOM   424 C  CA  . LYS A 1 50 ? -0.540  -1.623  -10.007 1.00 17.68 ? 50  LYS A CA  1 
ATOM   425 C  C   . LYS A 1 50 ? -0.722  -1.934  -8.524  1.00 17.84 ? 50  LYS A C   1 
ATOM   426 O  O   . LYS A 1 50 ? -1.621  -1.415  -7.859  1.00 17.69 ? 50  LYS A O   1 
ATOM   427 C  CB  . LYS A 1 50 ? -1.722  -0.840  -10.564 1.00 18.30 ? 50  LYS A CB  1 
ATOM   428 C  CG  . LYS A 1 50 ? -1.449  -0.187  -11.928 1.00 21.90 ? 50  LYS A CG  1 
ATOM   429 C  CD  . LYS A 1 50 ? -2.582  0.650   -12.435 1.00 24.46 ? 50  LYS A CD  1 
ATOM   430 C  CE  . LYS A 1 50 ? -2.307  1.354   -13.745 1.00 26.76 ? 50  LYS A CE  1 
ATOM   431 N  NZ  . LYS A 1 50 ? -2.014  0.432   -14.851 1.00 36.09 ? 50  LYS A NZ  1 
ATOM   432 N  N   . THR A 1 51 ? 0.122   -2.848  -8.019  1.00 18.07 ? 51  THR A N   1 
ATOM   433 C  CA  . THR A 1 51 ? 0.017   -3.350  -6.634  1.00 17.97 ? 51  THR A CA  1 
ATOM   434 C  C   . THR A 1 51 ? 1.311   -3.107  -5.857  1.00 17.11 ? 51  THR A C   1 
ATOM   435 O  O   . THR A 1 51 ? 2.384   -3.554  -6.270  1.00 19.23 ? 51  THR A O   1 
ATOM   436 C  CB  . THR A 1 51 ? -0.351  -4.813  -6.643  1.00 19.34 ? 51  THR A CB  1 
ATOM   437 O  OG1 . THR A 1 51 ? -1.631  -4.956  -7.261  1.00 20.90 ? 51  THR A OG1 1 
ATOM   438 C  CG2 . THR A 1 51 ? -0.471  -5.352  -5.233  1.00 19.73 ? 51  THR A CG2 1 
ATOM   439 N  N   . PHE A 1 52 ? 1.170   -2.430  -4.730  1.00 16.13 ? 52  PHE A N   1 
ATOM   440 C  CA  . PHE A 1 52 ? 2.221   -2.256  -3.734  1.00 15.99 ? 52  PHE A CA  1 
ATOM   441 C  C   . PHE A 1 52 ? 2.083   -3.380  -2.707  1.00 16.77 ? 52  PHE A C   1 
ATOM   442 O  O   . PHE A 1 52 ? 0.941   -3.773  -2.405  1.00 16.88 ? 52  PHE A O   1 
ATOM   443 C  CB  . PHE A 1 52 ? 2.089   -0.922  -3.030  1.00 16.00 ? 52  PHE A CB  1 
ATOM   444 C  CG  . PHE A 1 52 ? 2.285   0.262   -3.925  1.00 16.68 ? 52  PHE A CG  1 
ATOM   445 C  CD1 . PHE A 1 52 ? 1.233   0.786   -4.631  1.00 17.38 ? 52  PHE A CD1 1 
ATOM   446 C  CD2 . PHE A 1 52 ? 3.537   0.812   -4.101  1.00 16.48 ? 52  PHE A CD2 1 
ATOM   447 C  CE1 . PHE A 1 52 ? 1.423   1.881   -5.437  1.00 17.80 ? 52  PHE A CE1 1 
ATOM   448 C  CE2 . PHE A 1 52 ? 3.729   1.890   -4.936  1.00 18.26 ? 52  PHE A CE2 1 
ATOM   449 C  CZ  . PHE A 1 52 ? 2.657   2.429   -5.567  1.00 19.27 ? 52  PHE A CZ  1 
ATOM   450 N  N   . THR A 1 53 ? 3.178   -3.764  -2.095  1.00 17.74 ? 53  THR A N   1 
ATOM   451 C  CA  . THR A 1 53 ? 3.189   -4.619  -0.904  1.00 17.62 ? 53  THR A CA  1 
ATOM   452 C  C   . THR A 1 53 ? 4.017   -3.933  0.188   1.00 19.01 ? 53  THR A C   1 
ATOM   453 O  O   . THR A 1 53 ? 5.114   -3.440  -0.102  1.00 20.48 ? 53  THR A O   1 
ATOM   454 C  CB  . THR A 1 53 ? 3.720   -6.007  -1.237  1.00 20.66 ? 53  THR A CB  1 
ATOM   455 O  OG1 . THR A 1 53 ? 2.974   -6.605  -2.299  1.00 20.57 ? 53  THR A OG1 1 
ATOM   456 C  CG2 . THR A 1 53 ? 3.716   -6.947  -0.042  1.00 22.34 ? 53  THR A CG2 1 
ATOM   457 N  N   . VAL A 1 54 ? 3.510   -3.980  1.416   1.00 18.00 ? 54  VAL A N   1 
ATOM   458 C  CA  . VAL A 1 54 ? 4.238   -3.502  2.609   1.00 19.86 ? 54  VAL A CA  1 
ATOM   459 C  C   . VAL A 1 54 ? 4.419   -4.721  3.514   1.00 20.03 ? 54  VAL A C   1 
ATOM   460 O  O   . VAL A 1 54 ? 3.441   -5.344  3.892   1.00 20.70 ? 54  VAL A O   1 
ATOM   461 C  CB  . VAL A 1 54 ? 3.659   -2.253  3.319   1.00 20.50 ? 54  VAL A CB  1 
ATOM   462 C  CG1 . VAL A 1 54 ? 2.266   -2.468  3.801   1.00 21.22 ? 54  VAL A CG1 1 
ATOM   463 C  CG2 . VAL A 1 54 ? 4.556   -1.837  4.455   1.00 22.79 ? 54  VAL A CG2 1 
ATOM   464 N  N   . THR A 1 55 ? 5.661   -5.060  3.802   1.00 23.56 ? 55  THR A N   1 
ATOM   465 C  CA  . THR A 1 55 ? 5.974   -6.276  4.481   1.00 24.17 ? 55  THR A CA  1 
ATOM   466 C  C   . THR A 1 55 ? 6.753   -6.006  5.793   1.00 26.90 ? 55  THR A C   1 
ATOM   467 O  O   . THR A 1 55 ? 7.810   -5.348  5.736   1.00 29.88 ? 55  THR A O   1 
ATOM   468 C  CB  . THR A 1 55 ? 6.772   -7.245  3.603   1.00 27.41 ? 55  THR A CB  1 
ATOM   469 O  OG1 . THR A 1 55 ? 6.078   -7.504  2.396   1.00 30.66 ? 55  THR A OG1 1 
ATOM   470 C  CG2 . THR A 1 55 ? 7.080   -8.498  4.371   1.00 33.75 ? 55  THR A CG2 1 
ATOM   471 N  N   . GLU A 1 56 ? 6.223   -6.393  6.952   1.00 29.20 ? 56  GLU A N   1 
ATOM   472 C  CA  . GLU A 1 56 ? 6.980   -6.218  8.212   1.00 30.02 ? 56  GLU A CA  1 
ATOM   473 C  C   . GLU A 1 56 ? 7.759   -7.510  8.494   1.00 46.45 ? 56  GLU A C   1 
ATOM   474 O  O   . GLU A 1 56 ? 7.520   -8.546  7.889   1.00 41.78 ? 56  GLU A O   1 
ATOM   475 C  CB  . GLU A 1 56 ? 6.067   -5.933  9.396   1.00 33.66 ? 56  GLU A CB  1 
ATOM   476 C  CG  . GLU A 1 56 ? 5.456   -4.576  9.366   1.00 34.29 ? 56  GLU A CG  1 
ATOM   477 C  CD  . GLU A 1 56 ? 4.633   -4.228  10.592  1.00 32.25 ? 56  GLU A CD  1 
ATOM   478 O  OE1 . GLU A 1 56 ? 4.779   -3.128  11.093  1.00 39.00 ? 56  GLU A OE1 1 
ATOM   479 O  OE2 . GLU A 1 56 ? 3.866   -5.055  11.038  1.00 40.33 ? 56  GLU A OE2 1 
ATOM   480 O  OXT . GLU A 1 56 ? 8.625   -7.486  9.333   1.00 50.82 ? 56  GLU A OXT 1 
HETATM 481 ZN ZN  . ZN  B 2 .  ? -8.391  6.600   -12.093 1.00 16.39 ? 101 ZN  A ZN  1 
HETATM 482 ZN ZN  . ZN  C 2 .  ? -7.589  5.868   2.452   1.00 19.93 ? 102 ZN  A ZN  1 
HETATM 483 CL CL  . CL  D 3 .  ? -9.151  4.673   1.500   1.00 21.84 ? 103 CL  A CL  1 
HETATM 484 CL CL  . CL  E 3 .  ? -10.158 5.586   -12.881 1.00 20.49 ? 104 CL  A CL  1 
HETATM 485 C  C1  . GOL F 4 .  ? -6.893  7.843   -3.488  1.00 39.88 ? 105 GOL A C1  1 
HETATM 486 O  O1  . GOL F 4 .  ? -6.508  8.755   -4.527  1.00 51.39 ? 105 GOL A O1  1 
HETATM 487 C  C2  . GOL F 4 .  ? -8.124  8.304   -2.736  1.00 46.02 ? 105 GOL A C2  1 
HETATM 488 O  O2  . GOL F 4 .  ? -9.240  8.306   -3.609  1.00 53.61 ? 105 GOL A O2  1 
HETATM 489 C  C3  . GOL F 4 .  ? -8.479  7.435   -1.559  1.00 38.19 ? 105 GOL A C3  1 
HETATM 490 O  O3  . GOL F 4 .  ? -9.576  7.971   -0.861  1.00 43.30 ? 105 GOL A O3  1 
HETATM 491 CL CL  . CL  G 3 .  ? 9.127   6.789   2.297   1.00 26.21 ? 106 CL  A CL  1 
HETATM 492 NA NA  . NA  H 5 .  ? -6.470  10.772  -4.864  1.00 55.21 ? 107 NA  A NA  1 
HETATM 493 NA NA  . NA  I 5 .  ? 2.552   1.892   -12.663 1.00 41.69 ? 108 NA  A NA  1 
HETATM 494 O  O   . HOH J 6 .  ? 4.169   2.815   7.529   1.00 58.08 ? 201 HOH A O   1 
HETATM 495 O  O   . HOH J 6 .  ? 4.370   4.347   5.704   1.00 36.75 ? 202 HOH A O   1 
HETATM 496 O  O   . HOH J 6 .  ? 3.496   14.914  -1.163  1.00 71.78 ? 203 HOH A O   1 
HETATM 497 O  O   . HOH J 6 .  ? -4.655  -8.640  -4.401  1.00 63.66 ? 204 HOH A O   1 
HETATM 498 O  O   . HOH J 6 .  ? -4.852  -7.326  -8.834  1.00 54.29 ? 205 HOH A O   1 
HETATM 499 O  O   . HOH J 6 .  ? 5.279   -9.797  1.700   1.00 34.19 ? 206 HOH A O   1 
HETATM 500 O  O   . HOH J 6 .  ? 12.886  -5.462  -2.201  1.00 61.91 ? 207 HOH A O   1 
HETATM 501 O  O   . HOH J 6 .  ? 0.501   -0.503  -14.757 1.00 56.48 ? 208 HOH A O   1 
HETATM 502 O  O   . HOH J 6 .  ? 9.310   1.697   6.207   1.00 51.64 ? 209 HOH A O   1 
HETATM 503 O  O   . HOH J 6 .  ? 11.781  -2.282  -0.294  1.00 41.22 ? 210 HOH A O   1 
HETATM 504 O  O   . HOH J 6 .  ? -3.369  5.941   -12.619 1.00 33.17 ? 211 HOH A O   1 
HETATM 505 O  O   . HOH J 6 .  ? 3.434   -3.023  13.363  1.00 57.17 ? 212 HOH A O   1 
HETATM 506 O  O   . HOH J 6 .  ? -8.971  9.503   -5.948  1.00 35.50 ? 213 HOH A O   1 
HETATM 507 O  O   . HOH J 6 .  ? -3.376  10.780  0.319   1.00 31.49 ? 214 HOH A O   1 
HETATM 508 O  O   . HOH J 6 .  ? 5.779   7.072   -5.538  1.00 24.00 ? 215 HOH A O   1 
HETATM 509 O  O   . HOH J 6 .  ? -2.489  -1.163  14.331  1.00 44.99 ? 216 HOH A O   1 
HETATM 510 O  O   . HOH J 6 .  ? -5.105  10.209  -2.778  1.00 58.61 ? 217 HOH A O   1 
HETATM 511 O  O   . HOH J 6 .  ? -5.796  -1.113  -12.183 1.00 41.44 ? 218 HOH A O   1 
HETATM 512 O  O   . HOH J 6 .  ? 7.148   -7.368  -9.480  1.00 73.21 ? 219 HOH A O   1 
HETATM 513 O  O   . HOH J 6 .  ? -7.504  -7.892  -4.699  1.00 50.48 ? 220 HOH A O   1 
HETATM 514 O  O   . HOH J 6 .  ? 10.706  3.215   9.787   1.00 55.10 ? 221 HOH A O   1 
HETATM 515 O  O   . HOH J 6 .  ? 0.590   3.550   -13.052 1.00 36.05 ? 222 HOH A O   1 
HETATM 516 O  O   . HOH J 6 .  ? 4.915   -9.900  7.666   1.00 56.48 ? 223 HOH A O   1 
HETATM 517 O  O   . HOH J 6 .  ? 2.912   -9.125  -12.124 1.00 50.57 ? 224 HOH A O   1 
HETATM 518 O  O   . HOH J 6 .  ? -2.857  -7.359  -7.231  1.00 36.63 ? 225 HOH A O   1 
HETATM 519 O  O   . HOH J 6 .  ? -1.899  10.168  -14.616 1.00 27.92 ? 226 HOH A O   1 
HETATM 520 O  O   . HOH J 6 .  ? 5.938   -6.455  -4.941  1.00 39.74 ? 227 HOH A O   1 
HETATM 521 O  O   . HOH J 6 .  ? 0.145   -8.238  -7.696  1.00 45.01 ? 228 HOH A O   1 
HETATM 522 O  O   A HOH J 6 .  ? -4.600  9.599   3.864   0.60 33.94 ? 229 HOH A O   1 
HETATM 523 O  O   . HOH J 6 .  ? -11.188 -1.490  -10.335 1.00 55.38 ? 230 HOH A O   1 
HETATM 524 O  O   . HOH J 6 .  ? 10.750  0.159   7.810   1.00 56.94 ? 231 HOH A O   1 
HETATM 525 O  O   . HOH J 6 .  ? 1.176   -4.862  11.490  1.00 33.78 ? 232 HOH A O   1 
HETATM 526 O  O   . HOH J 6 .  ? 7.227   -5.644  0.475   1.00 29.25 ? 233 HOH A O   1 
HETATM 527 O  O   . HOH J 6 .  ? 3.306   -5.851  -4.911  1.00 23.69 ? 234 HOH A O   1 
HETATM 528 O  O   . HOH J 6 .  ? -0.981  -10.183 3.308   1.00 35.53 ? 235 HOH A O   1 
HETATM 529 O  O   . HOH J 6 .  ? 2.295   9.596   2.566   1.00 47.74 ? 236 HOH A O   1 
HETATM 530 O  O   . HOH J 6 .  ? -1.495  -3.465  15.587  1.00 90.61 ? 237 HOH A O   1 
HETATM 531 O  O   . HOH J 6 .  ? 2.987   -9.364  -2.409  1.00 31.70 ? 238 HOH A O   1 
HETATM 532 O  O   . HOH J 6 .  ? -12.032 8.083   -7.297  1.00 23.82 ? 239 HOH A O   1 
HETATM 533 O  O   . HOH J 6 .  ? 9.742   -6.531  1.027   1.00 45.40 ? 240 HOH A O   1 
HETATM 534 O  O   . HOH J 6 .  ? 1.544   12.973  -8.966  1.00 52.16 ? 241 HOH A O   1 
HETATM 535 O  O   . HOH J 6 .  ? -1.367  -11.956 11.496  1.00 46.89 ? 242 HOH A O   1 
HETATM 536 O  O   . HOH J 6 .  ? -3.412  6.468   13.728  0.50 40.65 ? 243 HOH A O   1 
HETATM 537 O  O   . HOH J 6 .  ? 8.394   3.354   4.458   1.00 42.16 ? 244 HOH A O   1 
HETATM 538 O  O   . HOH J 6 .  ? -2.173  10.789  -2.253  1.00 25.95 ? 245 HOH A O   1 
HETATM 539 O  O   . HOH J 6 .  ? 10.503  -6.105  6.303   1.00 54.26 ? 246 HOH A O   1 
HETATM 540 O  O   . HOH J 6 .  ? -10.334 5.688   -3.974  1.00 27.57 ? 247 HOH A O   1 
HETATM 541 O  O   . HOH J 6 .  ? -8.030  0.666   -13.193 1.00 34.99 ? 248 HOH A O   1 
HETATM 542 O  O   . HOH J 6 .  ? -2.480  13.837  -7.140  1.00 35.32 ? 249 HOH A O   1 
HETATM 543 O  O   . HOH J 6 .  ? 3.694   4.425   12.177  1.00 79.51 ? 250 HOH A O   1 
HETATM 544 O  O   . HOH J 6 .  ? 7.248   -2.994  -11.105 1.00 46.66 ? 251 HOH A O   1 
HETATM 545 O  O   . HOH J 6 .  ? 0.642   -2.388  13.232  1.00 44.02 ? 252 HOH A O   1 
HETATM 546 O  O   . HOH J 6 .  ? -10.704 2.813   -11.366 1.00 35.55 ? 253 HOH A O   1 
HETATM 547 O  O   . HOH J 6 .  ? -9.669  -4.847  -1.423  0.50 21.81 ? 254 HOH A O   1 
HETATM 548 O  O   . HOH J 6 .  ? 9.587   -2.660  -6.015  1.00 28.73 ? 255 HOH A O   1 
HETATM 549 O  O   . HOH J 6 .  ? 5.853   1.464   6.313   1.00 36.68 ? 256 HOH A O   1 
HETATM 550 O  O   . HOH J 6 .  ? -10.980 1.574   -7.519  1.00 53.70 ? 257 HOH A O   1 
HETATM 551 O  O   . HOH J 6 .  ? 1.548   9.809   7.042   1.00 58.01 ? 258 HOH A O   1 
HETATM 552 O  O   . HOH J 6 .  ? -4.610  -2.527  -9.044  1.00 25.94 ? 259 HOH A O   1 
HETATM 553 O  O   . HOH J 6 .  ? -6.783  0.372   5.565   0.50 37.82 ? 260 HOH A O   1 
HETATM 554 O  O   . HOH J 6 .  ? 1.768   6.331   -12.615 1.00 33.18 ? 261 HOH A O   1 
HETATM 555 O  O   . HOH J 6 .  ? -11.633 0.443   -4.835  1.00 40.43 ? 262 HOH A O   1 
HETATM 556 O  O   . HOH J 6 .  ? -0.402  9.517   7.950   1.00 51.74 ? 263 HOH A O   1 
HETATM 557 O  O   . HOH J 6 .  ? 5.031   3.612   10.017  1.00 77.32 ? 264 HOH A O   1 
HETATM 558 O  O   . HOH J 6 .  ? 11.043  0.881   4.803   1.00 55.52 ? 265 HOH A O   1 
HETATM 559 O  O   . HOH J 6 .  ? 3.452   8.166   -10.703 1.00 27.58 ? 266 HOH A O   1 
HETATM 560 O  O   . HOH J 6 .  ? -2.121  5.249   -14.506 1.00 41.77 ? 267 HOH A O   1 
HETATM 561 O  O   . HOH J 6 .  ? -5.009  -0.312  -14.818 1.00 42.44 ? 268 HOH A O   1 
HETATM 562 O  O   . HOH J 6 .  ? 3.652   10.884  -11.232 1.00 52.68 ? 269 HOH A O   1 
HETATM 563 O  O   . HOH J 6 .  ? -3.123  -9.827  1.816   1.00 38.60 ? 270 HOH A O   1 
HETATM 564 O  O   . HOH J 6 .  ? 4.728   -13.680 4.850   1.00 70.17 ? 271 HOH A O   1 
HETATM 565 O  O   . HOH J 6 .  ? 6.264   6.083   5.548   1.00 59.23 ? 272 HOH A O   1 
HETATM 566 O  O   . HOH J 6 .  ? 10.748  -7.591  3.251   1.00 52.02 ? 273 HOH A O   1 
HETATM 567 O  O   . HOH J 6 .  ? 7.722   -3.492  12.353  1.00 56.61 ? 274 HOH A O   1 
HETATM 568 O  O   . HOH J 6 .  ? 7.637   -6.368  -7.025  1.00 54.72 ? 275 HOH A O   1 
HETATM 569 O  O   . HOH J 6 .  ? -1.176  13.136  -3.262  1.00 49.23 ? 276 HOH A O   1 
HETATM 570 O  O   . HOH J 6 .  ? 3.998   -11.539 9.781   1.00 74.04 ? 277 HOH A O   1 
HETATM 571 O  O   . HOH J 6 .  ? 2.239   -5.254  14.500  1.00 77.78 ? 278 HOH A O   1 
HETATM 572 O  O   . HOH J 6 .  ? 1.427   12.848  -5.600  1.00 63.94 ? 279 HOH A O   1 
HETATM 573 O  O   . HOH J 6 .  ? -3.577  2.026   -17.432 1.00 61.17 ? 280 HOH A O   1 
HETATM 574 O  O   . HOH J 6 .  ? -6.958  11.377  0.965   1.00 58.13 ? 281 HOH A O   1 
HETATM 575 O  O   . HOH J 6 .  ? -1.336  3.036   15.641  1.00 66.27 ? 282 HOH A O   1 
HETATM 576 O  O   . HOH J 6 .  ? -4.291  -5.050  14.823  1.00 54.60 ? 283 HOH A O   1 
HETATM 577 O  O   . HOH J 6 .  ? -3.372  12.940  5.134   1.00 75.65 ? 284 HOH A O   1 
HETATM 578 O  O   . HOH J 6 .  ? -3.698  -3.206  -13.118 1.00 56.08 ? 285 HOH A O   1 
HETATM 579 O  O   . HOH J 6 .  ? -12.539 2.865   -9.352  1.00 45.03 ? 286 HOH A O   1 
HETATM 580 O  O   . HOH J 6 .  ? 4.816   3.883   -12.120 1.00 74.30 ? 287 HOH A O   1 
HETATM 581 O  O   . HOH J 6 .  ? 2.991   -10.547 0.187   1.00 44.12 ? 288 HOH A O   1 
HETATM 582 O  O   . HOH J 6 .  ? 0.885   -11.267 1.554   1.00 48.51 ? 289 HOH A O   1 
HETATM 583 O  O   . HOH J 6 .  ? 4.093   -9.295  -7.686  1.00 56.00 ? 290 HOH A O   1 
HETATM 584 O  O   . HOH J 6 .  ? 5.655   -9.413  -2.985  1.00 54.42 ? 291 HOH A O   1 
HETATM 585 O  O   . HOH J 6 .  ? 1.656   -13.750 2.405   1.00 54.66 ? 292 HOH A O   1 
HETATM 586 O  O   . HOH J 6 .  ? 7.536   0.259   -11.753 1.00 74.92 ? 293 HOH A O   1 
HETATM 587 O  O   . HOH J 6 .  ? 2.221   -8.102  -6.188  1.00 33.40 ? 294 HOH A O   1 
HETATM 588 O  O   . HOH J 6 .  ? 4.183   11.809  1.039   1.00 49.02 ? 295 HOH A O   1 
HETATM 589 O  O   . HOH J 6 .  ? 4.636   12.055  -5.281  1.00 53.96 ? 296 HOH A O   1 
HETATM 590 O  O   . HOH J 6 .  ? -2.374  4.230   -16.856 1.00 48.68 ? 297 HOH A O   1 
HETATM 591 O  O   . HOH J 6 .  ? -13.184 2.284   -4.003  1.00 52.69 ? 298 HOH A O   1 
HETATM 592 O  O   . HOH J 6 .  ? -9.260  -7.695  -2.292  1.00 40.94 ? 299 HOH A O   1 
HETATM 593 O  O   . HOH J 6 .  ? 9.712   -8.742  -1.389  1.00 73.40 ? 300 HOH A O   1 
HETATM 594 O  O   . HOH J 6 .  ? -3.702  -10.261 -3.350  1.00 50.22 ? 301 HOH A O   1 
HETATM 595 O  O   . HOH J 6 .  ? -12.805 6.098   -5.497  1.00 38.27 ? 302 HOH A O   1 
HETATM 596 O  O   . HOH J 6 .  ? 1.671   -10.481 -4.335  1.00 48.46 ? 303 HOH A O   1 
HETATM 597 O  O   . HOH J 6 .  ? 4.483   12.109  -2.093  1.00 51.32 ? 304 HOH A O   1 
HETATM 598 O  O   . HOH J 6 .  ? -9.949  0.273   -14.512 1.00 65.25 ? 305 HOH A O   1 
HETATM 599 O  O   . HOH J 6 .  ? 10.861  -8.159  -3.872  1.00 81.62 ? 306 HOH A O   1 
HETATM 600 O  O   . HOH J 6 .  ? -5.379  13.753  -7.757  1.00 44.68 ? 307 HOH A O   1 
HETATM 601 O  O   . HOH J 6 .  ? 7.502   2.640   -10.958 1.00 62.73 ? 308 HOH A O   1 
HETATM 602 O  O   . HOH J 6 .  ? -2.984  -11.010 -0.445  1.00 51.14 ? 309 HOH A O   1 
HETATM 603 O  O   . HOH J 6 .  ? 6.820   10.804  -7.947  1.00 64.02 ? 310 HOH A O   1 
HETATM 604 O  O   . HOH J 6 .  ? -4.228  15.160  -10.631 1.00 45.86 ? 311 HOH A O   1 
HETATM 605 O  O   . HOH J 6 .  ? -0.584  -11.491 -4.332  1.00 63.05 ? 312 HOH A O   1 
HETATM 606 O  O   . HOH J 6 .  ? -0.562  -11.860 -0.928  1.00 59.52 ? 313 HOH A O   1 
# 
loop_
_atom_site_anisotrop.id 
_atom_site_anisotrop.type_symbol 
_atom_site_anisotrop.pdbx_label_atom_id 
_atom_site_anisotrop.pdbx_label_alt_id 
_atom_site_anisotrop.pdbx_label_comp_id 
_atom_site_anisotrop.pdbx_label_asym_id 
_atom_site_anisotrop.pdbx_label_seq_id 
_atom_site_anisotrop.pdbx_PDB_ins_code 
_atom_site_anisotrop.U[1][1] 
_atom_site_anisotrop.U[2][2] 
_atom_site_anisotrop.U[3][3] 
_atom_site_anisotrop.U[1][2] 
_atom_site_anisotrop.U[1][3] 
_atom_site_anisotrop.U[2][3] 
_atom_site_anisotrop.pdbx_auth_seq_id 
_atom_site_anisotrop.pdbx_auth_comp_id 
_atom_site_anisotrop.pdbx_auth_asym_id 
_atom_site_anisotrop.pdbx_auth_atom_id 
1   N  N   . MET A 1  ? 0.2180 0.2431 0.1778 0.0511  -0.0148 -0.0050 1   MET A N   
2   C  CA  . MET A 1  ? 0.2498 0.2117 0.1700 0.0333  0.0073  0.0053  1   MET A CA  
3   C  C   . MET A 1  ? 0.2085 0.2002 0.1953 0.0030  -0.0168 0.0036  1   MET A C   
4   O  O   . MET A 1  ? 0.2059 0.2159 0.1960 -0.0092 -0.0131 -0.0013 1   MET A O   
5   C  CB  . MET A 1  ? 0.2710 0.2412 0.1773 0.0306  -0.0074 0.0009  1   MET A CB  
6   C  CG  . MET A 1  ? 0.3006 0.2852 0.1825 0.0529  0.0150  0.0192  1   MET A CG  
7   S  SD  . MET A 1  ? 0.3200 0.2899 0.2153 0.0167  -0.0027 0.0081  1   MET A SD  
8   C  CE  . MET A 1  ? 0.3641 0.3431 0.1918 0.0825  0.0486  0.0543  1   MET A CE  
9   N  N   . THR A 2  ? 0.2515 0.2124 0.1706 0.0027  -0.0266 -0.0099 2   THR A N   
10  C  CA  . THR A 2  ? 0.2172 0.2220 0.1644 0.0004  -0.0277 0.0079  2   THR A CA  
11  C  C   . THR A 2  ? 0.2275 0.1937 0.1839 -0.0019 -0.0026 -0.0062 2   THR A C   
12  O  O   . THR A 2  ? 0.2404 0.2477 0.1815 0.0270  -0.0228 -0.0307 2   THR A O   
13  C  CB  . THR A 2  ? 0.2517 0.2486 0.2051 -0.0342 -0.0238 0.0087  2   THR A CB  
14  O  OG1 . THR A 2  ? 0.2335 0.3576 0.2983 -0.0307 -0.0699 0.0509  2   THR A OG1 
15  C  CG2 . THR A 2  ? 0.2663 0.2508 0.2541 -0.0421 -0.0351 0.0207  2   THR A CG2 
16  N  N   . TYR A 3  ? 0.1931 0.2244 0.1633 0.0080  -0.0071 -0.0095 3   TYR A N   
17  C  CA  . TYR A 3  ? 0.2026 0.2124 0.1564 0.0092  -0.0013 -0.0192 3   TYR A CA  
18  C  C   . TYR A 3  ? 0.1919 0.2110 0.1651 0.0153  -0.0123 -0.0205 3   TYR A C   
19  O  O   . TYR A 3  ? 0.1955 0.1976 0.1773 0.0092  -0.0030 -0.0068 3   TYR A O   
20  C  CB  . TYR A 3  ? 0.2010 0.2217 0.1683 -0.0044 -0.0058 -0.0320 3   TYR A CB  
21  C  CG  . TYR A 3  ? 0.2205 0.1869 0.1979 -0.0113 0.0064  -0.0056 3   TYR A CG  
22  C  CD1 . TYR A 3  ? 0.2097 0.2186 0.1997 -0.0164 0.0167  -0.0106 3   TYR A CD1 
23  C  CD2 . TYR A 3  ? 0.1996 0.2125 0.1971 -0.0126 0.0024  -0.0059 3   TYR A CD2 
24  C  CE1 . TYR A 3  ? 0.2226 0.2357 0.2295 0.0014  -0.0258 0.0177  3   TYR A CE1 
25  C  CE2 . TYR A 3  ? 0.1829 0.2428 0.2254 -0.0082 0.0057  0.0055  3   TYR A CE2 
26  C  CZ  . TYR A 3  ? 0.2180 0.2349 0.1991 -0.0062 -0.0092 0.0118  3   TYR A CZ  
27  O  OH  . TYR A 3  ? 0.2595 0.3157 0.2337 -0.0183 0.0036  0.0521  3   TYR A OH  
28  N  N   . LYS A 4  ? 0.1819 0.2104 0.1685 0.0068  0.0124  -0.0149 4   LYS A N   
29  C  CA  A LYS A 4  ? 0.1935 0.2093 0.1532 -0.0003 -0.0058 -0.0039 4   LYS A CA  
30  C  CA  B LYS A 4  ? 0.1979 0.1882 0.1724 0.0116  -0.0136 -0.0084 4   LYS A CA  
31  C  C   . LYS A 4  ? 0.2055 0.1959 0.1657 0.0023  -0.0053 -0.0033 4   LYS A C   
32  O  O   . LYS A 4  ? 0.1891 0.2215 0.1885 -0.0028 0.0009  0.0119  4   LYS A O   
33  C  CB  A LYS A 4  ? 0.2069 0.2209 0.1992 -0.0247 -0.0167 -0.0287 4   LYS A CB  
34  C  CB  B LYS A 4  ? 0.2432 0.1731 0.2285 0.0228  -0.0001 -0.0219 4   LYS A CB  
35  C  CG  A LYS A 4  ? 0.2357 0.2414 0.2689 -0.0182 -0.0574 -0.0377 4   LYS A CG  
36  C  CG  B LYS A 4  ? 0.2604 0.1917 0.2047 0.0037  -0.0171 -0.0056 4   LYS A CG  
37  C  CD  A LYS A 4  ? 0.3205 0.2244 0.3502 0.0396  -0.0579 -0.0921 4   LYS A CD  
38  C  CD  B LYS A 4  ? 0.3194 0.1997 0.2176 -0.0299 0.0340  0.0043  4   LYS A CD  
39  C  CE  A LYS A 4  ? 0.3227 0.3017 0.3097 0.0336  -0.0441 -0.1121 4   LYS A CE  
40  C  CE  B LYS A 4  ? 0.3904 0.2487 0.3000 -0.0181 -0.0491 -0.0446 4   LYS A CE  
41  N  NZ  A LYS A 4  ? 0.5002 0.3768 0.3102 -0.0683 -0.0147 -0.1005 4   LYS A NZ  
42  N  NZ  B LYS A 4  ? 0.3784 0.2841 0.3122 -0.0596 -0.0486 -0.0915 4   LYS A NZ  
43  N  N   . LEU A 5  ? 0.1796 0.2006 0.1593 -0.0008 -0.0091 -0.0051 5   LEU A N   
44  C  CA  . LEU A 5  ? 0.1804 0.2007 0.1791 0.0184  -0.0116 0.0096  5   LEU A CA  
45  C  C   . LEU A 5  ? 0.1770 0.2158 0.1777 -0.0036 -0.0061 0.0056  5   LEU A C   
46  O  O   . LEU A 5  ? 0.1905 0.2030 0.2094 0.0027  0.0011  0.0182  5   LEU A O   
47  C  CB  . LEU A 5  ? 0.1934 0.1952 0.1945 0.0021  0.0071  0.0106  5   LEU A CB  
48  C  CG  . LEU A 5  ? 0.2151 0.2058 0.1972 -0.0015 -0.0089 0.0131  5   LEU A CG  
49  C  CD1 . LEU A 5  ? 0.1994 0.2640 0.1877 -0.0286 -0.0540 0.0121  5   LEU A CD1 
50  C  CD2 . LEU A 5  ? 0.2512 0.2404 0.1859 -0.0161 -0.0208 0.0189  5   LEU A CD2 
51  N  N   . ILE A 6  ? 0.1896 0.1943 0.2068 0.0064  0.0029  0.0197  6   ILE A N   
52  C  CA  . ILE A 6  ? 0.1918 0.1887 0.2047 -0.0076 -0.0065 0.0026  6   ILE A CA  
53  C  C   . ILE A 6  ? 0.2071 0.1952 0.2020 -0.0036 -0.0176 0.0137  6   ILE A C   
54  O  O   . ILE A 6  ? 0.2033 0.2166 0.2374 -0.0185 -0.0155 0.0283  6   ILE A O   
55  C  CB  . ILE A 6  ? 0.2419 0.1525 0.3155 -0.0065 0.0245  0.0068  6   ILE A CB  
56  C  CG1 . ILE A 6  ? 0.3282 0.2038 0.2905 0.0167  0.0091  -0.0223 6   ILE A CG1 
57  C  CG2 . ILE A 6  ? 0.2552 0.2031 0.2782 -0.0025 0.0086  0.0183  6   ILE A CG2 
58  C  CD1 . ILE A 6  ? 0.3013 0.2362 0.3101 0.0147  0.0082  -0.0316 6   ILE A CD1 
59  N  N   . LEU A 7  ? 0.1960 0.2069 0.2138 -0.0165 -0.0090 0.0140  7   LEU A N   
60  C  CA  A LEU A 7  ? 0.2100 0.2601 0.2254 -0.0229 -0.0297 0.0500  7   LEU A CA  
61  C  CA  B LEU A 7  ? 0.2110 0.2593 0.2202 -0.0165 -0.0268 0.0491  7   LEU A CA  
62  C  C   . LEU A 7  ? 0.2092 0.2473 0.2537 -0.0183 -0.0013 0.0572  7   LEU A C   
63  O  O   . LEU A 7  ? 0.2166 0.2545 0.2702 -0.0424 -0.0316 0.0583  7   LEU A O   
64  C  CB  A LEU A 7  ? 0.2846 0.2572 0.2130 -0.0557 0.0094  -0.0065 7   LEU A CB  
65  C  CB  B LEU A 7  ? 0.2544 0.2343 0.2250 -0.0146 -0.0072 0.0120  7   LEU A CB  
66  C  CG  A LEU A 7  ? 0.2624 0.2580 0.2130 -0.0503 0.0215  0.0319  7   LEU A CG  
67  C  CG  B LEU A 7  ? 0.2640 0.2189 0.2110 -0.0290 -0.0163 0.0155  7   LEU A CG  
68  C  CD1 A LEU A 7  ? 0.2879 0.3399 0.3562 -0.0131 0.0771  -0.0316 7   LEU A CD1 
69  C  CD1 B LEU A 7  ? 0.2316 0.1950 0.2680 -0.0009 -0.0315 -0.0030 7   LEU A CD1 
70  C  CD2 A LEU A 7  ? 0.2668 0.2461 0.3215 -0.0724 -0.0375 0.0922  7   LEU A CD2 
71  C  CD2 B LEU A 7  ? 0.3202 0.2892 0.2163 0.0032  -0.0456 -0.0033 7   LEU A CD2 
72  N  N   . ASN A 8  ? 0.2059 0.2702 0.3379 -0.0258 -0.0299 0.0840  8   ASN A N   
73  C  CA  . ASN A 8  ? 0.2495 0.2635 0.3329 -0.0274 -0.0569 0.0725  8   ASN A CA  
74  C  C   . ASN A 8  ? 0.2573 0.2955 0.3358 -0.0254 -0.0355 0.0626  8   ASN A C   
75  O  O   . ASN A 8  ? 0.2492 0.3463 0.4037 -0.0467 -0.0609 0.1452  8   ASN A O   
76  C  CB  . ASN A 8  ? 0.2923 0.2812 0.3914 0.0076  -0.0490 0.0460  8   ASN A CB  
77  C  CG  . ASN A 8  ? 0.3944 0.3720 0.4894 0.0950  -0.0444 0.0863  8   ASN A CG  
78  O  OD1 . ASN A 8  ? 0.4236 0.4708 0.5676 0.0973  -0.0166 0.0225  8   ASN A OD1 
79  N  ND2 . ASN A 8  ? 0.3567 0.2972 0.5787 0.0345  -0.0424 0.1261  8   ASN A ND2 
80  N  N   . GLY A 9  ? 0.2387 0.3855 0.3158 -0.0304 -0.0750 0.0499  9   GLY A N   
81  C  CA  . GLY A 9  ? 0.3500 0.3498 0.3283 -0.0622 -0.1117 0.0317  9   GLY A CA  
82  C  C   . GLY A 9  ? 0.3384 0.4942 0.4318 -0.0856 -0.1844 0.1691  9   GLY A C   
83  O  O   . GLY A 9  ? 0.3795 0.4957 0.4197 -0.1369 -0.1623 0.1866  9   GLY A O   
84  N  N   . LYS A 10 ? 0.3380 0.4652 0.4336 -0.1071 -0.1505 0.1214  10  LYS A N   
85  C  CA  . LYS A 10 ? 0.4608 0.4420 0.4261 -0.0805 -0.1192 0.1069  10  LYS A CA  
86  C  C   . LYS A 10 ? 0.4781 0.5288 0.5013 -0.1069 -0.1369 0.0921  10  LYS A C   
87  O  O   . LYS A 10 ? 0.4764 0.5225 0.5253 -0.0983 -0.1211 0.2693  10  LYS A O   
88  C  CB  . LYS A 10 ? 0.5255 0.6026 0.3387 -0.1199 -0.1437 0.1786  10  LYS A CB  
89  C  CG  . LYS A 10 ? 0.5961 0.6177 0.6092 -0.0168 0.0676  0.2469  10  LYS A CG  
90  C  CD  . LYS A 10 ? 0.6065 0.8863 0.5457 0.0885  -0.0636 0.1748  10  LYS A CD  
91  C  CE  . LYS A 10 ? 0.6170 1.0768 0.8699 0.1829  -0.2006 0.2957  10  LYS A CE  
92  N  NZ  . LYS A 10 ? 1.5068 0.8373 0.8156 0.2482  -0.1295 0.3590  10  LYS A NZ  
93  N  N   . THR A 11 ? 0.4506 0.4982 0.2575 -0.1006 -0.1417 0.1556  11  THR A N   
94  C  CA  . THR A 11 ? 0.3724 0.6023 0.3379 -0.1191 -0.1290 0.2438  11  THR A CA  
95  C  C   . THR A 11 ? 0.2951 0.6806 0.2824 -0.0385 -0.0517 0.1703  11  THR A C   
96  O  O   . THR A 11 ? 0.3491 0.7993 0.3158 -0.0701 -0.0011 0.1879  11  THR A O   
97  C  CB  . THR A 11 ? 0.6227 0.7587 0.6622 -0.1292 0.0036  0.0333  11  THR A CB  
98  O  OG1 . THR A 11 ? 0.7855 0.6630 0.4704 -0.0595 -0.0881 0.1915  11  THR A OG1 
99  C  CG2 . THR A 11 ? 0.5157 0.7553 0.6980 -0.0905 0.0213  0.0355  11  THR A CG2 
100 N  N   . HIS A 12 ? 0.2578 0.5036 0.2696 -0.0543 -0.0273 0.0648  12  HIS A N   
101 C  CA  . HIS A 12 ? 0.2052 0.4287 0.3388 -0.0407 -0.0643 0.0627  12  HIS A CA  
102 C  C   . HIS A 12 ? 0.3023 0.4119 0.2890 -0.0589 -0.0838 0.1223  12  HIS A C   
103 O  O   . HIS A 12 ? 0.2575 0.3847 0.2939 -0.0463 -0.0397 0.0489  12  HIS A O   
104 C  CB  . HIS A 12 ? 0.2657 0.4676 0.2129 -0.0418 -0.0626 0.0362  12  HIS A CB  
105 C  CG  . HIS A 12 ? 0.2426 0.4185 0.1966 -0.0761 -0.0270 0.0129  12  HIS A CG  
106 N  ND1 . HIS A 12 ? 0.2755 0.3785 0.2325 -0.0470 0.0227  -0.0098 12  HIS A ND1 
107 C  CD2 . HIS A 12 ? 0.2603 0.4866 0.2752 -0.1015 -0.1039 0.0536  12  HIS A CD2 
108 C  CE1 . HIS A 12 ? 0.3117 0.4499 0.2120 -0.1590 -0.0298 -0.0834 12  HIS A CE1 
109 N  NE2 . HIS A 12 ? 0.3211 0.4750 0.2937 -0.1478 -0.0522 -0.0305 12  HIS A NE2 
110 N  N   . LYS A 13 ? 0.2515 0.2936 0.2996 -0.0233 -0.0294 0.0839  13  LYS A N   
111 C  CA  . LYS A 13 ? 0.2496 0.2767 0.3123 -0.0358 -0.0801 0.0482  13  LYS A CA  
112 C  C   . LYS A 13 ? 0.2229 0.2501 0.2531 -0.0300 -0.0395 0.0502  13  LYS A C   
113 O  O   . LYS A 13 ? 0.2368 0.2821 0.3008 -0.0310 -0.0163 0.0890  13  LYS A O   
114 C  CB  . LYS A 13 ? 0.3797 0.3407 0.3775 0.0607  -0.0775 0.0921  13  LYS A CB  
115 C  CG  . LYS A 13 ? 0.4842 0.4076 0.4468 0.0867  -0.2214 0.1339  13  LYS A CG  
116 C  CD  . LYS A 13 ? 0.4841 0.4591 0.6642 -0.0369 -0.1542 0.0993  13  LYS A CD  
117 C  CE  . LYS A 13 ? 0.4719 0.4914 0.4234 -0.0028 -0.1098 0.0709  13  LYS A CE  
118 N  NZ  . LYS A 13 ? 0.5221 0.3953 0.4451 -0.0459 -0.1996 0.1144  13  LYS A NZ  
119 N  N   . GLY A 14 ? 0.2330 0.2199 0.2277 0.0028  -0.0168 0.0434  14  GLY A N   
120 C  CA  . GLY A 14 ? 0.2238 0.2364 0.2211 -0.0139 -0.0261 0.0471  14  GLY A CA  
121 C  C   . GLY A 14 ? 0.1793 0.1939 0.2278 -0.0061 -0.0064 0.0183  14  GLY A C   
122 O  O   . GLY A 14 ? 0.1836 0.2192 0.2397 0.0005  -0.0090 0.0349  14  GLY A O   
123 N  N   . VAL A 15 ? 0.1798 0.1847 0.2020 0.0050  0.0015  0.0174  15  VAL A N   
124 C  CA  . VAL A 15 ? 0.1930 0.1801 0.1817 -0.0145 0.0185  -0.0129 15  VAL A CA  
125 C  C   . VAL A 15 ? 0.1985 0.1781 0.1899 -0.0243 -0.0064 0.0141  15  VAL A C   
126 O  O   . VAL A 15 ? 0.1892 0.1792 0.2018 -0.0161 0.0032  0.0151  15  VAL A O   
127 C  CB  . VAL A 15 ? 0.2461 0.2036 0.1853 0.0144  -0.0108 -0.0241 15  VAL A CB  
128 C  CG1 . VAL A 15 ? 0.2755 0.2673 0.2032 0.0181  0.0025  -0.0166 15  VAL A CG1 
129 C  CG2 . VAL A 15 ? 0.2684 0.2148 0.2725 0.0103  0.0010  -0.0240 15  VAL A CG2 
130 N  N   . LEU A 16 ? 0.1709 0.1783 0.2085 -0.0042 0.0037  0.0134  16  LEU A N   
131 C  CA  . LEU A 16 ? 0.1877 0.1631 0.1765 0.0031  0.0079  -0.0054 16  LEU A CA  
132 C  C   . LEU A 16 ? 0.1887 0.1655 0.1688 -0.0003 0.0166  -0.0077 16  LEU A C   
133 O  O   . LEU A 16 ? 0.1794 0.2211 0.1740 0.0072  0.0033  0.0229  16  LEU A O   
134 C  CB  . LEU A 16 ? 0.1983 0.1766 0.1506 -0.0055 0.0043  0.0035  16  LEU A CB  
135 C  CG  . LEU A 16 ? 0.2181 0.1728 0.1761 -0.0182 0.0186  -0.0174 16  LEU A CG  
136 C  CD1 . LEU A 16 ? 0.2033 0.1936 0.2291 -0.0006 -0.0054 -0.0204 16  LEU A CD1 
137 C  CD2 . LEU A 16 ? 0.2203 0.2062 0.2286 -0.0256 -0.0190 0.0058  16  LEU A CD2 
138 N  N   A THR A 17 ? 0.1782 0.1833 0.1823 0.0058  0.0098  0.0033  17  THR A N   
139 N  N   B THR A 17 ? 0.1802 0.1743 0.1753 0.0103  0.0113  0.0032  17  THR A N   
140 C  CA  A THR A 17 ? 0.1925 0.1817 0.1713 -0.0010 -0.0014 -0.0095 17  THR A CA  
141 C  CA  B THR A 17 ? 0.1765 0.1694 0.1639 0.0007  0.0085  -0.0159 17  THR A CA  
142 C  C   A THR A 17 ? 0.2144 0.2209 0.1649 0.0217  0.0187  0.0291  17  THR A C   
143 C  C   B THR A 17 ? 0.2108 0.1955 0.1608 0.0251  0.0148  0.0198  17  THR A C   
144 O  O   A THR A 17 ? 0.2361 0.2059 0.1807 0.0073  0.0300  0.0193  17  THR A O   
145 O  O   B THR A 17 ? 0.2293 0.2033 0.1660 0.0118  0.0323  0.0171  17  THR A O   
146 C  CB  A THR A 17 ? 0.2793 0.2501 0.2249 0.0387  -0.0214 -0.0755 17  THR A CB  
147 C  CB  B THR A 17 ? 0.1411 0.1959 0.1777 0.0584  -0.0411 -0.0207 17  THR A CB  
148 O  OG1 A THR A 17 ? 0.3030 0.3164 0.2725 -0.0250 -0.0083 -0.0557 17  THR A OG1 
149 O  OG1 B THR A 17 ? 0.2356 0.1510 0.2778 0.0095  -0.0683 -0.0595 17  THR A OG1 
150 C  CG2 A THR A 17 ? 0.2815 0.2318 0.3841 0.0543  -0.1134 -0.1257 17  THR A CG2 
151 C  CG2 B THR A 17 ? 0.1574 0.1703 0.1843 0.0023  -0.0287 0.0201  17  THR A CG2 
152 N  N   . ILE A 18 ? 0.1915 0.2016 0.1621 0.0173  0.0048  0.0139  18  ILE A N   
153 C  CA  . ILE A 18 ? 0.1970 0.1826 0.1456 0.0005  0.0023  -0.0014 18  ILE A CA  
154 C  C   . ILE A 18 ? 0.1844 0.2345 0.1707 0.0046  -0.0047 0.0043  18  ILE A C   
155 O  O   . ILE A 18 ? 0.2434 0.2465 0.1770 0.0433  0.0125  0.0206  18  ILE A O   
156 C  CB  . ILE A 18 ? 0.1825 0.1799 0.1875 -0.0003 0.0053  -0.0038 18  ILE A CB  
157 C  CG1 . ILE A 18 ? 0.2067 0.2267 0.1846 -0.0068 -0.0111 0.0240  18  ILE A CG1 
158 C  CG2 . ILE A 18 ? 0.2036 0.2310 0.1819 -0.0103 -0.0119 0.0100  18  ILE A CG2 
159 C  CD1 . ILE A 18 ? 0.2007 0.2419 0.2731 -0.0473 -0.0090 0.0246  18  ILE A CD1 
160 N  N   . GLU A 19 ? 0.2297 0.2056 0.1613 0.0349  0.0026  0.0093  19  GLU A N   
161 C  CA  . GLU A 19 ? 0.2246 0.2212 0.1738 -0.0004 -0.0086 0.0107  19  GLU A CA  
162 C  C   . GLU A 19 ? 0.2110 0.1938 0.1546 0.0148  -0.0086 0.0112  19  GLU A C   
163 O  O   . GLU A 19 ? 0.2599 0.2267 0.1683 0.0284  0.0044  0.0011  19  GLU A O   
164 C  CB  . GLU A 19 ? 0.2199 0.2576 0.1939 0.0142  0.0054  0.0532  19  GLU A CB  
165 C  CG  . GLU A 19 ? 0.2178 0.2578 0.2107 0.0396  0.0103  0.0627  19  GLU A CG  
166 C  CD  . GLU A 19 ? 0.2134 0.2438 0.1705 0.0408  -0.0225 0.0345  19  GLU A CD  
167 O  OE1 . GLU A 19 ? 0.2513 0.2443 0.1861 0.0354  0.0017  0.0062  19  GLU A OE1 
168 O  OE2 . GLU A 19 ? 0.2220 0.2500 0.2097 0.0155  0.0061  0.0497  19  GLU A OE2 
169 N  N   . ALA A 20 ? 0.2008 0.2223 0.1608 0.0150  0.0014  0.0213  20  ALA A N   
170 C  CA  . ALA A 20 ? 0.2276 0.2167 0.1781 0.0101  0.0011  0.0191  20  ALA A CA  
171 C  C   . ALA A 20 ? 0.2375 0.2224 0.1606 0.0013  -0.0300 0.0192  20  ALA A C   
172 O  O   . ALA A 20 ? 0.2085 0.2460 0.1705 0.0037  -0.0201 0.0082  20  ALA A O   
173 C  CB  . ALA A 20 ? 0.2150 0.2599 0.1811 -0.0008 -0.0235 0.0172  20  ALA A CB  
174 N  N   . VAL A 21 ? 0.2438 0.2185 0.1844 -0.0168 -0.0374 0.0233  21  VAL A N   
175 C  CA  . VAL A 21 ? 0.2530 0.2398 0.1907 -0.0302 -0.0305 0.0140  21  VAL A CA  
176 C  C   . VAL A 21 ? 0.2485 0.2701 0.2076 -0.0293 -0.0308 0.0472  21  VAL A C   
177 O  O   . VAL A 21 ? 0.2762 0.3607 0.1947 -0.0247 -0.0195 0.0572  21  VAL A O   
178 C  CB  . VAL A 21 ? 0.2929 0.2334 0.2256 -0.0199 -0.0446 0.0331  21  VAL A CB  
179 C  CG1 . VAL A 21 ? 0.3345 0.2473 0.2894 -0.0368 -0.0752 0.0396  21  VAL A CG1 
180 C  CG2 . VAL A 21 ? 0.3725 0.2765 0.2515 -0.0010 -0.0358 0.0980  21  VAL A CG2 
181 N  N   . ASP A 22 ? 0.2346 0.2825 0.1720 -0.0126 -0.0124 0.0276  22  ASP A N   
182 C  CA  . ASP A 22 ? 0.2134 0.3220 0.2024 -0.0146 -0.0135 0.0292  22  ASP A CA  
183 C  C   . ASP A 22 ? 0.2124 0.2819 0.2113 -0.0217 -0.0289 0.0066  22  ASP A C   
184 O  O   . ASP A 22 ? 0.2014 0.2933 0.1909 -0.0193 -0.0227 0.0209  22  ASP A O   
185 C  CB  . ASP A 22 ? 0.2383 0.3518 0.2397 -0.0538 -0.0150 0.0554  22  ASP A CB  
186 C  CG  . ASP A 22 ? 0.2706 0.3584 0.2671 -0.0942 -0.0300 0.0700  22  ASP A CG  
187 O  OD1 . ASP A 22 ? 0.2888 0.3240 0.2550 -0.0749 -0.0304 0.0645  22  ASP A OD1 
188 O  OD2 . ASP A 22 ? 0.4497 0.3963 0.3167 -0.1396 -0.0185 0.1010  22  ASP A OD2 
189 N  N   . ALA A 23 ? 0.2253 0.3233 0.1916 -0.0024 0.0130  0.0151  23  ALA A N   
190 C  CA  . ALA A 23 ? 0.2056 0.3080 0.1792 -0.0217 -0.0109 0.0035  23  ALA A CA  
191 C  C   . ALA A 23 ? 0.1763 0.2961 0.2060 -0.0239 -0.0028 0.0017  23  ALA A C   
192 O  O   . ALA A 23 ? 0.2295 0.3050 0.1956 0.0033  0.0034  0.0254  23  ALA A O   
193 C  CB  . ALA A 23 ? 0.2171 0.3539 0.2658 0.0160  0.0009  0.0164  23  ALA A CB  
194 N  N   . ALA A 24 ? 0.2160 0.3277 0.1912 -0.0568 -0.0052 0.0089  24  ALA A N   
195 C  CA  . ALA A 24 ? 0.2302 0.3115 0.2125 -0.0525 -0.0259 -0.0077 24  ALA A CA  
196 C  C   . ALA A 24 ? 0.2135 0.2857 0.2443 -0.0598 -0.0184 0.0360  24  ALA A C   
197 O  O   . ALA A 24 ? 0.2236 0.2693 0.2487 -0.0297 -0.0235 0.0246  24  ALA A O   
198 C  CB  . ALA A 24 ? 0.2899 0.3987 0.3264 -0.1431 0.0217  -0.0053 24  ALA A CB  
199 N  N   . THR A 25 ? 0.2093 0.2702 0.2039 -0.0431 -0.0425 -0.0023 25  THR A N   
200 C  CA  . THR A 25 ? 0.2109 0.1906 0.2363 -0.0409 -0.0293 0.0087  25  THR A CA  
201 C  C   . THR A 25 ? 0.1861 0.2054 0.1944 -0.0181 -0.0195 0.0022  25  THR A C   
202 O  O   . THR A 25 ? 0.2189 0.2126 0.1927 -0.0046 -0.0099 -0.0170 25  THR A O   
203 C  CB  . THR A 25 ? 0.2391 0.2156 0.2389 -0.0239 -0.0197 0.0109  25  THR A CB  
204 O  OG1 . THR A 25 ? 0.3089 0.2480 0.2775 -0.0634 -0.0574 0.0619  25  THR A OG1 
205 C  CG2 . THR A 25 ? 0.2892 0.2290 0.2518 0.0239  -0.0521 0.0197  25  THR A CG2 
206 N  N   . ALA A 26 ? 0.1896 0.1981 0.2048 -0.0179 -0.0281 -0.0098 26  ALA A N   
207 C  CA  . ALA A 26 ? 0.1659 0.1710 0.2098 -0.0375 -0.0360 -0.0055 26  ALA A CA  
208 C  C   . ALA A 26 ? 0.1777 0.2174 0.1787 0.0099  -0.0127 0.0045  26  ALA A C   
209 O  O   . ALA A 26 ? 0.1773 0.2101 0.1759 -0.0138 -0.0200 -0.0053 26  ALA A O   
210 C  CB  . ALA A 26 ? 0.1890 0.2045 0.2006 -0.0128 -0.0416 0.0068  26  ALA A CB  
211 N  N   . GLU A 27 ? 0.1693 0.2115 0.2082 -0.0083 -0.0212 0.0015  27  GLU A N   
212 C  CA  . GLU A 27 ? 0.1611 0.2153 0.2110 -0.0014 -0.0196 -0.0019 27  GLU A CA  
213 C  C   . GLU A 27 ? 0.1614 0.2120 0.2050 -0.0004 -0.0129 -0.0025 27  GLU A C   
214 O  O   . GLU A 27 ? 0.1886 0.2552 0.2126 -0.0151 -0.0221 0.0240  27  GLU A O   
215 C  CB  . GLU A 27 ? 0.1600 0.2523 0.1952 -0.0198 -0.0171 -0.0025 27  GLU A CB  
216 C  CG  . GLU A 27 ? 0.1611 0.3085 0.1905 -0.0154 -0.0367 -0.0057 27  GLU A CG  
217 C  CD  . GLU A 27 ? 0.1750 0.2702 0.1931 -0.0151 -0.0275 -0.0144 27  GLU A CD  
218 O  OE1 . GLU A 27 ? 0.1605 0.2703 0.2368 -0.0007 -0.0181 0.0072  27  GLU A OE1 
219 O  OE2 . GLU A 27 ? 0.1807 0.3352 0.2345 0.0489  0.0089  0.0246  27  GLU A OE2 
220 N  N   . LYS A 28 ? 0.1829 0.2258 0.1965 -0.0106 -0.0242 -0.0050 28  LYS A N   
221 C  CA  A LYS A 28 ? 0.2035 0.2633 0.2094 -0.0267 -0.0353 -0.0357 28  LYS A CA  
222 C  CA  B LYS A 28 ? 0.1887 0.2583 0.2121 -0.0485 -0.0319 -0.0364 28  LYS A CA  
223 C  C   . LYS A 28 ? 0.1834 0.2312 0.2311 -0.0115 -0.0165 -0.0142 28  LYS A C   
224 O  O   . LYS A 28 ? 0.2164 0.2502 0.2153 -0.0250 -0.0244 -0.0355 28  LYS A O   
225 C  CB  A LYS A 28 ? 0.2373 0.2503 0.3177 -0.0333 0.0135  -0.0281 28  LYS A CB  
226 C  CB  B LYS A 28 ? 0.1494 0.2477 0.2566 -0.0603 -0.0261 -0.0495 28  LYS A CB  
227 C  CG  A LYS A 28 ? 0.4188 0.3023 0.3007 -0.0049 -0.0058 -0.0385 28  LYS A CG  
228 C  CG  B LYS A 28 ? 0.2938 0.2685 0.3316 -0.0674 0.0150  -0.0884 28  LYS A CG  
229 C  CD  A LYS A 28 ? 0.6607 0.3862 0.7615 -0.1032 0.0733  0.0723  28  LYS A CD  
230 C  CD  B LYS A 28 ? 0.3213 0.2815 0.4692 -0.0780 0.1301  -0.0383 28  LYS A CD  
231 C  CE  A LYS A 28 ? 0.8009 0.5271 0.9150 0.0133  -0.0599 -0.0425 28  LYS A CE  
232 C  CE  B LYS A 28 ? 0.3726 0.3365 0.4369 -0.0140 0.1265  -0.0629 28  LYS A CE  
233 N  NZ  A LYS A 28 ? 0.8296 0.4776 1.2765 -0.1313 0.0472  -0.1824 28  LYS A NZ  
234 N  NZ  B LYS A 28 ? 0.4663 0.3997 0.5136 -0.1103 0.1006  -0.0464 28  LYS A NZ  
235 N  N   . HIS A 29 ? 0.1855 0.2354 0.2260 -0.0068 -0.0102 -0.0094 29  HIS A N   
236 C  CA  . HIS A 29 ? 0.1972 0.1909 0.2119 -0.0092 0.0034  -0.0392 29  HIS A CA  
237 C  C   . HIS A 29 ? 0.1941 0.2017 0.2322 -0.0074 -0.0121 -0.0111 29  HIS A C   
238 O  O   . HIS A 29 ? 0.2364 0.2847 0.2061 -0.0141 -0.0001 -0.0113 29  HIS A O   
239 C  CB  . HIS A 29 ? 0.1882 0.2248 0.2206 0.0043  -0.0163 -0.0005 29  HIS A CB  
240 C  CG  . HIS A 29 ? 0.2021 0.2262 0.2548 -0.0218 -0.0054 -0.0037 29  HIS A CG  
241 N  ND1 . HIS A 29 ? 0.2471 0.2311 0.2898 -0.0067 0.0355  -0.0341 29  HIS A ND1 
242 C  CD2 . HIS A 29 ? 0.2602 0.2407 0.1925 -0.0173 0.0204  -0.0414 29  HIS A CD2 
243 C  CE1 . HIS A 29 ? 0.2492 0.2307 0.3825 0.0064  0.0613  -0.0742 29  HIS A CE1 
244 N  NE2 . HIS A 29 ? 0.2564 0.2263 0.2776 -0.0417 0.0503  -0.0523 29  HIS A NE2 
245 N  N   . PHE A 30 ? 0.1815 0.2141 0.1934 -0.0147 -0.0224 -0.0088 30  PHE A N   
246 C  CA  . PHE A 30 ? 0.1980 0.2108 0.2022 -0.0289 -0.0046 -0.0132 30  PHE A CA  
247 C  C   . PHE A 30 ? 0.1960 0.2703 0.1758 -0.0269 -0.0041 0.0002  30  PHE A C   
248 O  O   . PHE A 30 ? 0.2391 0.2626 0.1762 -0.0543 -0.0205 -0.0089 30  PHE A O   
249 C  CB  . PHE A 30 ? 0.2091 0.2229 0.1669 0.0005  -0.0238 0.0033  30  PHE A CB  
250 C  CG  . PHE A 30 ? 0.1994 0.2008 0.1718 -0.0005 -0.0262 0.0107  30  PHE A CG  
251 C  CD1 . PHE A 30 ? 0.2019 0.1815 0.1765 -0.0259 0.0017  -0.0266 30  PHE A CD1 
252 C  CD2 . PHE A 30 ? 0.1950 0.2210 0.1850 0.0010  -0.0122 0.0033  30  PHE A CD2 
253 C  CE1 . PHE A 30 ? 0.1973 0.2077 0.1905 -0.0186 -0.0180 -0.0158 30  PHE A CE1 
254 C  CE2 . PHE A 30 ? 0.2182 0.2154 0.1632 -0.0049 -0.0111 0.0018  30  PHE A CE2 
255 C  CZ  . PHE A 30 ? 0.1909 0.2229 0.1785 0.0091  -0.0292 0.0049  30  PHE A CZ  
256 N  N   . LYS A 31 ? 0.2037 0.2507 0.1699 -0.0268 -0.0162 0.0102  31  LYS A N   
257 C  CA  . LYS A 31 ? 0.2297 0.2337 0.2114 -0.0290 -0.0397 0.0042  31  LYS A CA  
258 C  C   . LYS A 31 ? 0.2126 0.2279 0.2324 -0.0513 -0.0253 -0.0193 31  LYS A C   
259 O  O   . LYS A 31 ? 0.2507 0.3054 0.2238 -0.0444 -0.0450 -0.0217 31  LYS A O   
260 C  CB  . LYS A 31 ? 0.2432 0.2549 0.2354 -0.0353 -0.0177 -0.0079 31  LYS A CB  
261 C  CG  . LYS A 31 ? 0.2635 0.3343 0.2699 -0.0203 -0.0476 -0.0322 31  LYS A CG  
262 C  CD  . LYS A 31 ? 0.2641 0.3280 0.2768 -0.0342 -0.0109 -0.0003 31  LYS A CD  
263 C  CE  . LYS A 31 ? 0.3077 0.2621 0.3093 -0.0158 0.1003  0.0099  31  LYS A CE  
264 N  NZ  . LYS A 31 ? 0.2300 0.2574 0.2766 -0.0127 0.0031  0.0207  31  LYS A NZ  
265 N  N   . GLN A 32 ? 0.2406 0.2839 0.2229 -0.0333 -0.0165 -0.0373 32  GLN A N   
266 C  CA  A GLN A 32 ? 0.2716 0.3168 0.2413 -0.0208 0.0008  -0.0314 32  GLN A CA  
267 C  CA  B GLN A 32 ? 0.2878 0.3346 0.2524 -0.0316 0.0274  -0.0451 32  GLN A CA  
268 C  C   . GLN A 32 ? 0.2534 0.3820 0.2356 -0.0581 0.0220  -0.0419 32  GLN A C   
269 O  O   . GLN A 32 ? 0.3045 0.4171 0.1995 -0.0684 0.0056  -0.0491 32  GLN A O   
270 C  CB  A GLN A 32 ? 0.2983 0.2791 0.3192 -0.0538 -0.0225 -0.0426 32  GLN A CB  
271 C  CB  B GLN A 32 ? 0.3443 0.4070 0.1392 -0.0068 0.0507  -0.0529 32  GLN A CB  
272 C  CG  A GLN A 32 ? 0.2867 0.2178 0.3973 -0.0457 -0.0119 -0.0870 32  GLN A CG  
273 C  CG  B GLN A 32 ? 0.3699 0.3535 0.2331 0.0142  0.0726  -0.1014 32  GLN A CG  
274 C  CD  A GLN A 32 ? 0.3721 0.2931 0.3860 0.0422  0.0079  -0.0814 32  GLN A CD  
275 C  CD  B GLN A 32 ? 0.3828 0.5584 0.3845 -0.0209 0.0469  -0.0017 32  GLN A CD  
276 O  OE1 A GLN A 32 ? 0.4035 0.2991 0.4090 -0.0614 0.0360  -0.0608 32  GLN A OE1 
277 O  OE1 B GLN A 32 ? 0.2792 0.5570 0.5916 -0.1386 -0.1107 0.1987  32  GLN A OE1 
278 N  NE2 A GLN A 32 ? 0.6353 0.2133 0.4744 0.0049  0.0741  -0.0157 32  GLN A NE2 
279 N  NE2 B GLN A 32 ? 0.3630 0.5794 0.2996 0.0261  0.0104  0.0303  32  GLN A NE2 
280 N  N   . HIS A 33 ? 0.2540 0.3818 0.1942 -0.0862 -0.0351 -0.0264 33  HIS A N   
281 C  CA  . HIS A 33 ? 0.2201 0.3318 0.2417 -0.0801 -0.0227 -0.0728 33  HIS A CA  
282 C  C   . HIS A 33 ? 0.2340 0.3694 0.2663 -0.0961 -0.0209 -0.0380 33  HIS A C   
283 O  O   . HIS A 33 ? 0.3271 0.4669 0.2062 -0.1245 0.0017  -0.0139 33  HIS A O   
284 C  CB  . HIS A 33 ? 0.2863 0.2455 0.2064 -0.0689 0.0082  -0.0240 33  HIS A CB  
285 C  CG  . HIS A 33 ? 0.2372 0.2604 0.2029 -0.0380 -0.0028 -0.0348 33  HIS A CG  
286 N  ND1 . HIS A 33 ? 0.3128 0.2852 0.1955 -0.0825 0.0037  -0.0582 33  HIS A ND1 
287 C  CD2 . HIS A 33 ? 0.2312 0.2680 0.2606 -0.0293 0.0028  0.0026  33  HIS A CD2 
288 C  CE1 . HIS A 33 ? 0.2950 0.2748 0.2047 -0.0376 -0.0085 -0.0691 33  HIS A CE1 
289 N  NE2 . HIS A 33 ? 0.1809 0.3177 0.1780 -0.1021 0.0327  -0.1040 33  HIS A NE2 
290 N  N   . ALA A 34 ? 0.2591 0.3280 0.1958 -0.1002 -0.0353 -0.0646 34  ALA A N   
291 C  CA  . ALA A 34 ? 0.3043 0.4009 0.2746 -0.0874 -0.0255 0.0164  34  ALA A CA  
292 C  C   . ALA A 34 ? 0.3916 0.3553 0.1980 -0.0851 -0.0070 0.0052  34  ALA A C   
293 O  O   . ALA A 34 ? 0.4186 0.3843 0.2296 -0.0981 -0.0346 0.0235  34  ALA A O   
294 C  CB  . ALA A 34 ? 0.3386 0.3488 0.2620 -0.0254 -0.0352 0.0229  34  ALA A CB  
295 N  N   . ASN A 35 ? 0.3119 0.3634 0.2393 -0.1249 -0.0885 0.0196  35  ASN A N   
296 C  CA  A ASN A 35 ? 0.2795 0.3724 0.2486 -0.1436 -0.0995 0.0026  35  ASN A CA  
297 C  CA  B ASN A 35 ? 0.3751 0.4509 0.2695 -0.1239 -0.0605 -0.0504 35  ASN A CA  
298 C  C   . ASN A 35 ? 0.3604 0.3981 0.2238 -0.1279 -0.0677 -0.0098 35  ASN A C   
299 O  O   . ASN A 35 ? 0.4233 0.4993 0.2050 -0.1428 -0.0691 -0.0353 35  ASN A O   
300 C  CB  A ASN A 35 ? 0.3851 0.3206 0.2348 -0.1660 -0.0422 -0.1047 35  ASN A CB  
301 C  CB  B ASN A 35 ? 0.3849 0.4893 0.3109 -0.1588 -0.0513 -0.0424 35  ASN A CB  
302 C  CG  A ASN A 35 ? 0.3709 0.4292 0.1929 -0.0500 -0.0799 -0.0595 35  ASN A CG  
303 C  CG  B ASN A 35 ? 0.6236 0.5580 0.2101 -0.1104 -0.1393 -0.0531 35  ASN A CG  
304 O  OD1 A ASN A 35 ? 0.3652 0.4477 0.3460 -0.0668 0.0152  -0.0019 35  ASN A OD1 
305 O  OD1 B ASN A 35 ? 0.4446 0.4568 0.3508 -0.1229 -0.0525 -0.1034 35  ASN A OD1 
306 N  ND2 A ASN A 35 ? 0.7402 0.5839 0.3887 -0.1626 -0.0014 0.0848  35  ASN A ND2 
307 N  ND2 B ASN A 35 ? 0.5854 0.6889 0.3942 0.0005  -0.1127 -0.1242 35  ASN A ND2 
308 N  N   . ASP A 36 ? 0.3663 0.4044 0.2041 -0.0689 -0.0416 -0.0627 36  ASP A N   
309 C  CA  . ASP A 36 ? 0.4212 0.4664 0.2617 -0.1382 -0.0171 -0.0736 36  ASP A CA  
310 C  C   . ASP A 36 ? 0.3903 0.4424 0.1957 -0.1292 -0.0170 -0.1147 36  ASP A C   
311 O  O   . ASP A 36 ? 0.4480 0.4886 0.2111 -0.1689 0.0372  -0.1126 36  ASP A O   
312 C  CB  . ASP A 36 ? 0.4093 0.4774 0.2484 -0.0858 0.0323  -0.0787 36  ASP A CB  
313 C  CG  . ASP A 36 ? 0.5334 0.4744 0.2993 -0.0349 0.0119  -0.0753 36  ASP A CG  
314 O  OD1 . ASP A 36 ? 0.6008 0.4705 0.3845 -0.1492 0.1053  -0.1300 36  ASP A OD1 
315 O  OD2 . ASP A 36 ? 0.4354 0.5685 0.3250 -0.0806 0.0120  0.0151  36  ASP A OD2 
316 N  N   . LEU A 37 ? 0.3907 0.3898 0.1776 -0.1227 -0.0509 -0.0678 37  LEU A N   
317 C  CA  . LEU A 37 ? 0.3574 0.4242 0.2741 -0.1067 -0.0368 -0.0170 37  LEU A CA  
318 C  C   . LEU A 37 ? 0.4286 0.5236 0.3135 -0.1188 -0.0060 0.0606  37  LEU A C   
319 O  O   . LEU A 37 ? 0.5169 0.4614 0.2981 -0.1403 -0.0576 0.0279  37  LEU A O   
320 C  CB  . LEU A 37 ? 0.3889 0.3872 0.2688 -0.0838 0.0136  -0.0098 37  LEU A CB  
321 C  CG  . LEU A 37 ? 0.3141 0.3058 0.3013 -0.1040 0.0075  -0.1008 37  LEU A CG  
322 C  CD1 . LEU A 37 ? 0.3819 0.3382 0.3278 -0.1655 0.0535  -0.1369 37  LEU A CD1 
323 C  CD2 . LEU A 37 ? 0.3718 0.5234 0.2863 -0.1465 0.0636  -0.1069 37  LEU A CD2 
324 N  N   . GLY A 38 ? 0.4711 0.5230 0.1987 -0.1592 -0.0560 0.0457  38  GLY A N   
325 C  CA  . GLY A 38 ? 0.5250 0.5778 0.3280 -0.0884 -0.0753 0.0774  38  GLY A CA  
326 C  C   . GLY A 38 ? 0.3935 0.5498 0.3019 -0.0870 -0.0784 0.0117  38  GLY A C   
327 O  O   . GLY A 38 ? 0.4913 0.6641 0.3318 -0.0851 -0.1598 0.1854  38  GLY A O   
328 N  N   . VAL A 39 ? 0.4429 0.4861 0.2701 -0.1751 -0.0785 0.0499  39  VAL A N   
329 C  CA  . VAL A 39 ? 0.3425 0.4592 0.3073 -0.0886 -0.0658 0.0796  39  VAL A CA  
330 C  C   . VAL A 39 ? 0.2934 0.5835 0.4529 -0.1181 -0.1037 0.1266  39  VAL A C   
331 O  O   . VAL A 39 ? 0.4686 0.7634 0.7872 -0.0920 -0.0754 0.3874  39  VAL A O   
332 C  CB  . VAL A 39 ? 0.3403 0.5128 0.3445 -0.0240 -0.1040 0.0792  39  VAL A CB  
333 C  CG1 . VAL A 39 ? 0.4067 0.6523 0.3772 -0.0129 -0.0808 0.0476  39  VAL A CG1 
334 C  CG2 . VAL A 39 ? 0.3763 0.4266 0.3215 -0.0432 -0.0644 -0.0055 39  VAL A CG2 
335 N  N   . ASP A 40 ? 0.4017 0.5805 0.3628 -0.1323 -0.0714 0.1401  40  ASP A N   
336 C  CA  . ASP A 40 ? 0.4853 0.5520 0.2698 -0.1508 -0.0331 0.0519  40  ASP A CA  
337 C  C   . ASP A 40 ? 0.3069 0.4960 0.3672 -0.0893 -0.0512 0.0935  40  ASP A C   
338 O  O   . ASP A 40 ? 0.3690 0.5728 0.4460 -0.0587 -0.1378 0.1583  40  ASP A O   
339 C  CB  . ASP A 40 ? 0.5377 0.5548 0.3919 -0.1934 -0.1383 -0.0221 40  ASP A CB  
340 C  CG  . ASP A 40 ? 0.5495 0.8540 0.6103 -0.2148 -0.1414 -0.0094 40  ASP A CG  
341 O  OD1 . ASP A 40 ? 0.6103 0.7292 0.6069 -0.3253 -0.2549 0.1329  40  ASP A OD1 
342 O  OD2 . ASP A 40 ? 0.6461 1.0519 0.7753 -0.2166 -0.3028 -0.0628 40  ASP A OD2 
343 N  N   . GLY A 41 ? 0.4139 0.5387 0.3679 -0.1447 -0.0927 0.1397  41  GLY A N   
344 C  CA  . GLY A 41 ? 0.3114 0.5751 0.3803 -0.0973 -0.1023 0.1278  41  GLY A CA  
345 C  C   . GLY A 41 ? 0.2956 0.3857 0.3771 -0.0915 -0.1187 0.0819  41  GLY A C   
346 O  O   . GLY A 41 ? 0.3649 0.4303 0.4019 -0.1009 -0.1104 0.0924  41  GLY A O   
347 N  N   . GLU A 42 ? 0.2630 0.4250 0.3275 -0.0661 -0.0943 0.1178  42  GLU A N   
348 C  CA  A GLU A 42 ? 0.4430 0.6041 0.2897 -0.1604 -0.1178 0.0628  42  GLU A CA  
349 C  CA  B GLU A 42 ? 0.2814 0.3525 0.3622 -0.1312 -0.0741 0.1383  42  GLU A CA  
350 C  C   . GLU A 42 ? 0.2521 0.2799 0.3585 -0.0578 -0.0601 0.0793  42  GLU A C   
351 O  O   . GLU A 42 ? 0.2350 0.3200 0.3527 -0.0618 -0.0836 0.1139  42  GLU A O   
352 C  CB  A GLU A 42 ? 0.3249 0.5408 0.5549 -0.1479 -0.2393 0.1847  42  GLU A CB  
353 C  CB  B GLU A 42 ? 0.5213 0.3810 0.6914 0.0759  0.1842  0.1638  42  GLU A CB  
354 C  CG  A GLU A 42 ? 0.3566 0.6076 0.5962 -0.0204 -0.2012 0.1376  42  GLU A CG  
355 C  CG  B GLU A 42 ? 0.5454 0.6261 0.4512 0.0669  -0.0864 0.0464  42  GLU A CG  
356 C  CD  A GLU A 42 ? 0.6363 0.7263 0.4850 -0.0153 -0.0524 0.0644  42  GLU A CD  
357 C  CD  B GLU A 42 ? 0.7620 1.0901 0.6594 -0.0237 -0.0057 0.0003  42  GLU A CD  
358 O  OE1 A GLU A 42 ? 0.8615 0.7587 0.8279 0.2003  0.0650  0.2903  42  GLU A OE1 
359 O  OE1 B GLU A 42 ? 0.7635 0.9246 0.7474 -0.0099 0.0493  -0.2140 42  GLU A OE1 
360 O  OE2 A GLU A 42 ? 0.3513 0.4576 0.4511 0.0561  -0.0651 0.1247  42  GLU A OE2 
361 O  OE2 B GLU A 42 ? 0.3693 0.7961 0.8477 -0.0651 0.2129  -0.1772 42  GLU A OE2 
362 N  N   . TRP A 43 ? 0.1920 0.2947 0.2928 -0.0496 -0.0504 0.0660  43  TRP A N   
363 C  CA  . TRP A 43 ? 0.1825 0.2952 0.2648 -0.0327 -0.0299 0.0432  43  TRP A CA  
364 C  C   . TRP A 43 ? 0.2024 0.2774 0.2376 -0.0009 -0.0509 0.0348  43  TRP A C   
365 O  O   . TRP A 43 ? 0.1861 0.3090 0.3171 -0.0304 -0.0249 0.0348  43  TRP A O   
366 C  CB  . TRP A 43 ? 0.2223 0.2798 0.2400 -0.0544 -0.0475 0.0522  43  TRP A CB  
367 C  CG  . TRP A 43 ? 0.2621 0.2939 0.2314 -0.0581 0.0067  0.0628  43  TRP A CG  
368 C  CD1 . TRP A 43 ? 0.2543 0.2912 0.2413 -0.0226 -0.0125 0.0249  43  TRP A CD1 
369 C  CD2 . TRP A 43 ? 0.2348 0.2595 0.2647 -0.0775 -0.0296 0.0294  43  TRP A CD2 
370 N  NE1 . TRP A 43 ? 0.2800 0.2908 0.2217 -0.0466 -0.0409 0.0249  43  TRP A NE1 
371 C  CE2 . TRP A 43 ? 0.2615 0.2487 0.2754 -0.0223 -0.0327 0.0375  43  TRP A CE2 
372 C  CE3 . TRP A 43 ? 0.2703 0.2117 0.2442 -0.0609 -0.0239 -0.0020 43  TRP A CE3 
373 C  CZ2 . TRP A 43 ? 0.2841 0.2484 0.2676 -0.0420 -0.0178 -0.0204 43  TRP A CZ2 
374 C  CZ3 . TRP A 43 ? 0.2402 0.3089 0.2840 -0.0454 -0.0572 -0.0135 43  TRP A CZ3 
375 C  CH2 . TRP A 43 ? 0.2575 0.2662 0.3215 -0.0374 -0.0238 -0.0156 43  TRP A CH2 
376 N  N   . THR A 44 ? 0.1850 0.2600 0.2920 -0.0204 -0.0251 0.0457  44  THR A N   
377 C  CA  . THR A 44 ? 0.1918 0.2765 0.3229 0.0056  -0.0251 0.0163  44  THR A CA  
378 C  C   . THR A 44 ? 0.1929 0.2443 0.2795 -0.0074 0.0071  0.0371  44  THR A C   
379 O  O   . THR A 44 ? 0.1872 0.2652 0.2625 0.0081  0.0085  0.0166  44  THR A O   
380 C  CB  . THR A 44 ? 0.2199 0.2894 0.3586 0.0311  0.0178  0.0270  44  THR A CB  
381 O  OG1 . THR A 44 ? 0.2484 0.2780 0.4736 -0.0065 -0.0113 0.0210  44  THR A OG1 
382 C  CG2 . THR A 44 ? 0.2738 0.3536 0.3978 0.0729  -0.0019 0.0826  44  THR A CG2 
383 N  N   . TYR A 45 ? 0.2132 0.2591 0.2900 0.0268  0.0222  -0.0048 45  TYR A N   
384 C  CA  . TYR A 45 ? 0.2123 0.2929 0.2699 0.0136  0.0264  0.0081  45  TYR A CA  
385 C  C   . TYR A 45 ? 0.2221 0.2846 0.2766 0.0004  0.0061  -0.0209 45  TYR A C   
386 O  O   . TYR A 45 ? 0.2084 0.3886 0.3373 0.0191  0.0392  -0.0484 45  TYR A O   
387 C  CB  . TYR A 45 ? 0.2323 0.2784 0.2431 -0.0062 0.0261  0.0034  45  TYR A CB  
388 C  CG  . TYR A 45 ? 0.2216 0.2938 0.2442 0.0200  0.0228  -0.0075 45  TYR A CG  
389 C  CD1 . TYR A 45 ? 0.2145 0.2685 0.2286 0.0031  0.0018  -0.0137 45  TYR A CD1 
390 C  CD2 . TYR A 45 ? 0.2309 0.3215 0.2403 0.0166  0.0218  0.0005  45  TYR A CD2 
391 C  CE1 . TYR A 45 ? 0.2110 0.2862 0.2250 0.0236  0.0088  -0.0224 45  TYR A CE1 
392 C  CE2 . TYR A 45 ? 0.2388 0.3302 0.2302 -0.0012 0.0207  0.0318  45  TYR A CE2 
393 C  CZ  . TYR A 45 ? 0.2404 0.2414 0.2236 -0.0085 -0.0011 -0.0381 45  TYR A CZ  
394 O  OH  . TYR A 45 ? 0.2525 0.3101 0.2715 0.0217  -0.0299 -0.0245 45  TYR A OH  
395 N  N   . ASP A 46 ? 0.2225 0.3077 0.2388 0.0329  0.0096  -0.0342 46  ASP A N   
396 C  CA  . ASP A 46 ? 0.2500 0.3742 0.2641 0.0479  -0.0162 -0.0591 46  ASP A CA  
397 C  C   . ASP A 46 ? 0.2962 0.3322 0.2337 0.0363  0.0023  -0.0522 46  ASP A C   
398 O  O   . ASP A 46 ? 0.2558 0.3355 0.2502 0.0205  0.0076  -0.0757 46  ASP A O   
399 C  CB  . ASP A 46 ? 0.2842 0.3022 0.3862 0.0741  -0.0489 -0.0587 46  ASP A CB  
400 C  CG  . ASP A 46 ? 0.4056 0.4030 0.4878 0.0836  -0.0430 -0.1487 46  ASP A CG  
401 O  OD1 . ASP A 46 ? 0.4520 0.5059 0.5302 0.1415  0.0061  -0.2941 46  ASP A OD1 
402 O  OD2 . ASP A 46 ? 0.4474 0.4615 0.5180 0.0981  -0.0097 -0.2203 46  ASP A OD2 
403 N  N   . ASP A 47 ? 0.3075 0.3819 0.2675 0.0269  0.0408  -0.0778 47  ASP A N   
404 C  CA  . ASP A 47 ? 0.3426 0.4055 0.2369 -0.0138 0.0397  -0.0250 47  ASP A CA  
405 C  C   . ASP A 47 ? 0.3611 0.3599 0.2860 0.0130  0.0444  -0.0936 47  ASP A C   
406 O  O   . ASP A 47 ? 0.3790 0.4302 0.2527 0.0481  0.0265  -0.0650 47  ASP A O   
407 C  CB  . ASP A 47 ? 0.4241 0.4637 0.2946 -0.0331 0.0769  -0.0282 47  ASP A CB  
408 C  CG  . ASP A 47 ? 0.6592 0.5611 0.5189 0.0824  0.0494  0.0679  47  ASP A CG  
409 O  OD1 . ASP A 47 ? 0.7845 0.4927 0.7091 0.0437  0.0693  -0.0360 47  ASP A OD1 
410 O  OD2 . ASP A 47 ? 0.8915 1.0586 0.7028 -0.2575 0.2825  -0.3487 47  ASP A OD2 
411 N  N   . ALA A 48 ? 0.3539 0.4023 0.3093 0.0205  0.0202  -0.1482 48  ALA A N   
412 C  CA  . ALA A 48 ? 0.3575 0.4675 0.2618 0.0273  -0.0003 -0.1775 48  ALA A CA  
413 C  C   . ALA A 48 ? 0.3054 0.4761 0.3344 0.0610  -0.0162 -0.0767 48  ALA A C   
414 O  O   . ALA A 48 ? 0.3884 0.5594 0.2654 0.0388  -0.0451 -0.1308 48  ALA A O   
415 C  CB  . ALA A 48 ? 0.5009 0.5325 0.4651 0.0531  0.0568  -0.2262 48  ALA A CB  
416 N  N   . THR A 49 ? 0.3622 0.3279 0.2863 0.0340  0.0018  -0.1221 49  THR A N   
417 C  CA  . THR A 49 ? 0.3169 0.3109 0.2867 0.0185  -0.0295 -0.1270 49  THR A CA  
418 C  C   . THR A 49 ? 0.2904 0.2586 0.2034 0.0042  -0.0040 -0.0487 49  THR A C   
419 O  O   . THR A 49 ? 0.2700 0.2811 0.2212 -0.0234 0.0081  -0.0378 49  THR A O   
420 C  CB  . THR A 49 ? 0.3545 0.2322 0.3321 0.0208  -0.0375 -0.0945 49  THR A CB  
421 O  OG1 . THR A 49 ? 0.3612 0.2964 0.3623 0.0298  -0.0650 -0.0815 49  THR A OG1 
422 C  CG2 . THR A 49 ? 0.5348 0.2434 0.5296 0.0751  -0.0646 -0.1633 49  THR A CG2 
423 N  N   . LYS A 50 ? 0.2498 0.2702 0.2317 0.0132  0.0329  -0.0593 50  LYS A N   
424 C  CA  . LYS A 50 ? 0.2245 0.2505 0.1967 0.0142  0.0030  -0.0338 50  LYS A CA  
425 C  C   . LYS A 50 ? 0.2363 0.2472 0.1942 0.0025  0.0228  -0.0226 50  LYS A C   
426 O  O   . LYS A 50 ? 0.2206 0.2547 0.1968 0.0102  0.0122  0.0052  50  LYS A O   
427 C  CB  . LYS A 50 ? 0.2544 0.2750 0.1658 0.0176  0.0011  -0.0336 50  LYS A CB  
428 C  CG  . LYS A 50 ? 0.2957 0.3311 0.2052 0.0435  0.0081  0.0151  50  LYS A CG  
429 C  CD  . LYS A 50 ? 0.3594 0.3796 0.1902 0.0790  0.0278  0.0373  50  LYS A CD  
430 C  CE  . LYS A 50 ? 0.4089 0.3680 0.2398 0.0913  0.0228  0.0312  50  LYS A CE  
431 N  NZ  . LYS A 50 ? 0.5313 0.5878 0.2520 0.1907  0.0647  0.0256  50  LYS A NZ  
432 N  N   . THR A 51 ? 0.2189 0.2438 0.2235 0.0257  0.0097  -0.0259 51  THR A N   
433 C  CA  . THR A 51 ? 0.2355 0.2080 0.2393 0.0136  -0.0037 -0.0237 51  THR A CA  
434 C  C   . THR A 51 ? 0.2228 0.2342 0.1929 0.0042  0.0120  0.0122  51  THR A C   
435 O  O   . THR A 51 ? 0.2266 0.2471 0.2568 0.0252  0.0351  -0.0320 51  THR A O   
436 C  CB  . THR A 51 ? 0.2513 0.2149 0.2684 0.0219  0.0235  -0.0388 51  THR A CB  
437 O  OG1 . THR A 51 ? 0.2781 0.2381 0.2777 -0.0091 -0.0141 -0.0182 51  THR A OG1 
438 C  CG2 . THR A 51 ? 0.2580 0.2177 0.2740 -0.0321 -0.0351 0.0070  51  THR A CG2 
439 N  N   . PHE A 52 ? 0.1804 0.2264 0.2059 0.0037  -0.0024 0.0011  52  PHE A N   
440 C  CA  . PHE A 52 ? 0.1681 0.2201 0.2193 0.0069  0.0011  -0.0056 52  PHE A CA  
441 C  C   . PHE A 52 ? 0.1851 0.2210 0.2309 0.0022  -0.0035 0.0144  52  PHE A C   
442 O  O   . PHE A 52 ? 0.1867 0.2166 0.2379 -0.0123 -0.0032 0.0163  52  PHE A O   
443 C  CB  . PHE A 52 ? 0.1932 0.2172 0.1974 -0.0059 0.0044  -0.0017 52  PHE A CB  
444 C  CG  . PHE A 52 ? 0.2067 0.2411 0.1859 -0.0127 -0.0016 0.0081  52  PHE A CG  
445 C  CD1 . PHE A 52 ? 0.2163 0.2257 0.2181 0.0167  0.0003  0.0129  52  PHE A CD1 
446 C  CD2 . PHE A 52 ? 0.2101 0.2192 0.1967 -0.0214 -0.0153 0.0047  52  PHE A CD2 
447 C  CE1 . PHE A 52 ? 0.2404 0.2354 0.2004 0.0267  -0.0169 -0.0120 52  PHE A CE1 
448 C  CE2 . PHE A 52 ? 0.2438 0.2507 0.1991 -0.0305 -0.0017 0.0022  52  PHE A CE2 
449 C  CZ  . PHE A 52 ? 0.2792 0.2366 0.2162 -0.0119 -0.0155 0.0229  52  PHE A CZ  
450 N  N   . THR A 53 ? 0.1685 0.2509 0.2544 -0.0080 -0.0103 0.0337  53  THR A N   
451 C  CA  . THR A 53 ? 0.2162 0.2135 0.2396 -0.0115 0.0003  0.0106  53  THR A CA  
452 C  C   . THR A 53 ? 0.2127 0.2412 0.2683 0.0009  -0.0431 0.0501  53  THR A C   
453 O  O   . THR A 53 ? 0.2019 0.2840 0.2920 -0.0225 -0.0198 0.0654  53  THR A O   
454 C  CB  . THR A 53 ? 0.2271 0.2216 0.3360 0.0098  0.0029  0.0031  53  THR A CB  
455 O  OG1 . THR A 53 ? 0.2334 0.2208 0.3274 0.0031  -0.0001 -0.0030 53  THR A OG1 
456 C  CG2 . THR A 53 ? 0.2344 0.2281 0.3861 0.0105  -0.0331 0.0402  53  THR A CG2 
457 N  N   . VAL A 54 ? 0.1937 0.2291 0.2609 -0.0402 -0.0285 0.0397  54  VAL A N   
458 C  CA  . VAL A 54 ? 0.2511 0.2617 0.2416 -0.0610 -0.0690 0.0581  54  VAL A CA  
459 C  C   . VAL A 54 ? 0.1889 0.2898 0.2824 -0.0258 -0.0198 0.0711  54  VAL A C   
460 O  O   . VAL A 54 ? 0.2125 0.2851 0.2888 -0.0352 -0.0313 0.0782  54  VAL A O   
461 C  CB  . VAL A 54 ? 0.2735 0.2735 0.2317 -0.0610 -0.0429 0.0520  54  VAL A CB  
462 C  CG1 . VAL A 54 ? 0.3007 0.2376 0.2679 -0.0375 -0.0197 0.0538  54  VAL A CG1 
463 C  CG2 . VAL A 54 ? 0.3136 0.3068 0.2454 -0.0632 -0.0715 0.0459  54  VAL A CG2 
464 N  N   . THR A 55 ? 0.2188 0.3295 0.3466 -0.0405 -0.0516 0.1356  55  THR A N   
465 C  CA  . THR A 55 ? 0.2288 0.3249 0.3646 -0.0586 -0.0854 0.1385  55  THR A CA  
466 C  C   . THR A 55 ? 0.2758 0.3805 0.3655 -0.0509 -0.1264 0.2035  55  THR A C   
467 O  O   . THR A 55 ? 0.2895 0.4617 0.3839 -0.1022 -0.0993 0.1985  55  THR A O   
468 C  CB  . THR A 55 ? 0.2789 0.2652 0.4971 -0.0172 -0.0885 0.0608  55  THR A CB  
469 O  OG1 . THR A 55 ? 0.2625 0.4184 0.4837 -0.0035 -0.0762 0.0831  55  THR A OG1 
470 C  CG2 . THR A 55 ? 0.3393 0.3846 0.5582 0.0002  -0.1170 0.1538  55  THR A CG2 
471 N  N   . GLU A 56 ? 0.2778 0.4440 0.3873 -0.0776 -0.0800 0.1184  56  GLU A N   
472 C  CA  . GLU A 56 ? 0.3185 0.4308 0.3912 -0.1546 -0.0869 0.1243  56  GLU A CA  
473 C  C   . GLU A 56 ? 0.6535 0.5459 0.5654 -0.0075 -0.1298 0.0546  56  GLU A C   
474 O  O   . GLU A 56 ? 0.5391 0.4576 0.5906 0.0072  -0.2239 0.1257  56  GLU A O   
475 C  CB  . GLU A 56 ? 0.3262 0.5151 0.4374 -0.0610 -0.0628 0.1675  56  GLU A CB  
476 C  CG  . GLU A 56 ? 0.3447 0.5053 0.4525 -0.0057 -0.0679 0.0639  56  GLU A CG  
477 C  CD  . GLU A 56 ? 0.4050 0.4614 0.3591 -0.0569 -0.1123 0.0332  56  GLU A CD  
478 O  OE1 . GLU A 56 ? 0.6007 0.4623 0.4189 -0.1379 -0.0540 0.0247  56  GLU A OE1 
479 O  OE2 . GLU A 56 ? 0.4046 0.6219 0.5057 -0.1927 -0.0459 0.0569  56  GLU A OE2 
480 O  OXT . GLU A 56 ? 0.5901 0.7150 0.6257 -0.0800 -0.2250 0.0952  56  GLU A OXT 
481 ZN ZN  . ZN  B .  ? 0.2317 0.2243 0.1669 0.0269  0.0064  0.0224  101 ZN  A ZN  
482 ZN ZN  . ZN  C .  ? 0.2442 0.2536 0.2594 -0.0411 0.0453  -0.0537 102 ZN  A ZN  
483 CL CL  . CL  D .  ? 0.2567 0.2624 0.3104 -0.0286 0.0362  -0.0618 103 CL  A CL  
484 CL CL  . CL  E .  ? 0.2552 0.2970 0.2262 0.0482  0.0017  0.0187  104 CL  A CL  
485 C  C1  . GOL F .  ? 0.4959 0.4741 0.5452 0.2899  -0.0868 0.0086  105 GOL A C1  
486 O  O1  . GOL F .  ? 0.6892 0.5275 0.7359 -0.1785 0.0957  -0.0946 105 GOL A O1  
487 C  C2  . GOL F .  ? 0.5894 0.7097 0.4493 0.0920  0.1101  0.1755  105 GOL A C2  
488 O  O2  . GOL F .  ? 0.5615 0.8656 0.6096 0.1256  0.1035  0.1047  105 GOL A O2  
489 C  C3  . GOL F .  ? 0.4068 0.5690 0.4751 0.1042  0.0360  0.0654  105 GOL A C3  
490 O  O3  . GOL F .  ? 0.5300 0.6391 0.4759 -0.1024 0.1928  0.0620  105 GOL A O3  
491 CL CL  . CL  G .  ? 0.3257 0.3471 0.3227 -0.0297 0.0157  -0.0167 106 CL  A CL  
492 NA NA  . NA  H .  ? 0.6329 0.8301 0.6347 -0.0388 0.0404  0.0988  107 NA  A NA  
493 NA NA  . NA  I .  ? 0.5478 0.6460 0.3902 -0.0014 -0.0093 0.0928  108 NA  A NA  
494 O  O   . HOH J .  ? 0.8326 0.7805 0.5932 -0.1009 0.1689  0.0080  201 HOH A O   
495 O  O   . HOH J .  ? 0.3872 0.5710 0.4380 -0.0328 -0.0326 0.0586  202 HOH A O   
496 O  O   . HOH J .  ? 0.6838 0.7105 1.3329 0.1748  0.1390  0.1600  203 HOH A O   
497 O  O   . HOH J .  ? 0.9912 1.0505 0.3770 0.5997  0.0275  -0.2193 204 HOH A O   
498 O  O   . HOH J .  ? 0.6118 0.7990 0.6519 -0.2234 -0.0581 -0.0985 205 HOH A O   
499 O  O   . HOH J .  ? 0.3733 0.3945 0.5312 0.0732  -0.0389 0.0810  206 HOH A O   
500 O  O   . HOH J .  ? 0.4889 0.8919 0.9714 0.0562  -0.0043 -0.0302 207 HOH A O   
501 O  O   . HOH J .  ? 0.8297 0.9283 0.3876 0.2026  0.0982  0.2097  208 HOH A O   
502 O  O   . HOH J .  ? 0.6414 0.4132 0.9073 0.0002  -0.2062 -0.0813 209 HOH A O   
503 O  O   . HOH J .  ? 0.2463 0.4444 0.8752 0.0465  -0.0625 0.1367  210 HOH A O   
504 O  O   . HOH J .  ? 0.3330 0.3901 0.5372 -0.0144 0.0254  0.0409  211 HOH A O   
505 O  O   . HOH J .  ? 0.7232 0.8213 0.6275 -0.1358 -0.0608 0.2303  212 HOH A O   
506 O  O   . HOH J .  ? 0.5817 0.3782 0.3886 0.0411  0.0486  -0.0046 213 HOH A O   
507 O  O   . HOH J .  ? 0.5077 0.2675 0.4211 -0.0489 0.0640  -0.0219 214 HOH A O   
508 O  O   . HOH J .  ? 0.2514 0.2979 0.3624 -0.0189 -0.0243 0.0112  215 HOH A O   
509 O  O   . HOH J .  ? 0.6694 0.7082 0.3318 -0.2202 -0.0066 -0.0590 216 HOH A O   
510 O  O   . HOH J .  ? 0.3348 1.2502 0.6418 0.1891  0.0390  0.0698  217 HOH A O   
511 O  O   . HOH J .  ? 0.4296 0.6687 0.4760 -0.0333 -0.0319 -0.2534 218 HOH A O   
512 O  O   . HOH J .  ? 0.7693 0.8908 1.1214 0.1814  -0.1303 -0.4077 219 HOH A O   
513 O  O   . HOH J .  ? 0.8064 0.5598 0.5517 -0.2355 -0.1104 -0.1737 220 HOH A O   
514 O  O   . HOH J .  ? 0.6099 0.9918 0.4918 0.0732  -0.2454 -0.1131 221 HOH A O   
515 O  O   . HOH J .  ? 0.3588 0.6865 0.3243 0.1152  0.0988  0.1269  222 HOH A O   
516 O  O   . HOH J .  ? 0.7384 0.6376 0.7701 -0.0130 -0.0940 0.0806  223 HOH A O   
517 O  O   . HOH J .  ? 0.5395 0.6776 0.7041 0.0417  -0.1016 -0.1665 224 HOH A O   
518 O  O   . HOH J .  ? 0.4356 0.3229 0.6331 -0.0609 -0.0443 -0.0420 225 HOH A O   
519 O  O   . HOH J .  ? 0.3047 0.5352 0.2209 -0.0053 -0.0169 0.0353  226 HOH A O   
520 O  O   . HOH J .  ? 0.2957 0.3693 0.8447 0.0309  -0.0435 -0.0837 227 HOH A O   
521 O  O   . HOH J .  ? 0.7488 0.3611 0.6003 0.0156  -0.0934 -0.0455 228 HOH A O   
522 O  O   A HOH J .  ? 0.3803 0.5768 0.3323 -0.0362 -0.0362 -0.0594 229 HOH A O   
523 O  O   . HOH J .  ? 0.6811 0.5011 0.9221 -0.2447 -0.4057 0.0821  230 HOH A O   
524 O  O   . HOH J .  ? 0.8127 0.8219 0.5286 -0.0994 -0.1000 -0.0749 231 HOH A O   
525 O  O   . HOH J .  ? 0.3590 0.5278 0.3967 -0.0708 -0.1121 0.0917  232 HOH A O   
526 O  O   . HOH J .  ? 0.2498 0.3502 0.5111 0.0394  -0.0310 0.0972  233 HOH A O   
527 O  O   . HOH J .  ? 0.3180 0.2635 0.3183 0.0619  -0.0060 -0.0248 234 HOH A O   
528 O  O   . HOH J .  ? 0.5032 0.3887 0.4578 -0.0157 -0.0419 -0.0002 235 HOH A O   
529 O  O   . HOH J .  ? 0.6923 0.4908 0.6308 -0.0620 -0.2800 -0.0687 236 HOH A O   
530 O  O   . HOH J .  ? 0.9847 1.4279 1.0302 0.1495  -0.0644 0.1588  237 HOH A O   
531 O  O   . HOH J .  ? 0.4038 0.2665 0.5340 0.0317  -0.0073 -0.0101 238 HOH A O   
532 O  O   . HOH J .  ? 0.2839 0.3912 0.2296 0.0806  -0.0185 0.0321  239 HOH A O   
533 O  O   . HOH J .  ? 0.3528 0.6499 0.7221 0.0929  0.0163  0.2573  240 HOH A O   
534 O  O   . HOH J .  ? 0.9658 0.5385 0.4773 -0.3243 -0.0529 0.0008  241 HOH A O   
535 O  O   . HOH J .  ? 0.6700 0.6433 0.4682 -0.3246 -0.1024 -0.0729 242 HOH A O   
536 O  O   . HOH J .  ? 0.6668 0.4545 0.4231 -0.1346 0.0790  -0.0829 243 HOH A O   
537 O  O   . HOH J .  ? 0.7101 0.5527 0.3391 -0.2486 -0.1073 0.0560  244 HOH A O   
538 O  O   . HOH J .  ? 0.3830 0.2692 0.3334 0.0241  0.0038  -0.0051 245 HOH A O   
539 O  O   . HOH J .  ? 0.3876 0.9334 0.7404 0.0516  -0.0779 0.3633  246 HOH A O   
540 O  O   . HOH J .  ? 0.4044 0.4203 0.2228 0.1895  0.0471  0.0445  247 HOH A O   
541 O  O   . HOH J .  ? 0.7009 0.3635 0.2647 -0.1432 0.0018  -0.0451 248 HOH A O   
542 O  O   . HOH J .  ? 0.5715 0.2832 0.4873 -0.0288 -0.1384 -0.0190 249 HOH A O   
543 O  O   . HOH J .  ? 0.8543 1.2086 0.9580 -0.5638 -0.1660 -0.0648 250 HOH A O   
544 O  O   . HOH J .  ? 0.3714 0.8632 0.5382 -0.0060 0.0459  0.0500  251 HOH A O   
545 O  O   . HOH J .  ? 0.5754 0.6316 0.4653 -0.1680 -0.1756 0.0307  252 HOH A O   
546 O  O   . HOH J .  ? 0.4049 0.3420 0.6037 -0.0266 -0.1458 0.0759  253 HOH A O   
547 O  O   . HOH J .  ? 0.2450 0.3023 0.2813 -0.0165 -0.0327 -0.0686 254 HOH A O   
548 O  O   . HOH J .  ? 0.2534 0.4692 0.3686 0.0091  0.0449  -0.0184 255 HOH A O   
549 O  O   . HOH J .  ? 0.6413 0.4558 0.2967 -0.1242 -0.1026 0.0207  256 HOH A O   
550 O  O   . HOH J .  ? 0.4524 0.5668 1.0209 0.0265  -0.0002 -0.1781 257 HOH A O   
551 O  O   . HOH J .  ? 0.8846 0.6366 0.6830 -0.3039 -0.1087 -0.0540 258 HOH A O   
552 O  O   . HOH J .  ? 0.3145 0.3770 0.2940 -0.0004 0.0149  0.0042  259 HOH A O   
553 O  O   . HOH J .  ? 0.8402 0.3855 0.2110 -0.1544 -0.0683 0.0701  260 HOH A O   
554 O  O   . HOH J .  ? 0.4818 0.5344 0.2443 -0.0287 0.0575  -0.0132 261 HOH A O   
555 O  O   . HOH J .  ? 0.3896 0.7011 0.4453 -0.0109 -0.0849 0.0629  262 HOH A O   
556 O  O   . HOH J .  ? 0.7987 0.5631 0.6039 -0.1477 -0.0063 -0.1373 263 HOH A O   
557 O  O   . HOH J .  ? 0.4693 1.3518 1.1165 0.1565  0.1162  -0.2087 264 HOH A O   
558 O  O   . HOH J .  ? 0.9177 0.6912 0.5005 -0.3295 0.2185  -0.1746 265 HOH A O   
559 O  O   . HOH J .  ? 0.2993 0.4828 0.2656 -0.0849 0.0102  0.0472  266 HOH A O   
560 O  O   . HOH J .  ? 0.4186 0.4067 0.7617 0.0706  -0.0436 -0.0641 267 HOH A O   
561 O  O   . HOH J .  ? 0.6284 0.6222 0.3618 -0.0036 -0.0610 -0.1329 268 HOH A O   
562 O  O   . HOH J .  ? 0.6405 0.7805 0.5804 -0.1340 -0.0212 0.2433  269 HOH A O   
563 O  O   . HOH J .  ? 0.5653 0.3862 0.5150 0.0379  0.0811  0.0339  270 HOH A O   
564 O  O   . HOH J .  ? 1.0463 0.5352 1.0847 0.2934  -0.1517 0.1255  271 HOH A O   
565 O  O   . HOH J .  ? 0.5017 1.1027 0.6461 -0.4235 -0.1373 0.2394  272 HOH A O   
566 O  O   . HOH J .  ? 0.4964 0.6950 0.7848 0.0363  -0.2288 0.1303  273 HOH A O   
567 O  O   . HOH J .  ? 0.5640 0.7092 0.8778 -0.0042 -0.1544 0.0001  274 HOH A O   
568 O  O   . HOH J .  ? 0.5011 0.8724 0.7054 0.2019  0.0601  -0.0826 275 HOH A O   
569 O  O   . HOH J .  ? 0.8852 0.4090 0.5762 -0.1116 -0.0716 -0.0119 276 HOH A O   
570 O  O   . HOH J .  ? 0.6873 0.9240 1.2017 0.5041  -0.4330 0.0122  277 HOH A O   
571 O  O   . HOH J .  ? 0.9647 1.4271 0.5634 0.3147  -0.1228 0.1545  278 HOH A O   
572 O  O   . HOH J .  ? 0.8191 0.5741 1.0361 -0.1287 -0.2856 0.0473  279 HOH A O   
573 O  O   . HOH J .  ? 0.7315 0.6291 0.9633 0.2133  0.1232  -0.0776 280 HOH A O   
574 O  O   . HOH J .  ? 1.0166 0.2990 0.8929 0.0648  0.2334  -0.0898 281 HOH A O   
575 O  O   . HOH J .  ? 1.1300 0.6498 0.7380 0.1511  0.0467  -0.0544 282 HOH A O   
576 O  O   . HOH J .  ? 0.5890 0.8684 0.6170 0.1979  -0.1170 0.0793  283 HOH A O   
577 O  O   . HOH J .  ? 0.7319 0.9554 1.1870 -0.1194 0.2509  -0.1163 284 HOH A O   
578 O  O   . HOH J .  ? 0.7086 0.4834 0.9387 0.0158  -0.1565 -0.1186 285 HOH A O   
579 O  O   . HOH J .  ? 0.4541 0.3806 0.8761 -0.0136 -0.1617 0.0759  286 HOH A O   
580 O  O   . HOH J .  ? 0.9533 0.9796 0.8901 -0.0655 0.2018  0.0445  287 HOH A O   
581 O  O   . HOH J .  ? 0.5926 0.3915 0.6919 -0.0014 0.0044  0.1267  288 HOH A O   
582 O  O   . HOH J .  ? 0.5177 0.2880 1.0375 0.0616  -0.0653 0.1100  289 HOH A O   
583 O  O   . HOH J .  ? 0.6948 0.7287 0.7043 0.0294  0.0427  -0.0487 290 HOH A O   
584 O  O   . HOH J .  ? 0.4602 0.5482 1.0590 0.0824  0.0875  -0.1145 291 HOH A O   
585 O  O   . HOH J .  ? 0.6042 0.4811 0.9913 0.0083  0.0364  0.0206  292 HOH A O   
586 O  O   . HOH J .  ? 0.6990 1.1949 0.9523 -0.3266 0.0636  -0.2142 293 HOH A O   
587 O  O   . HOH J .  ? 0.4534 0.3188 0.4968 0.0241  -0.0266 -0.0948 294 HOH A O   
588 O  O   . HOH J .  ? 0.6013 0.3937 0.8674 -0.0091 0.0784  -0.0062 295 HOH A O   
589 O  O   . HOH J .  ? 0.8284 0.4485 0.7730 -0.1509 -0.4541 -0.0223 296 HOH A O   
590 O  O   . HOH J .  ? 0.4060 0.8264 0.6170 -0.1057 0.0334  0.1878  297 HOH A O   
591 O  O   . HOH J .  ? 0.9246 0.5266 0.5504 -0.0032 -0.2523 0.0592  298 HOH A O   
592 O  O   . HOH J .  ? 0.5260 0.5459 0.4835 -0.1203 -0.1343 0.0249  299 HOH A O   
593 O  O   . HOH J .  ? 1.2857 0.5527 0.9503 0.3134  -0.0886 0.0341  300 HOH A O   
594 O  O   . HOH J .  ? 0.7285 0.5704 0.6091 -0.1285 0.2099  -0.1366 301 HOH A O   
595 O  O   . HOH J .  ? 0.4173 0.6877 0.3488 0.1709  0.0487  0.1444  302 HOH A O   
596 O  O   . HOH J .  ? 0.5980 0.4515 0.7915 0.1433  -0.0713 -0.2668 303 HOH A O   
597 O  O   . HOH J .  ? 0.2868 0.5229 1.1401 -0.0240 0.1130  -0.1040 304 HOH A O   
598 O  O   . HOH J .  ? 1.2232 0.5676 0.6880 0.1890  0.0334  0.0988  305 HOH A O   
599 O  O   . HOH J .  ? 1.0480 0.8186 1.2344 0.0915  0.3109  0.0282  306 HOH A O   
600 O  O   . HOH J .  ? 0.4928 0.3452 0.8593 -0.0255 0.0093  -0.1127 307 HOH A O   
601 O  O   . HOH J .  ? 0.6491 1.1661 0.5680 -0.1234 0.2845  -0.1357 308 HOH A O   
602 O  O   . HOH J .  ? 0.5819 0.3782 0.9830 0.0557  -0.0013 -0.1750 309 HOH A O   
603 O  O   . HOH J .  ? 0.4755 0.7885 1.1685 -0.1037 -0.1804 0.2805  310 HOH A O   
604 O  O   . HOH J .  ? 0.7155 0.5397 0.4873 0.0216  -0.1692 0.1200  311 HOH A O   
605 O  O   . HOH J .  ? 0.7847 0.4678 1.1428 -0.0559 -0.0909 -0.3514 312 HOH A O   
606 O  O   . HOH J .  ? 0.7036 0.4232 1.1347 0.0934  0.1868  -0.0676 313 HOH A O   
# 
loop_
_pdbx_poly_seq_scheme.asym_id 
_pdbx_poly_seq_scheme.entity_id 
_pdbx_poly_seq_scheme.seq_id 
_pdbx_poly_seq_scheme.mon_id 
_pdbx_poly_seq_scheme.ndb_seq_num 
_pdbx_poly_seq_scheme.pdb_seq_num 
_pdbx_poly_seq_scheme.auth_seq_num 
_pdbx_poly_seq_scheme.pdb_mon_id 
_pdbx_poly_seq_scheme.auth_mon_id 
_pdbx_poly_seq_scheme.pdb_strand_id 
_pdbx_poly_seq_scheme.pdb_ins_code 
_pdbx_poly_seq_scheme.hetero 
A 1 1  MET 1  1  1  MET MET A . n 
A 1 2  THR 2  2  2  THR THR A . n 
A 1 3  TYR 3  3  3  TYR TYR A . n 
A 1 4  LYS 4  4  4  LYS LYS A . n 
A 1 5  LEU 5  5  5  LEU LEU A . n 
A 1 6  ILE 6  6  6  ILE ILE A . n 
A 1 7  LEU 7  7  7  LEU LEU A . n 
A 1 8  ASN 8  8  8  ASN ASN A . n 
A 1 9  GLY 9  9  9  GLY GLY A . n 
A 1 10 LYS 10 10 10 LYS LYS A . n 
A 1 11 THR 11 11 11 THR THR A . n 
A 1 12 HIS 12 12 12 HIS HIS A . n 
A 1 13 LYS 13 13 13 LYS LYS A . n 
A 1 14 GLY 14 14 14 GLY GLY A . n 
A 1 15 VAL 15 15 15 VAL VAL A . n 
A 1 16 LEU 16 16 16 LEU LEU A . n 
A 1 17 THR 17 17 17 THR THR A . n 
A 1 18 ILE 18 18 18 ILE ILE A . n 
A 1 19 GLU 19 19 19 GLU GLU A . n 
A 1 20 ALA 20 20 20 ALA ALA A . n 
A 1 21 VAL 21 21 21 VAL VAL A . n 
A 1 22 ASP 22 22 22 ASP ASP A . n 
A 1 23 ALA 23 23 23 ALA ALA A . n 
A 1 24 ALA 24 24 24 ALA ALA A . n 
A 1 25 THR 25 25 25 THR THR A . n 
A 1 26 ALA 26 26 26 ALA ALA A . n 
A 1 27 GLU 27 27 27 GLU GLU A . n 
A 1 28 LYS 28 28 28 LYS LYS A . n 
A 1 29 HIS 29 29 29 HIS HIS A . n 
A 1 30 PHE 30 30 30 PHE PHE A . n 
A 1 31 LYS 31 31 31 LYS LYS A . n 
A 1 32 GLN 32 32 32 GLN GLN A . n 
A 1 33 HIS 33 33 33 HIS HIS A . n 
A 1 34 ALA 34 34 34 ALA ALA A . n 
A 1 35 ASN 35 35 35 ASN ASN A . n 
A 1 36 ASP 36 36 36 ASP ASP A . n 
A 1 37 LEU 37 37 37 LEU LEU A . n 
A 1 38 GLY 38 38 38 GLY GLY A . n 
A 1 39 VAL 39 39 39 VAL VAL A . n 
A 1 40 ASP 40 40 40 ASP ASP A . n 
A 1 41 GLY 41 41 41 GLY GLY A . n 
A 1 42 GLU 42 42 42 GLU GLU A . n 
A 1 43 TRP 43 43 43 TRP TRP A . n 
A 1 44 THR 44 44 44 THR THR A . n 
A 1 45 TYR 45 45 45 TYR TYR A . n 
A 1 46 ASP 46 46 46 ASP ASP A . n 
A 1 47 ASP 47 47 47 ASP ASP A . n 
A 1 48 ALA 48 48 48 ALA ALA A . n 
A 1 49 THR 49 49 49 THR THR A . n 
A 1 50 LYS 50 50 50 LYS LYS A . n 
A 1 51 THR 51 51 51 THR THR A . n 
A 1 52 PHE 52 52 52 PHE PHE A . n 
A 1 53 THR 53 53 53 THR THR A . n 
A 1 54 VAL 54 54 54 VAL VAL A . n 
A 1 55 THR 55 55 55 THR THR A . n 
A 1 56 GLU 56 56 56 GLU GLU A . n 
# 
loop_
_pdbx_nonpoly_scheme.asym_id 
_pdbx_nonpoly_scheme.entity_id 
_pdbx_nonpoly_scheme.mon_id 
_pdbx_nonpoly_scheme.ndb_seq_num 
_pdbx_nonpoly_scheme.pdb_seq_num 
_pdbx_nonpoly_scheme.auth_seq_num 
_pdbx_nonpoly_scheme.pdb_mon_id 
_pdbx_nonpoly_scheme.auth_mon_id 
_pdbx_nonpoly_scheme.pdb_strand_id 
_pdbx_nonpoly_scheme.pdb_ins_code 
B 2 ZN  1   101 1   ZN  Zn  A . 
C 2 ZN  1   102 2   ZN  ZN  A . 
D 3 CL  1   103 3   CL  CL  A . 
E 3 CL  1   104 4   CL  CL  A . 
F 4 GOL 1   105 6   GOL GOL A . 
G 3 CL  1   106 2   CL  CL  A . 
H 5 NA  1   107 72  NA  NA  A . 
I 5 NA  1   108 103 NA  NA  A . 
J 6 HOH 1   201 77  HOH HOH A . 
J 6 HOH 2   202 35  HOH HOH A . 
J 6 HOH 3   203 100 HOH HOH A . 
J 6 HOH 4   204 71  HOH HOH A . 
J 6 HOH 5   205 106 HOH HOH A . 
J 6 HOH 6   206 44  HOH HOH A . 
J 6 HOH 7   207 69  HOH HOH A . 
J 6 HOH 8   208 41  HOH HOH A . 
J 6 HOH 9   209 68  HOH HOH A . 
J 6 HOH 10  210 63  HOH HOH A . 
J 6 HOH 11  211 47  HOH HOH A . 
J 6 HOH 12  212 75  HOH HOH A . 
J 6 HOH 13  213 39  HOH HOH A . 
J 6 HOH 14  214 23  HOH HOH A . 
J 6 HOH 15  215 6   HOH HOH A . 
J 6 HOH 16  216 76  HOH HOH A . 
J 6 HOH 17  217 53  HOH HOH A . 
J 6 HOH 18  218 64  HOH HOH A . 
J 6 HOH 19  219 43  HOH HOH A . 
J 6 HOH 20  220 66  HOH HOH A . 
J 6 HOH 21  221 80  HOH HOH A . 
J 6 HOH 22  222 16  HOH HOH A . 
J 6 HOH 23  223 65  HOH HOH A . 
J 6 HOH 24  224 59  HOH HOH A . 
J 6 HOH 25  225 29  HOH HOH A . 
J 6 HOH 26  226 14  HOH HOH A . 
J 6 HOH 27  227 42  HOH HOH A . 
J 6 HOH 28  228 19  HOH HOH A . 
J 6 HOH 29  229 108 HOH HOH A . 
J 6 HOH 30  230 62  HOH HOH A . 
J 6 HOH 31  231 115 HOH HOH A . 
J 6 HOH 32  232 21  HOH HOH A . 
J 6 HOH 33  233 4   HOH HOH A . 
J 6 HOH 34  234 3   HOH HOH A . 
J 6 HOH 35  235 30  HOH HOH A . 
J 6 HOH 36  236 99  HOH HOH A . 
J 6 HOH 37  237 98  HOH HOH A . 
J 6 HOH 38  238 18  HOH HOH A . 
J 6 HOH 39  239 12  HOH HOH A . 
J 6 HOH 40  240 93  HOH HOH A . 
J 6 HOH 41  241 81  HOH HOH A . 
J 6 HOH 42  242 11  HOH HOH A . 
J 6 HOH 43  243 34  HOH HOH A . 
J 6 HOH 44  244 38  HOH HOH A . 
J 6 HOH 45  245 22  HOH HOH A . 
J 6 HOH 46  246 89  HOH HOH A . 
J 6 HOH 47  247 8   HOH HOH A . 
J 6 HOH 48  248 13  HOH HOH A . 
J 6 HOH 49  249 24  HOH HOH A . 
J 6 HOH 50  250 87  HOH HOH A . 
J 6 HOH 51  251 33  HOH HOH A . 
J 6 HOH 52  252 45  HOH HOH A . 
J 6 HOH 53  253 25  HOH HOH A . 
J 6 HOH 54  254 7   HOH HOH A . 
J 6 HOH 55  255 5   HOH HOH A . 
J 6 HOH 56  256 17  HOH HOH A . 
J 6 HOH 57  257 74  HOH HOH A . 
J 6 HOH 58  258 28  HOH HOH A . 
J 6 HOH 59  259 20  HOH HOH A . 
J 6 HOH 60  260 1   HOH HOH A . 
J 6 HOH 61  261 31  HOH HOH A . 
J 6 HOH 62  262 10  HOH HOH A . 
J 6 HOH 63  263 60  HOH HOH A . 
J 6 HOH 64  264 48  HOH HOH A . 
J 6 HOH 65  265 107 HOH HOH A . 
J 6 HOH 66  266 9   HOH HOH A . 
J 6 HOH 67  267 82  HOH HOH A . 
J 6 HOH 68  268 54  HOH HOH A . 
J 6 HOH 69  269 27  HOH HOH A . 
J 6 HOH 70  270 26  HOH HOH A . 
J 6 HOH 71  271 90  HOH HOH A . 
J 6 HOH 72  272 57  HOH HOH A . 
J 6 HOH 73  273 52  HOH HOH A . 
J 6 HOH 74  274 88  HOH HOH A . 
J 6 HOH 75  275 111 HOH HOH A . 
J 6 HOH 76  276 112 HOH HOH A . 
J 6 HOH 77  277 96  HOH HOH A . 
J 6 HOH 78  278 97  HOH HOH A . 
J 6 HOH 79  279 40  HOH HOH A . 
J 6 HOH 80  280 83  HOH HOH A . 
J 6 HOH 81  281 49  HOH HOH A . 
J 6 HOH 82  282 50  HOH HOH A . 
J 6 HOH 83  283 67  HOH HOH A . 
J 6 HOH 84  284 36  HOH HOH A . 
J 6 HOH 85  285 55  HOH HOH A . 
J 6 HOH 86  286 85  HOH HOH A . 
J 6 HOH 87  287 104 HOH HOH A . 
J 6 HOH 88  288 58  HOH HOH A . 
J 6 HOH 89  289 51  HOH HOH A . 
J 6 HOH 90  290 110 HOH HOH A . 
J 6 HOH 91  291 56  HOH HOH A . 
J 6 HOH 92  292 61  HOH HOH A . 
J 6 HOH 93  293 94  HOH HOH A . 
J 6 HOH 94  294 15  HOH HOH A . 
J 6 HOH 95  295 79  HOH HOH A . 
J 6 HOH 96  296 95  HOH HOH A . 
J 6 HOH 97  297 46  HOH HOH A . 
J 6 HOH 98  298 86  HOH HOH A . 
J 6 HOH 99  299 70  HOH HOH A . 
J 6 HOH 100 300 109 HOH HOH A . 
J 6 HOH 101 301 114 HOH HOH A . 
J 6 HOH 102 302 1   HOH HOH A . 
J 6 HOH 103 303 91  HOH HOH A . 
J 6 HOH 104 304 101 HOH HOH A . 
J 6 HOH 105 305 84  HOH HOH A . 
J 6 HOH 106 306 108 HOH HOH A . 
J 6 HOH 107 307 37  HOH HOH A . 
J 6 HOH 108 308 105 HOH HOH A . 
J 6 HOH 109 309 32  HOH HOH A . 
J 6 HOH 110 310 102 HOH HOH A . 
J 6 HOH 111 311 73  HOH HOH A . 
J 6 HOH 112 312 92  HOH HOH A . 
J 6 HOH 113 313 113 HOH HOH A . 
# 
_pdbx_struct_assembly.id                   1 
_pdbx_struct_assembly.details              author_and_software_defined_assembly 
_pdbx_struct_assembly.method_details       PISA 
_pdbx_struct_assembly.oligomeric_details   dimeric 
_pdbx_struct_assembly.oligomeric_count     2 
# 
_pdbx_struct_assembly_gen.assembly_id       1 
_pdbx_struct_assembly_gen.oper_expression   1,2 
_pdbx_struct_assembly_gen.asym_id_list      A,B,C,D,E,F,G,H,I,J 
# 
loop_
_pdbx_struct_assembly_prop.biol_id 
_pdbx_struct_assembly_prop.type 
_pdbx_struct_assembly_prop.value 
_pdbx_struct_assembly_prop.details 
1 'ABSA (A^2)' 3380 ? 
1 MORE         -233 ? 
1 'SSA (A^2)'  5990 ? 
# 
loop_
_pdbx_struct_oper_list.id 
_pdbx_struct_oper_list.type 
_pdbx_struct_oper_list.name 
_pdbx_struct_oper_list.symmetry_operation 
_pdbx_struct_oper_list.matrix[1][1] 
_pdbx_struct_oper_list.matrix[1][2] 
_pdbx_struct_oper_list.matrix[1][3] 
_pdbx_struct_oper_list.vector[1] 
_pdbx_struct_oper_list.matrix[2][1] 
_pdbx_struct_oper_list.matrix[2][2] 
_pdbx_struct_oper_list.matrix[2][3] 
_pdbx_struct_oper_list.vector[2] 
_pdbx_struct_oper_list.matrix[3][1] 
_pdbx_struct_oper_list.matrix[3][2] 
_pdbx_struct_oper_list.matrix[3][3] 
_pdbx_struct_oper_list.vector[3] 
1 'identity operation'         1_555 x,y,z   1.0000000000  0.0000000000 0.0000000000 0.0000000000   0.0000000000 1.0000000000  0.0000000000 0.0000000000  0.0000000000 0.0000000000 1.0000000000 0.0000000000 
2 'crystal symmetry operation' 6_555 -x,-y,z -0.8023966053 0.3570934257 0.4781673066 -15.0197460312 0.3570934257 -0.3546886435 0.8641066204 -1.8829410752 0.4781673066 0.8641066204 0.1570852488 7.6131066093 
# 
loop_
_pdbx_struct_special_symmetry.id 
_pdbx_struct_special_symmetry.PDB_model_num 
_pdbx_struct_special_symmetry.auth_asym_id 
_pdbx_struct_special_symmetry.auth_comp_id 
_pdbx_struct_special_symmetry.auth_seq_id 
_pdbx_struct_special_symmetry.PDB_ins_code 
_pdbx_struct_special_symmetry.label_asym_id 
_pdbx_struct_special_symmetry.label_comp_id 
_pdbx_struct_special_symmetry.label_seq_id 
1 1 A HOH 243 ? J HOH . 
2 1 A HOH 254 ? J HOH . 
3 1 A HOH 260 ? J HOH . 
# 
loop_
_pdbx_struct_conn_angle.id 
_pdbx_struct_conn_angle.ptnr1_label_atom_id 
_pdbx_struct_conn_angle.ptnr1_label_alt_id 
_pdbx_struct_conn_angle.ptnr1_label_asym_id 
_pdbx_struct_conn_angle.ptnr1_label_comp_id 
_pdbx_struct_conn_angle.ptnr1_label_seq_id 
_pdbx_struct_conn_angle.ptnr1_auth_atom_id 
_pdbx_struct_conn_angle.ptnr1_auth_asym_id 
_pdbx_struct_conn_angle.ptnr1_auth_comp_id 
_pdbx_struct_conn_angle.ptnr1_auth_seq_id 
_pdbx_struct_conn_angle.ptnr1_PDB_ins_code 
_pdbx_struct_conn_angle.ptnr1_symmetry 
_pdbx_struct_conn_angle.ptnr2_label_atom_id 
_pdbx_struct_conn_angle.ptnr2_label_alt_id 
_pdbx_struct_conn_angle.ptnr2_label_asym_id 
_pdbx_struct_conn_angle.ptnr2_label_comp_id 
_pdbx_struct_conn_angle.ptnr2_label_seq_id 
_pdbx_struct_conn_angle.ptnr2_auth_atom_id 
_pdbx_struct_conn_angle.ptnr2_auth_asym_id 
_pdbx_struct_conn_angle.ptnr2_auth_comp_id 
_pdbx_struct_conn_angle.ptnr2_auth_seq_id 
_pdbx_struct_conn_angle.ptnr2_PDB_ins_code 
_pdbx_struct_conn_angle.ptnr2_symmetry 
_pdbx_struct_conn_angle.ptnr3_label_atom_id 
_pdbx_struct_conn_angle.ptnr3_label_alt_id 
_pdbx_struct_conn_angle.ptnr3_label_asym_id 
_pdbx_struct_conn_angle.ptnr3_label_comp_id 
_pdbx_struct_conn_angle.ptnr3_label_seq_id 
_pdbx_struct_conn_angle.ptnr3_auth_atom_id 
_pdbx_struct_conn_angle.ptnr3_auth_asym_id 
_pdbx_struct_conn_angle.ptnr3_auth_comp_id 
_pdbx_struct_conn_angle.ptnr3_auth_seq_id 
_pdbx_struct_conn_angle.ptnr3_PDB_ins_code 
_pdbx_struct_conn_angle.ptnr3_symmetry 
_pdbx_struct_conn_angle.value 
_pdbx_struct_conn_angle.value_esd 
1  N   ? A MET 1  ? A MET 1   ? 1_555 ZN ? B ZN . ? A ZN 101 ? 1_555 OE2 ? A GLU 19 ? A GLU 19  ? 1_555 114.3 ? 
2  N   ? A MET 1  ? A MET 1   ? 1_555 ZN ? B ZN . ? A ZN 101 ? 1_555 OE2 ? A GLU 27 ? A GLU 27  ? 1_555 42.2  ? 
3  OE2 ? A GLU 19 ? A GLU 19  ? 1_555 ZN ? B ZN . ? A ZN 101 ? 1_555 OE2 ? A GLU 27 ? A GLU 27  ? 1_555 72.9  ? 
4  ND1 ? A HIS 12 ? A HIS 12  ? 1_555 ZN ? C ZN . ? A ZN 102 ? 6_555 NE2 ? A HIS 29 ? A HIS 29  ? 1_555 94.9  ? 
5  ND1 ? A HIS 12 ? A HIS 12  ? 1_555 ZN ? C ZN . ? A ZN 102 ? 6_555 NE2 ? A HIS 33 ? A HIS 33  ? 1_555 94.6  ? 
6  NE2 ? A HIS 29 ? A HIS 29  ? 1_555 ZN ? C ZN . ? A ZN 102 ? 6_555 NE2 ? A HIS 33 ? A HIS 33  ? 1_555 2.9   ? 
7  OH  ? A TYR 45 ? A TYR 45  ? 1_555 NA ? I NA . ? A NA 108 ? 1_555 OD1 ? A ASP 47 ? A ASP 47  ? 1_555 112.4 ? 
8  OH  ? A TYR 45 ? A TYR 45  ? 1_555 NA ? I NA . ? A NA 108 ? 1_555 O   ? J HOH .  ? A HOH 222 ? 1_555 99.6  ? 
9  OD1 ? A ASP 47 ? A ASP 47  ? 1_555 NA ? I NA . ? A NA 108 ? 1_555 O   ? J HOH .  ? A HOH 222 ? 1_555 140.2 ? 
10 OH  ? A TYR 45 ? A TYR 45  ? 1_555 NA ? I NA . ? A NA 108 ? 1_555 O   ? J HOH .  ? A HOH 287 ? 1_555 107.6 ? 
11 OD1 ? A ASP 47 ? A ASP 47  ? 1_555 NA ? I NA . ? A NA 108 ? 1_555 O   ? J HOH .  ? A HOH 287 ? 1_555 92.7  ? 
12 O   ? J HOH .  ? A HOH 222 ? 1_555 NA ? I NA . ? A NA 108 ? 1_555 O   ? J HOH .  ? A HOH 287 ? 1_555 99.8  ? 
13 O1  ? F GOL .  ? A GOL 105 ? 1_555 NA ? H NA . ? A NA 107 ? 1_555 O   ? J HOH .  ? A HOH 213 ? 1_555 68.1  ? 
14 O1  ? F GOL .  ? A GOL 105 ? 1_555 NA ? H NA . ? A NA 107 ? 1_555 O   ? J HOH .  ? A HOH 217 ? 1_555 70.0  ? 
15 O   ? J HOH .  ? A HOH 213 ? 1_555 NA ? H NA . ? A NA 107 ? 1_555 O   ? J HOH .  ? A HOH 217 ? 1_555 130.2 ? 
# 
loop_
_pdbx_audit_revision_history.ordinal 
_pdbx_audit_revision_history.data_content_type 
_pdbx_audit_revision_history.major_revision 
_pdbx_audit_revision_history.minor_revision 
_pdbx_audit_revision_history.revision_date 
1 'Structure model' 1 0 2019-01-23 
2 'Structure model' 1 1 2019-05-08 
3 'Structure model' 1 2 2019-05-15 
4 'Structure model' 1 3 2023-05-03 
5 'Structure model' 1 4 2023-10-25 
# 
_pdbx_audit_revision_details.ordinal             1 
_pdbx_audit_revision_details.revision_ordinal    1 
_pdbx_audit_revision_details.data_content_type   'Structure model' 
_pdbx_audit_revision_details.provider            repository 
_pdbx_audit_revision_details.type                'Initial release' 
_pdbx_audit_revision_details.description         ? 
_pdbx_audit_revision_details.details             ? 
# 
loop_
_pdbx_audit_revision_group.ordinal 
_pdbx_audit_revision_group.revision_ordinal 
_pdbx_audit_revision_group.data_content_type 
_pdbx_audit_revision_group.group 
1 2 'Structure model' 'Data collection'        
2 2 'Structure model' 'Database references'    
3 3 'Structure model' 'Data collection'        
4 3 'Structure model' 'Structure summary'      
5 4 'Structure model' 'Database references'    
6 4 'Structure model' 'Derived calculations'   
7 4 'Structure model' 'Structure summary'      
8 5 'Structure model' 'Data collection'        
9 5 'Structure model' 'Refinement description' 
# 
loop_
_pdbx_audit_revision_category.ordinal 
_pdbx_audit_revision_category.revision_ordinal 
_pdbx_audit_revision_category.data_content_type 
_pdbx_audit_revision_category.category 
1  2 'Structure model' citation                      
2  2 'Structure model' citation_author               
3  3 'Structure model' audit_author                  
4  4 'Structure model' audit_author                  
5  4 'Structure model' database_2                    
6  4 'Structure model' pdbx_struct_conn_angle        
7  4 'Structure model' struct_conn                   
8  5 'Structure model' chem_comp_atom                
9  5 'Structure model' chem_comp_bond                
10 5 'Structure model' pdbx_initial_refinement_model 
# 
loop_
_pdbx_audit_revision_item.ordinal 
_pdbx_audit_revision_item.revision_ordinal 
_pdbx_audit_revision_item.data_content_type 
_pdbx_audit_revision_item.item 
1  2 'Structure model' '_citation.country'                           
2  2 'Structure model' '_citation.journal_abbrev'                    
3  2 'Structure model' '_citation.journal_id_ASTM'                   
4  2 'Structure model' '_citation.journal_id_CSD'                    
5  2 'Structure model' '_citation.journal_id_ISSN'                   
6  2 'Structure model' '_citation.journal_volume'                    
7  2 'Structure model' '_citation.page_first'                        
8  2 'Structure model' '_citation.page_last'                         
9  2 'Structure model' '_citation.pdbx_database_id_DOI'              
10 2 'Structure model' '_citation.pdbx_database_id_PubMed'           
11 2 'Structure model' '_citation.title'                             
12 2 'Structure model' '_citation.year'                              
13 4 'Structure model' '_audit_author.name'                          
14 4 'Structure model' '_database_2.pdbx_DOI'                        
15 4 'Structure model' '_database_2.pdbx_database_accession'         
16 4 'Structure model' '_pdbx_struct_conn_angle.ptnr1_auth_seq_id'   
17 4 'Structure model' '_pdbx_struct_conn_angle.ptnr1_label_atom_id' 
18 4 'Structure model' '_pdbx_struct_conn_angle.ptnr1_label_seq_id'  
19 4 'Structure model' '_pdbx_struct_conn_angle.ptnr2_symmetry'      
20 4 'Structure model' '_pdbx_struct_conn_angle.ptnr3_auth_seq_id'   
21 4 'Structure model' '_pdbx_struct_conn_angle.ptnr3_label_atom_id' 
22 4 'Structure model' '_pdbx_struct_conn_angle.ptnr3_label_seq_id'  
23 4 'Structure model' '_pdbx_struct_conn_angle.value'               
24 4 'Structure model' '_struct_conn.pdbx_dist_value'                
25 4 'Structure model' '_struct_conn.ptnr1_auth_comp_id'             
26 4 'Structure model' '_struct_conn.ptnr1_auth_seq_id'              
27 4 'Structure model' '_struct_conn.ptnr1_label_asym_id'            
28 4 'Structure model' '_struct_conn.ptnr1_label_atom_id'            
29 4 'Structure model' '_struct_conn.ptnr1_label_comp_id'            
30 4 'Structure model' '_struct_conn.ptnr1_label_seq_id'             
31 4 'Structure model' '_struct_conn.ptnr2_auth_comp_id'             
32 4 'Structure model' '_struct_conn.ptnr2_auth_seq_id'              
33 4 'Structure model' '_struct_conn.ptnr2_label_asym_id'            
34 4 'Structure model' '_struct_conn.ptnr2_label_atom_id'            
35 4 'Structure model' '_struct_conn.ptnr2_label_comp_id'            
36 4 'Structure model' '_struct_conn.ptnr2_symmetry'                 
# 
loop_
_software.citation_id 
_software.classification 
_software.compiler_name 
_software.compiler_version 
_software.contact_author 
_software.contact_author_email 
_software.date 
_software.description 
_software.dependencies 
_software.hardware 
_software.language 
_software.location 
_software.mods 
_software.name 
_software.os 
_software.os_version 
_software.type 
_software.version 
_software.pdbx_ordinal 
? refinement       ? ? ? ? ? ? ? ? ? ? ? REFMAC   ? ? ? 5.8.0238 1 
? 'data reduction' ? ? ? ? ? ? ? ? ? ? ? HKL-2000 ? ? ? .        2 
? 'data scaling'   ? ? ? ? ? ? ? ? ? ? ? HKL-2000 ? ? ? .        3 
? phasing          ? ? ? ? ? ? ? ? ? ? ? PHASER   ? ? ? .        4 
# 
loop_
_pdbx_validate_close_contact.id 
_pdbx_validate_close_contact.PDB_model_num 
_pdbx_validate_close_contact.auth_atom_id_1 
_pdbx_validate_close_contact.auth_asym_id_1 
_pdbx_validate_close_contact.auth_comp_id_1 
_pdbx_validate_close_contact.auth_seq_id_1 
_pdbx_validate_close_contact.PDB_ins_code_1 
_pdbx_validate_close_contact.label_alt_id_1 
_pdbx_validate_close_contact.auth_atom_id_2 
_pdbx_validate_close_contact.auth_asym_id_2 
_pdbx_validate_close_contact.auth_comp_id_2 
_pdbx_validate_close_contact.auth_seq_id_2 
_pdbx_validate_close_contact.PDB_ins_code_2 
_pdbx_validate_close_contact.label_alt_id_2 
_pdbx_validate_close_contact.dist 
1 1 O A HOH 204 ? ? O A HOH 301 ? ? 2.15 
2 1 O A HOH 258 ? ? O A HOH 263 ? ? 2.17 
# 
_pdbx_validate_symm_contact.id                1 
_pdbx_validate_symm_contact.PDB_model_num     1 
_pdbx_validate_symm_contact.auth_atom_id_1    O 
_pdbx_validate_symm_contact.auth_asym_id_1    A 
_pdbx_validate_symm_contact.auth_comp_id_1    HOH 
_pdbx_validate_symm_contact.auth_seq_id_1     236 
_pdbx_validate_symm_contact.PDB_ins_code_1    ? 
_pdbx_validate_symm_contact.label_alt_id_1    ? 
_pdbx_validate_symm_contact.site_symmetry_1   1_555 
_pdbx_validate_symm_contact.auth_atom_id_2    O 
_pdbx_validate_symm_contact.auth_asym_id_2    A 
_pdbx_validate_symm_contact.auth_comp_id_2    HOH 
_pdbx_validate_symm_contact.auth_seq_id_2     311 
_pdbx_validate_symm_contact.PDB_ins_code_2    ? 
_pdbx_validate_symm_contact.label_alt_id_2    ? 
_pdbx_validate_symm_contact.site_symmetry_2   4_554 
_pdbx_validate_symm_contact.dist              2.19 
# 
_pdbx_validate_rmsd_bond.id                        1 
_pdbx_validate_rmsd_bond.PDB_model_num             1 
_pdbx_validate_rmsd_bond.auth_atom_id_1            CE1 
_pdbx_validate_rmsd_bond.auth_asym_id_1            A 
_pdbx_validate_rmsd_bond.auth_comp_id_1            HIS 
_pdbx_validate_rmsd_bond.auth_seq_id_1             33 
_pdbx_validate_rmsd_bond.PDB_ins_code_1            ? 
_pdbx_validate_rmsd_bond.label_alt_id_1            ? 
_pdbx_validate_rmsd_bond.auth_atom_id_2            NE2 
_pdbx_validate_rmsd_bond.auth_asym_id_2            A 
_pdbx_validate_rmsd_bond.auth_comp_id_2            HIS 
_pdbx_validate_rmsd_bond.auth_seq_id_2             33 
_pdbx_validate_rmsd_bond.PDB_ins_code_2            ? 
_pdbx_validate_rmsd_bond.label_alt_id_2            ? 
_pdbx_validate_rmsd_bond.bond_value                1.483 
_pdbx_validate_rmsd_bond.bond_target_value         1.333 
_pdbx_validate_rmsd_bond.bond_deviation            0.150 
_pdbx_validate_rmsd_bond.bond_standard_deviation   0.019 
_pdbx_validate_rmsd_bond.linker_flag               N 
# 
loop_
_pdbx_distant_solvent_atoms.id 
_pdbx_distant_solvent_atoms.PDB_model_num 
_pdbx_distant_solvent_atoms.auth_atom_id 
_pdbx_distant_solvent_atoms.label_alt_id 
_pdbx_distant_solvent_atoms.auth_asym_id 
_pdbx_distant_solvent_atoms.auth_comp_id 
_pdbx_distant_solvent_atoms.auth_seq_id 
_pdbx_distant_solvent_atoms.PDB_ins_code 
_pdbx_distant_solvent_atoms.neighbor_macromolecule_distance 
_pdbx_distant_solvent_atoms.neighbor_ligand_distance 
1 1 O ? A HOH 311 ? 6.03 . 
2 1 O ? A HOH 312 ? 6.38 . 
3 1 O ? A HOH 313 ? 6.48 . 
# 
loop_
_chem_comp_atom.comp_id 
_chem_comp_atom.atom_id 
_chem_comp_atom.type_symbol 
_chem_comp_atom.pdbx_aromatic_flag 
_chem_comp_atom.pdbx_stereo_config 
_chem_comp_atom.pdbx_ordinal 
ALA N    N  N N 1   
ALA CA   C  N S 2   
ALA C    C  N N 3   
ALA O    O  N N 4   
ALA CB   C  N N 5   
ALA OXT  O  N N 6   
ALA H    H  N N 7   
ALA H2   H  N N 8   
ALA HA   H  N N 9   
ALA HB1  H  N N 10  
ALA HB2  H  N N 11  
ALA HB3  H  N N 12  
ALA HXT  H  N N 13  
ASN N    N  N N 14  
ASN CA   C  N S 15  
ASN C    C  N N 16  
ASN O    O  N N 17  
ASN CB   C  N N 18  
ASN CG   C  N N 19  
ASN OD1  O  N N 20  
ASN ND2  N  N N 21  
ASN OXT  O  N N 22  
ASN H    H  N N 23  
ASN H2   H  N N 24  
ASN HA   H  N N 25  
ASN HB2  H  N N 26  
ASN HB3  H  N N 27  
ASN HD21 H  N N 28  
ASN HD22 H  N N 29  
ASN HXT  H  N N 30  
ASP N    N  N N 31  
ASP CA   C  N S 32  
ASP C    C  N N 33  
ASP O    O  N N 34  
ASP CB   C  N N 35  
ASP CG   C  N N 36  
ASP OD1  O  N N 37  
ASP OD2  O  N N 38  
ASP OXT  O  N N 39  
ASP H    H  N N 40  
ASP H2   H  N N 41  
ASP HA   H  N N 42  
ASP HB2  H  N N 43  
ASP HB3  H  N N 44  
ASP HD2  H  N N 45  
ASP HXT  H  N N 46  
CL  CL   CL N N 47  
GLN N    N  N N 48  
GLN CA   C  N S 49  
GLN C    C  N N 50  
GLN O    O  N N 51  
GLN CB   C  N N 52  
GLN CG   C  N N 53  
GLN CD   C  N N 54  
GLN OE1  O  N N 55  
GLN NE2  N  N N 56  
GLN OXT  O  N N 57  
GLN H    H  N N 58  
GLN H2   H  N N 59  
GLN HA   H  N N 60  
GLN HB2  H  N N 61  
GLN HB3  H  N N 62  
GLN HG2  H  N N 63  
GLN HG3  H  N N 64  
GLN HE21 H  N N 65  
GLN HE22 H  N N 66  
GLN HXT  H  N N 67  
GLU N    N  N N 68  
GLU CA   C  N S 69  
GLU C    C  N N 70  
GLU O    O  N N 71  
GLU CB   C  N N 72  
GLU CG   C  N N 73  
GLU CD   C  N N 74  
GLU OE1  O  N N 75  
GLU OE2  O  N N 76  
GLU OXT  O  N N 77  
GLU H    H  N N 78  
GLU H2   H  N N 79  
GLU HA   H  N N 80  
GLU HB2  H  N N 81  
GLU HB3  H  N N 82  
GLU HG2  H  N N 83  
GLU HG3  H  N N 84  
GLU HE2  H  N N 85  
GLU HXT  H  N N 86  
GLY N    N  N N 87  
GLY CA   C  N N 88  
GLY C    C  N N 89  
GLY O    O  N N 90  
GLY OXT  O  N N 91  
GLY H    H  N N 92  
GLY H2   H  N N 93  
GLY HA2  H  N N 94  
GLY HA3  H  N N 95  
GLY HXT  H  N N 96  
GOL C1   C  N N 97  
GOL O1   O  N N 98  
GOL C2   C  N N 99  
GOL O2   O  N N 100 
GOL C3   C  N N 101 
GOL O3   O  N N 102 
GOL H11  H  N N 103 
GOL H12  H  N N 104 
GOL HO1  H  N N 105 
GOL H2   H  N N 106 
GOL HO2  H  N N 107 
GOL H31  H  N N 108 
GOL H32  H  N N 109 
GOL HO3  H  N N 110 
HIS N    N  N N 111 
HIS CA   C  N S 112 
HIS C    C  N N 113 
HIS O    O  N N 114 
HIS CB   C  N N 115 
HIS CG   C  Y N 116 
HIS ND1  N  Y N 117 
HIS CD2  C  Y N 118 
HIS CE1  C  Y N 119 
HIS NE2  N  Y N 120 
HIS OXT  O  N N 121 
HIS H    H  N N 122 
HIS H2   H  N N 123 
HIS HA   H  N N 124 
HIS HB2  H  N N 125 
HIS HB3  H  N N 126 
HIS HD1  H  N N 127 
HIS HD2  H  N N 128 
HIS HE1  H  N N 129 
HIS HE2  H  N N 130 
HIS HXT  H  N N 131 
HOH O    O  N N 132 
HOH H1   H  N N 133 
HOH H2   H  N N 134 
ILE N    N  N N 135 
ILE CA   C  N S 136 
ILE C    C  N N 137 
ILE O    O  N N 138 
ILE CB   C  N S 139 
ILE CG1  C  N N 140 
ILE CG2  C  N N 141 
ILE CD1  C  N N 142 
ILE OXT  O  N N 143 
ILE H    H  N N 144 
ILE H2   H  N N 145 
ILE HA   H  N N 146 
ILE HB   H  N N 147 
ILE HG12 H  N N 148 
ILE HG13 H  N N 149 
ILE HG21 H  N N 150 
ILE HG22 H  N N 151 
ILE HG23 H  N N 152 
ILE HD11 H  N N 153 
ILE HD12 H  N N 154 
ILE HD13 H  N N 155 
ILE HXT  H  N N 156 
LEU N    N  N N 157 
LEU CA   C  N S 158 
LEU C    C  N N 159 
LEU O    O  N N 160 
LEU CB   C  N N 161 
LEU CG   C  N N 162 
LEU CD1  C  N N 163 
LEU CD2  C  N N 164 
LEU OXT  O  N N 165 
LEU H    H  N N 166 
LEU H2   H  N N 167 
LEU HA   H  N N 168 
LEU HB2  H  N N 169 
LEU HB3  H  N N 170 
LEU HG   H  N N 171 
LEU HD11 H  N N 172 
LEU HD12 H  N N 173 
LEU HD13 H  N N 174 
LEU HD21 H  N N 175 
LEU HD22 H  N N 176 
LEU HD23 H  N N 177 
LEU HXT  H  N N 178 
LYS N    N  N N 179 
LYS CA   C  N S 180 
LYS C    C  N N 181 
LYS O    O  N N 182 
LYS CB   C  N N 183 
LYS CG   C  N N 184 
LYS CD   C  N N 185 
LYS CE   C  N N 186 
LYS NZ   N  N N 187 
LYS OXT  O  N N 188 
LYS H    H  N N 189 
LYS H2   H  N N 190 
LYS HA   H  N N 191 
LYS HB2  H  N N 192 
LYS HB3  H  N N 193 
LYS HG2  H  N N 194 
LYS HG3  H  N N 195 
LYS HD2  H  N N 196 
LYS HD3  H  N N 197 
LYS HE2  H  N N 198 
LYS HE3  H  N N 199 
LYS HZ1  H  N N 200 
LYS HZ2  H  N N 201 
LYS HZ3  H  N N 202 
LYS HXT  H  N N 203 
MET N    N  N N 204 
MET CA   C  N S 205 
MET C    C  N N 206 
MET O    O  N N 207 
MET CB   C  N N 208 
MET CG   C  N N 209 
MET SD   S  N N 210 
MET CE   C  N N 211 
MET OXT  O  N N 212 
MET H    H  N N 213 
MET H2   H  N N 214 
MET HA   H  N N 215 
MET HB2  H  N N 216 
MET HB3  H  N N 217 
MET HG2  H  N N 218 
MET HG3  H  N N 219 
MET HE1  H  N N 220 
MET HE2  H  N N 221 
MET HE3  H  N N 222 
MET HXT  H  N N 223 
NA  NA   NA N N 224 
PHE N    N  N N 225 
PHE CA   C  N S 226 
PHE C    C  N N 227 
PHE O    O  N N 228 
PHE CB   C  N N 229 
PHE CG   C  Y N 230 
PHE CD1  C  Y N 231 
PHE CD2  C  Y N 232 
PHE CE1  C  Y N 233 
PHE CE2  C  Y N 234 
PHE CZ   C  Y N 235 
PHE OXT  O  N N 236 
PHE H    H  N N 237 
PHE H2   H  N N 238 
PHE HA   H  N N 239 
PHE HB2  H  N N 240 
PHE HB3  H  N N 241 
PHE HD1  H  N N 242 
PHE HD2  H  N N 243 
PHE HE1  H  N N 244 
PHE HE2  H  N N 245 
PHE HZ   H  N N 246 
PHE HXT  H  N N 247 
THR N    N  N N 248 
THR CA   C  N S 249 
THR C    C  N N 250 
THR O    O  N N 251 
THR CB   C  N R 252 
THR OG1  O  N N 253 
THR CG2  C  N N 254 
THR OXT  O  N N 255 
THR H    H  N N 256 
THR H2   H  N N 257 
THR HA   H  N N 258 
THR HB   H  N N 259 
THR HG1  H  N N 260 
THR HG21 H  N N 261 
THR HG22 H  N N 262 
THR HG23 H  N N 263 
THR HXT  H  N N 264 
TRP N    N  N N 265 
TRP CA   C  N S 266 
TRP C    C  N N 267 
TRP O    O  N N 268 
TRP CB   C  N N 269 
TRP CG   C  Y N 270 
TRP CD1  C  Y N 271 
TRP CD2  C  Y N 272 
TRP NE1  N  Y N 273 
TRP CE2  C  Y N 274 
TRP CE3  C  Y N 275 
TRP CZ2  C  Y N 276 
TRP CZ3  C  Y N 277 
TRP CH2  C  Y N 278 
TRP OXT  O  N N 279 
TRP H    H  N N 280 
TRP H2   H  N N 281 
TRP HA   H  N N 282 
TRP HB2  H  N N 283 
TRP HB3  H  N N 284 
TRP HD1  H  N N 285 
TRP HE1  H  N N 286 
TRP HE3  H  N N 287 
TRP HZ2  H  N N 288 
TRP HZ3  H  N N 289 
TRP HH2  H  N N 290 
TRP HXT  H  N N 291 
TYR N    N  N N 292 
TYR CA   C  N S 293 
TYR C    C  N N 294 
TYR O    O  N N 295 
TYR CB   C  N N 296 
TYR CG   C  Y N 297 
TYR CD1  C  Y N 298 
TYR CD2  C  Y N 299 
TYR CE1  C  Y N 300 
TYR CE2  C  Y N 301 
TYR CZ   C  Y N 302 
TYR OH   O  N N 303 
TYR OXT  O  N N 304 
TYR H    H  N N 305 
TYR H2   H  N N 306 
TYR HA   H  N N 307 
TYR HB2  H  N N 308 
TYR HB3  H  N N 309 
TYR HD1  H  N N 310 
TYR HD2  H  N N 311 
TYR HE1  H  N N 312 
TYR HE2  H  N N 313 
TYR HH   H  N N 314 
TYR HXT  H  N N 315 
VAL N    N  N N 316 
VAL CA   C  N S 317 
VAL C    C  N N 318 
VAL O    O  N N 319 
VAL CB   C  N N 320 
VAL CG1  C  N N 321 
VAL CG2  C  N N 322 
VAL OXT  O  N N 323 
VAL H    H  N N 324 
VAL H2   H  N N 325 
VAL HA   H  N N 326 
VAL HB   H  N N 327 
VAL HG11 H  N N 328 
VAL HG12 H  N N 329 
VAL HG13 H  N N 330 
VAL HG21 H  N N 331 
VAL HG22 H  N N 332 
VAL HG23 H  N N 333 
VAL HXT  H  N N 334 
ZN  ZN   ZN N N 335 
# 
loop_
_chem_comp_bond.comp_id 
_chem_comp_bond.atom_id_1 
_chem_comp_bond.atom_id_2 
_chem_comp_bond.value_order 
_chem_comp_bond.pdbx_aromatic_flag 
_chem_comp_bond.pdbx_stereo_config 
_chem_comp_bond.pdbx_ordinal 
ALA N   CA   sing N N 1   
ALA N   H    sing N N 2   
ALA N   H2   sing N N 3   
ALA CA  C    sing N N 4   
ALA CA  CB   sing N N 5   
ALA CA  HA   sing N N 6   
ALA C   O    doub N N 7   
ALA C   OXT  sing N N 8   
ALA CB  HB1  sing N N 9   
ALA CB  HB2  sing N N 10  
ALA CB  HB3  sing N N 11  
ALA OXT HXT  sing N N 12  
ASN N   CA   sing N N 13  
ASN N   H    sing N N 14  
ASN N   H2   sing N N 15  
ASN CA  C    sing N N 16  
ASN CA  CB   sing N N 17  
ASN CA  HA   sing N N 18  
ASN C   O    doub N N 19  
ASN C   OXT  sing N N 20  
ASN CB  CG   sing N N 21  
ASN CB  HB2  sing N N 22  
ASN CB  HB3  sing N N 23  
ASN CG  OD1  doub N N 24  
ASN CG  ND2  sing N N 25  
ASN ND2 HD21 sing N N 26  
ASN ND2 HD22 sing N N 27  
ASN OXT HXT  sing N N 28  
ASP N   CA   sing N N 29  
ASP N   H    sing N N 30  
ASP N   H2   sing N N 31  
ASP CA  C    sing N N 32  
ASP CA  CB   sing N N 33  
ASP CA  HA   sing N N 34  
ASP C   O    doub N N 35  
ASP C   OXT  sing N N 36  
ASP CB  CG   sing N N 37  
ASP CB  HB2  sing N N 38  
ASP CB  HB3  sing N N 39  
ASP CG  OD1  doub N N 40  
ASP CG  OD2  sing N N 41  
ASP OD2 HD2  sing N N 42  
ASP OXT HXT  sing N N 43  
GLN N   CA   sing N N 44  
GLN N   H    sing N N 45  
GLN N   H2   sing N N 46  
GLN CA  C    sing N N 47  
GLN CA  CB   sing N N 48  
GLN CA  HA   sing N N 49  
GLN C   O    doub N N 50  
GLN C   OXT  sing N N 51  
GLN CB  CG   sing N N 52  
GLN CB  HB2  sing N N 53  
GLN CB  HB3  sing N N 54  
GLN CG  CD   sing N N 55  
GLN CG  HG2  sing N N 56  
GLN CG  HG3  sing N N 57  
GLN CD  OE1  doub N N 58  
GLN CD  NE2  sing N N 59  
GLN NE2 HE21 sing N N 60  
GLN NE2 HE22 sing N N 61  
GLN OXT HXT  sing N N 62  
GLU N   CA   sing N N 63  
GLU N   H    sing N N 64  
GLU N   H2   sing N N 65  
GLU CA  C    sing N N 66  
GLU CA  CB   sing N N 67  
GLU CA  HA   sing N N 68  
GLU C   O    doub N N 69  
GLU C   OXT  sing N N 70  
GLU CB  CG   sing N N 71  
GLU CB  HB2  sing N N 72  
GLU CB  HB3  sing N N 73  
GLU CG  CD   sing N N 74  
GLU CG  HG2  sing N N 75  
GLU CG  HG3  sing N N 76  
GLU CD  OE1  doub N N 77  
GLU CD  OE2  sing N N 78  
GLU OE2 HE2  sing N N 79  
GLU OXT HXT  sing N N 80  
GLY N   CA   sing N N 81  
GLY N   H    sing N N 82  
GLY N   H2   sing N N 83  
GLY CA  C    sing N N 84  
GLY CA  HA2  sing N N 85  
GLY CA  HA3  sing N N 86  
GLY C   O    doub N N 87  
GLY C   OXT  sing N N 88  
GLY OXT HXT  sing N N 89  
GOL C1  O1   sing N N 90  
GOL C1  C2   sing N N 91  
GOL C1  H11  sing N N 92  
GOL C1  H12  sing N N 93  
GOL O1  HO1  sing N N 94  
GOL C2  O2   sing N N 95  
GOL C2  C3   sing N N 96  
GOL C2  H2   sing N N 97  
GOL O2  HO2  sing N N 98  
GOL C3  O3   sing N N 99  
GOL C3  H31  sing N N 100 
GOL C3  H32  sing N N 101 
GOL O3  HO3  sing N N 102 
HIS N   CA   sing N N 103 
HIS N   H    sing N N 104 
HIS N   H2   sing N N 105 
HIS CA  C    sing N N 106 
HIS CA  CB   sing N N 107 
HIS CA  HA   sing N N 108 
HIS C   O    doub N N 109 
HIS C   OXT  sing N N 110 
HIS CB  CG   sing N N 111 
HIS CB  HB2  sing N N 112 
HIS CB  HB3  sing N N 113 
HIS CG  ND1  sing Y N 114 
HIS CG  CD2  doub Y N 115 
HIS ND1 CE1  doub Y N 116 
HIS ND1 HD1  sing N N 117 
HIS CD2 NE2  sing Y N 118 
HIS CD2 HD2  sing N N 119 
HIS CE1 NE2  sing Y N 120 
HIS CE1 HE1  sing N N 121 
HIS NE2 HE2  sing N N 122 
HIS OXT HXT  sing N N 123 
HOH O   H1   sing N N 124 
HOH O   H2   sing N N 125 
ILE N   CA   sing N N 126 
ILE N   H    sing N N 127 
ILE N   H2   sing N N 128 
ILE CA  C    sing N N 129 
ILE CA  CB   sing N N 130 
ILE CA  HA   sing N N 131 
ILE C   O    doub N N 132 
ILE C   OXT  sing N N 133 
ILE CB  CG1  sing N N 134 
ILE CB  CG2  sing N N 135 
ILE CB  HB   sing N N 136 
ILE CG1 CD1  sing N N 137 
ILE CG1 HG12 sing N N 138 
ILE CG1 HG13 sing N N 139 
ILE CG2 HG21 sing N N 140 
ILE CG2 HG22 sing N N 141 
ILE CG2 HG23 sing N N 142 
ILE CD1 HD11 sing N N 143 
ILE CD1 HD12 sing N N 144 
ILE CD1 HD13 sing N N 145 
ILE OXT HXT  sing N N 146 
LEU N   CA   sing N N 147 
LEU N   H    sing N N 148 
LEU N   H2   sing N N 149 
LEU CA  C    sing N N 150 
LEU CA  CB   sing N N 151 
LEU CA  HA   sing N N 152 
LEU C   O    doub N N 153 
LEU C   OXT  sing N N 154 
LEU CB  CG   sing N N 155 
LEU CB  HB2  sing N N 156 
LEU CB  HB3  sing N N 157 
LEU CG  CD1  sing N N 158 
LEU CG  CD2  sing N N 159 
LEU CG  HG   sing N N 160 
LEU CD1 HD11 sing N N 161 
LEU CD1 HD12 sing N N 162 
LEU CD1 HD13 sing N N 163 
LEU CD2 HD21 sing N N 164 
LEU CD2 HD22 sing N N 165 
LEU CD2 HD23 sing N N 166 
LEU OXT HXT  sing N N 167 
LYS N   CA   sing N N 168 
LYS N   H    sing N N 169 
LYS N   H2   sing N N 170 
LYS CA  C    sing N N 171 
LYS CA  CB   sing N N 172 
LYS CA  HA   sing N N 173 
LYS C   O    doub N N 174 
LYS C   OXT  sing N N 175 
LYS CB  CG   sing N N 176 
LYS CB  HB2  sing N N 177 
LYS CB  HB3  sing N N 178 
LYS CG  CD   sing N N 179 
LYS CG  HG2  sing N N 180 
LYS CG  HG3  sing N N 181 
LYS CD  CE   sing N N 182 
LYS CD  HD2  sing N N 183 
LYS CD  HD3  sing N N 184 
LYS CE  NZ   sing N N 185 
LYS CE  HE2  sing N N 186 
LYS CE  HE3  sing N N 187 
LYS NZ  HZ1  sing N N 188 
LYS NZ  HZ2  sing N N 189 
LYS NZ  HZ3  sing N N 190 
LYS OXT HXT  sing N N 191 
MET N   CA   sing N N 192 
MET N   H    sing N N 193 
MET N   H2   sing N N 194 
MET CA  C    sing N N 195 
MET CA  CB   sing N N 196 
MET CA  HA   sing N N 197 
MET C   O    doub N N 198 
MET C   OXT  sing N N 199 
MET CB  CG   sing N N 200 
MET CB  HB2  sing N N 201 
MET CB  HB3  sing N N 202 
MET CG  SD   sing N N 203 
MET CG  HG2  sing N N 204 
MET CG  HG3  sing N N 205 
MET SD  CE   sing N N 206 
MET CE  HE1  sing N N 207 
MET CE  HE2  sing N N 208 
MET CE  HE3  sing N N 209 
MET OXT HXT  sing N N 210 
PHE N   CA   sing N N 211 
PHE N   H    sing N N 212 
PHE N   H2   sing N N 213 
PHE CA  C    sing N N 214 
PHE CA  CB   sing N N 215 
PHE CA  HA   sing N N 216 
PHE C   O    doub N N 217 
PHE C   OXT  sing N N 218 
PHE CB  CG   sing N N 219 
PHE CB  HB2  sing N N 220 
PHE CB  HB3  sing N N 221 
PHE CG  CD1  doub Y N 222 
PHE CG  CD2  sing Y N 223 
PHE CD1 CE1  sing Y N 224 
PHE CD1 HD1  sing N N 225 
PHE CD2 CE2  doub Y N 226 
PHE CD2 HD2  sing N N 227 
PHE CE1 CZ   doub Y N 228 
PHE CE1 HE1  sing N N 229 
PHE CE2 CZ   sing Y N 230 
PHE CE2 HE2  sing N N 231 
PHE CZ  HZ   sing N N 232 
PHE OXT HXT  sing N N 233 
THR N   CA   sing N N 234 
THR N   H    sing N N 235 
THR N   H2   sing N N 236 
THR CA  C    sing N N 237 
THR CA  CB   sing N N 238 
THR CA  HA   sing N N 239 
THR C   O    doub N N 240 
THR C   OXT  sing N N 241 
THR CB  OG1  sing N N 242 
THR CB  CG2  sing N N 243 
THR CB  HB   sing N N 244 
THR OG1 HG1  sing N N 245 
THR CG2 HG21 sing N N 246 
THR CG2 HG22 sing N N 247 
THR CG2 HG23 sing N N 248 
THR OXT HXT  sing N N 249 
TRP N   CA   sing N N 250 
TRP N   H    sing N N 251 
TRP N   H2   sing N N 252 
TRP CA  C    sing N N 253 
TRP CA  CB   sing N N 254 
TRP CA  HA   sing N N 255 
TRP C   O    doub N N 256 
TRP C   OXT  sing N N 257 
TRP CB  CG   sing N N 258 
TRP CB  HB2  sing N N 259 
TRP CB  HB3  sing N N 260 
TRP CG  CD1  doub Y N 261 
TRP CG  CD2  sing Y N 262 
TRP CD1 NE1  sing Y N 263 
TRP CD1 HD1  sing N N 264 
TRP CD2 CE2  doub Y N 265 
TRP CD2 CE3  sing Y N 266 
TRP NE1 CE2  sing Y N 267 
TRP NE1 HE1  sing N N 268 
TRP CE2 CZ2  sing Y N 269 
TRP CE3 CZ3  doub Y N 270 
TRP CE3 HE3  sing N N 271 
TRP CZ2 CH2  doub Y N 272 
TRP CZ2 HZ2  sing N N 273 
TRP CZ3 CH2  sing Y N 274 
TRP CZ3 HZ3  sing N N 275 
TRP CH2 HH2  sing N N 276 
TRP OXT HXT  sing N N 277 
TYR N   CA   sing N N 278 
TYR N   H    sing N N 279 
TYR N   H2   sing N N 280 
TYR CA  C    sing N N 281 
TYR CA  CB   sing N N 282 
TYR CA  HA   sing N N 283 
TYR C   O    doub N N 284 
TYR C   OXT  sing N N 285 
TYR CB  CG   sing N N 286 
TYR CB  HB2  sing N N 287 
TYR CB  HB3  sing N N 288 
TYR CG  CD1  doub Y N 289 
TYR CG  CD2  sing Y N 290 
TYR CD1 CE1  sing Y N 291 
TYR CD1 HD1  sing N N 292 
TYR CD2 CE2  doub Y N 293 
TYR CD2 HD2  sing N N 294 
TYR CE1 CZ   doub Y N 295 
TYR CE1 HE1  sing N N 296 
TYR CE2 CZ   sing Y N 297 
TYR CE2 HE2  sing N N 298 
TYR CZ  OH   sing N N 299 
TYR OH  HH   sing N N 300 
TYR OXT HXT  sing N N 301 
VAL N   CA   sing N N 302 
VAL N   H    sing N N 303 
VAL N   H2   sing N N 304 
VAL CA  C    sing N N 305 
VAL CA  CB   sing N N 306 
VAL CA  HA   sing N N 307 
VAL C   O    doub N N 308 
VAL C   OXT  sing N N 309 
VAL CB  CG1  sing N N 310 
VAL CB  CG2  sing N N 311 
VAL CB  HB   sing N N 312 
VAL CG1 HG11 sing N N 313 
VAL CG1 HG12 sing N N 314 
VAL CG1 HG13 sing N N 315 
VAL CG2 HG21 sing N N 316 
VAL CG2 HG22 sing N N 317 
VAL CG2 HG23 sing N N 318 
VAL OXT HXT  sing N N 319 
# 
loop_
_pdbx_entity_nonpoly.entity_id 
_pdbx_entity_nonpoly.name 
_pdbx_entity_nonpoly.comp_id 
2 'ZINC ION'     ZN  
3 'CHLORIDE ION' CL  
4 GLYCEROL       GOL 
5 'SODIUM ION'   NA  
6 water          HOH 
# 
_pdbx_initial_refinement_model.id               1 
_pdbx_initial_refinement_model.entity_id_list   ? 
_pdbx_initial_refinement_model.type             'experimental model' 
_pdbx_initial_refinement_model.source_name      PDB 
_pdbx_initial_refinement_model.accession_code   1PGA 
_pdbx_initial_refinement_model.details          ? 
# 
_pdbx_struct_assembly_auth_evidence.id                     1 
_pdbx_struct_assembly_auth_evidence.assembly_id            1 
_pdbx_struct_assembly_auth_evidence.experimental_support   'gel filtration' 
_pdbx_struct_assembly_auth_evidence.details                ? 
# 
